data_3IBJ
#
_entry.id   3IBJ
#
_cell.length_a   66.233
_cell.length_b   89.699
_cell.length_c   264.187
_cell.angle_alpha   90.00
_cell.angle_beta   90.00
_cell.angle_gamma   90.00
#
_symmetry.space_group_name_H-M   'P 21 21 21'
#
loop_
_entity.id
_entity.type
_entity.pdbx_description
1 polymer "cGMP-dependent 3',5'-cyclic phosphodiesterase"
2 non-polymer 'ZINC ION'
3 non-polymer 'MAGNESIUM ION'
4 water water
#
_entity_poly.entity_id   1
_entity_poly.type   'polypeptide(L)'
_entity_poly.pdbx_seq_one_letter_code
;MEDQKGGAAYTDRDRKILQLCGELYDLDASSLQLKVLQYLQQETRASRCCLLLVSEDNLQLSCKVIGDKVLGEEVSFPLT
GCLGQVVEDKKSIQLKDLTSEDVQQLQSMLGCELQAMLCVPVISRATDQVVALACAFNKLEGDLFTDEDEHVIQHCFHYT
STVLTSTLAFQKEQKLKCECQALLQVAKNLFTHLDDVSVLLQEIITEARNLSNAEICSVFLLDQNELVAKVFDGGVVDDE
SYEIRIPADQGIAGHVATTGQILNIPDAYAHPLFYRGVDDSTGFRTRNILCFPIKNENQEVIGVAELVNKINGPWFSKFD
EDLATAFSIYCGISIAHSLLYKKVNEAQYRSHLANEMMMYHMKVSDDEYTKLLHDGIQPVAAIDSNFASFTYTPRSLPED
DTSMAILSMLQDMNFINNYKIDCPTLARFCLMVKKGYRDPPYHNWMHAFSVSHFCYLLYKNLELTNYLEDIEIFALFISC
MCHDLDHRGTNNSFQVASKSVLAALYSSEGSVMERHHFAQAIAILNTHGCNIFDHFSRKDYQRMLDLMRDIILATDLAHH
LRIFKDLQKMAEVGYDRNNKQHHRLLLCLLMTSCDLSDQTKGWKTTRKIAELIYKEFFSQGDLEKAMGNRPMEMMDREKA
YIPELQISFMEHIAMPIYKLLQDLFPKAAELYERVASNREHWTKVSHLVPR
;
_entity_poly.pdbx_strand_id   A,B
#
# COMPACT_ATOMS: atom_id res chain seq x y z
N TYR A 10 -70.34 26.73 15.55
CA TYR A 10 -69.20 25.89 15.89
C TYR A 10 -68.09 26.67 16.59
N THR A 11 -68.34 27.96 16.80
CA THR A 11 -67.33 28.82 17.38
C THR A 11 -66.76 28.33 18.70
N ASP A 12 -67.51 27.46 19.40
CA ASP A 12 -67.02 26.97 20.68
C ASP A 12 -65.91 25.94 20.63
N ARG A 13 -65.99 25.01 19.69
CA ARG A 13 -64.90 24.07 19.52
C ARG A 13 -63.76 24.93 18.95
N ASP A 14 -64.09 25.79 17.98
CA ASP A 14 -63.13 26.70 17.34
C ASP A 14 -62.66 27.72 18.35
N ARG A 15 -62.76 27.34 19.61
CA ARG A 15 -62.31 28.15 20.75
C ARG A 15 -61.29 27.26 21.39
N LYS A 16 -61.76 26.06 21.69
CA LYS A 16 -60.99 25.00 22.35
C LYS A 16 -59.80 24.52 21.50
N ILE A 17 -60.02 24.50 20.19
CA ILE A 17 -59.01 24.07 19.22
C ILE A 17 -57.90 25.12 19.11
N LEU A 18 -58.27 26.39 18.94
CA LEU A 18 -57.27 27.43 18.87
C LEU A 18 -56.49 27.35 20.16
N GLN A 19 -57.19 27.09 21.24
CA GLN A 19 -56.56 26.99 22.54
C GLN A 19 -55.62 25.82 22.57
N LEU A 20 -55.93 24.78 21.80
CA LEU A 20 -55.08 23.60 21.72
C LEU A 20 -53.77 23.94 20.98
N CYS A 21 -53.87 24.42 19.74
CA CYS A 21 -52.67 24.82 18.97
C CYS A 21 -51.85 25.88 19.70
N GLY A 22 -52.50 26.67 20.54
CA GLY A 22 -51.75 27.65 21.28
C GLY A 22 -50.74 26.87 22.11
N GLU A 23 -51.19 25.73 22.58
CA GLU A 23 -50.44 24.82 23.47
C GLU A 23 -49.51 23.86 22.75
N LEU A 24 -49.87 23.49 21.52
CA LEU A 24 -49.06 22.57 20.74
C LEU A 24 -47.79 23.23 20.25
N TYR A 25 -46.96 23.71 21.18
CA TYR A 25 -45.71 24.36 20.81
C TYR A 25 -44.49 23.53 21.22
N ASP A 26 -44.73 22.26 21.53
CA ASP A 26 -43.66 21.36 21.92
C ASP A 26 -42.74 20.96 20.78
N LEU A 27 -41.51 20.63 21.15
CA LEU A 27 -40.50 20.27 20.17
C LEU A 27 -40.42 18.78 19.95
N ASP A 28 -40.92 18.02 20.93
CA ASP A 28 -40.95 16.54 20.93
C ASP A 28 -42.32 16.05 20.42
N ALA A 29 -42.34 15.35 19.29
CA ALA A 29 -43.61 14.89 18.72
C ALA A 29 -44.44 14.13 19.71
N SER A 30 -43.79 13.63 20.76
CA SER A 30 -44.46 12.84 21.80
C SER A 30 -45.20 13.72 22.78
N SER A 31 -44.60 14.85 23.15
CA SER A 31 -45.21 15.82 24.08
C SER A 31 -46.39 16.54 23.39
N LEU A 32 -46.38 16.54 22.07
CA LEU A 32 -47.45 17.12 21.33
C LEU A 32 -48.60 16.12 21.30
N GLN A 33 -48.29 14.85 21.12
CA GLN A 33 -49.33 13.82 21.10
C GLN A 33 -50.13 13.78 22.41
N LEU A 34 -49.43 14.01 23.53
CA LEU A 34 -50.01 14.08 24.88
C LEU A 34 -51.11 15.14 24.95
N LYS A 35 -50.75 16.39 24.72
CA LYS A 35 -51.77 17.43 24.71
C LYS A 35 -52.92 17.08 23.76
N VAL A 36 -52.65 16.57 22.57
CA VAL A 36 -53.76 16.28 21.67
C VAL A 36 -54.62 15.20 22.27
N LEU A 37 -53.94 14.22 22.84
CA LEU A 37 -54.63 13.05 23.40
C LEU A 37 -55.40 13.37 24.68
N GLN A 38 -54.77 14.12 25.59
CA GLN A 38 -55.44 14.52 26.82
C GLN A 38 -56.54 15.53 26.55
N TYR A 39 -56.69 16.01 25.31
CA TYR A 39 -57.78 16.92 25.05
C TYR A 39 -58.89 16.03 24.64
N LEU A 40 -58.55 15.03 23.85
CA LEU A 40 -59.57 14.09 23.35
C LEU A 40 -60.08 13.10 24.42
N GLN A 41 -59.22 12.79 25.39
CA GLN A 41 -59.62 11.94 26.50
C GLN A 41 -60.84 12.64 27.11
N GLN A 42 -60.82 13.98 27.04
CA GLN A 42 -61.89 14.83 27.56
C GLN A 42 -63.05 14.80 26.58
N GLU A 43 -63.00 15.73 25.64
CA GLU A 43 -64.03 15.93 24.62
C GLU A 43 -64.81 14.75 24.08
N THR A 44 -64.50 13.54 24.48
CA THR A 44 -65.22 12.39 23.94
C THR A 44 -65.69 11.52 25.09
N ARG A 45 -65.34 11.95 26.30
CA ARG A 45 -65.63 11.19 27.52
C ARG A 45 -65.23 9.76 27.30
N ALA A 46 -63.97 9.60 26.90
CA ALA A 46 -63.36 8.31 26.63
C ALA A 46 -62.39 8.14 27.80
N SER A 47 -62.28 6.93 28.33
CA SER A 47 -61.42 6.67 29.48
C SER A 47 -59.93 6.88 29.15
N ARG A 48 -59.53 6.43 27.95
CA ARG A 48 -58.15 6.59 27.46
C ARG A 48 -58.14 6.78 25.96
N CYS A 49 -57.06 7.42 25.50
CA CYS A 49 -56.88 7.70 24.11
C CYS A 49 -55.43 7.46 23.63
N CYS A 50 -55.33 7.09 22.36
CA CYS A 50 -54.05 6.88 21.72
C CYS A 50 -54.14 6.92 20.17
N LEU A 51 -53.03 7.31 19.54
CA LEU A 51 -52.90 7.35 18.09
C LEU A 51 -51.95 6.23 17.66
N LEU A 52 -52.32 5.58 16.56
CA LEU A 52 -51.53 4.51 15.96
C LEU A 52 -51.06 5.07 14.61
N LEU A 53 -49.76 5.32 14.49
CA LEU A 53 -49.22 5.93 13.27
C LEU A 53 -48.87 4.96 12.17
N VAL A 54 -49.54 5.15 11.04
CA VAL A 54 -49.36 4.32 9.86
C VAL A 54 -47.91 4.50 9.39
N SER A 55 -47.24 3.38 9.17
CA SER A 55 -45.84 3.34 8.76
C SER A 55 -45.63 3.96 7.38
N GLU A 56 -44.44 4.52 7.18
CA GLU A 56 -44.07 5.16 5.91
C GLU A 56 -44.44 4.24 4.75
N ASP A 57 -44.07 2.96 4.89
CA ASP A 57 -44.31 1.90 3.91
C ASP A 57 -45.75 1.40 4.01
N ASN A 58 -46.54 2.14 4.76
CA ASN A 58 -47.96 1.87 4.96
C ASN A 58 -48.22 0.37 5.19
N LEU A 59 -47.33 -0.27 5.94
CA LEU A 59 -47.45 -1.69 6.27
C LEU A 59 -47.32 -1.99 7.77
N GLN A 60 -47.39 -0.95 8.60
CA GLN A 60 -47.26 -1.14 10.03
C GLN A 60 -47.74 0.02 10.92
N LEU A 61 -48.47 -0.33 11.97
CA LEU A 61 -48.98 0.65 12.95
C LEU A 61 -48.04 0.79 14.16
N SER A 62 -47.79 2.02 14.58
CA SER A 62 -46.91 2.26 15.72
C SER A 62 -47.57 3.20 16.73
N CYS A 63 -47.28 2.98 18.01
CA CYS A 63 -47.84 3.80 19.07
C CYS A 63 -46.83 4.01 20.19
N LYS A 64 -46.45 5.26 20.43
CA LYS A 64 -45.48 5.58 21.48
C LYS A 64 -46.13 6.35 22.63
N VAL A 65 -47.45 6.52 22.55
CA VAL A 65 -48.18 7.26 23.57
C VAL A 65 -49.57 6.73 23.74
N ILE A 66 -49.84 6.25 24.95
CA ILE A 66 -51.16 5.75 25.34
C ILE A 66 -51.65 6.52 26.54
N GLY A 67 -52.73 7.28 26.32
CA GLY A 67 -53.36 8.13 27.31
C GLY A 67 -52.52 9.33 27.62
N ASP A 68 -52.08 9.41 28.87
CA ASP A 68 -51.19 10.47 29.30
C ASP A 68 -49.80 9.90 29.60
N LYS A 69 -49.60 8.63 29.20
CA LYS A 69 -48.34 7.93 29.38
C LYS A 69 -47.57 7.78 28.08
N VAL A 70 -46.37 8.38 28.05
CA VAL A 70 -45.47 8.28 26.91
C VAL A 70 -44.65 7.00 27.12
N LEU A 71 -44.99 5.95 26.35
CA LEU A 71 -44.38 4.64 26.50
C LEU A 71 -42.85 4.59 26.41
N GLY A 72 -42.25 3.87 27.35
CA GLY A 72 -40.81 3.68 27.43
C GLY A 72 -40.21 2.97 26.21
N GLU A 73 -41.03 2.16 25.55
CA GLU A 73 -40.66 1.48 24.31
C GLU A 73 -41.83 1.53 23.32
N GLU A 74 -41.60 2.19 22.19
CA GLU A 74 -42.61 2.32 21.16
C GLU A 74 -43.14 0.93 20.81
N VAL A 75 -44.47 0.78 20.83
CA VAL A 75 -45.11 -0.48 20.51
C VAL A 75 -45.40 -0.49 19.02
N SER A 76 -45.46 -1.67 18.40
CA SER A 76 -45.74 -1.74 16.96
C SER A 76 -46.28 -3.09 16.49
N PHE A 77 -46.90 -3.11 15.31
CA PHE A 77 -47.46 -4.34 14.78
C PHE A 77 -48.01 -4.21 13.38
N PRO A 78 -47.89 -5.29 12.59
CA PRO A 78 -48.35 -5.32 11.22
C PRO A 78 -49.69 -4.63 11.03
N LEU A 79 -49.80 -3.91 9.92
CA LEU A 79 -51.01 -3.22 9.55
C LEU A 79 -51.97 -4.27 9.01
N THR A 80 -52.57 -5.01 9.95
CA THR A 80 -53.52 -6.11 9.73
C THR A 80 -54.55 -6.01 8.58
N GLY A 81 -55.73 -6.58 8.84
CA GLY A 81 -56.84 -6.62 7.91
C GLY A 81 -58.06 -5.87 8.42
N CYS A 82 -58.41 -6.09 9.68
CA CYS A 82 -59.54 -5.42 10.30
C CYS A 82 -59.14 -3.99 10.66
N LEU A 83 -57.88 -3.82 11.03
CA LEU A 83 -57.37 -2.50 11.35
C LEU A 83 -56.77 -1.88 10.08
N GLY A 84 -56.56 -2.73 9.08
CA GLY A 84 -55.97 -2.32 7.82
C GLY A 84 -56.96 -1.94 6.74
N GLN A 85 -58.24 -2.06 7.03
CA GLN A 85 -59.24 -1.68 6.04
C GLN A 85 -59.64 -0.26 6.34
N VAL A 86 -59.23 0.23 7.51
CA VAL A 86 -59.51 1.60 7.88
C VAL A 86 -58.60 2.46 7.00
N VAL A 87 -57.31 2.10 6.98
CA VAL A 87 -56.32 2.77 6.16
C VAL A 87 -56.77 2.84 4.69
N GLU A 88 -57.40 1.76 4.21
CA GLU A 88 -57.84 1.67 2.82
C GLU A 88 -59.04 2.53 2.43
N ASP A 89 -60.20 2.31 3.05
CA ASP A 89 -61.37 3.11 2.70
C ASP A 89 -61.55 4.33 3.58
N LYS A 90 -60.53 4.63 4.38
CA LYS A 90 -60.56 5.80 5.27
C LYS A 90 -61.89 5.92 6.03
N LYS A 91 -62.42 4.78 6.45
CA LYS A 91 -63.67 4.75 7.18
C LYS A 91 -63.34 4.43 8.62
N SER A 92 -63.95 5.16 9.54
CA SER A 92 -63.73 4.95 10.96
C SER A 92 -64.60 3.77 11.40
N ILE A 93 -64.09 2.96 12.35
CA ILE A 93 -64.78 1.76 12.83
C ILE A 93 -64.97 1.70 14.33
N GLN A 94 -65.60 0.61 14.79
CA GLN A 94 -65.82 0.39 16.22
C GLN A 94 -65.60 -1.07 16.64
N LEU A 95 -65.38 -1.28 17.93
CA LEU A 95 -65.09 -2.61 18.48
C LEU A 95 -65.89 -3.74 17.86
N LYS A 96 -67.18 -3.46 17.63
CA LYS A 96 -68.09 -4.43 17.01
C LYS A 96 -67.78 -4.69 15.54
N ASP A 97 -66.78 -4.00 15.02
CA ASP A 97 -66.35 -4.16 13.64
C ASP A 97 -65.01 -4.93 13.66
N LEU A 98 -64.52 -5.18 14.86
CA LEU A 98 -63.23 -5.85 15.08
C LEU A 98 -63.31 -7.36 15.31
N THR A 99 -62.25 -8.07 14.96
CA THR A 99 -62.22 -9.52 15.21
C THR A 99 -61.68 -9.72 16.61
N SER A 100 -62.14 -10.76 17.30
CA SER A 100 -61.73 -11.01 18.67
C SER A 100 -60.22 -10.98 18.76
N GLU A 101 -59.61 -11.42 17.66
CA GLU A 101 -58.17 -11.50 17.44
C GLU A 101 -57.64 -10.07 17.62
N ASP A 102 -58.16 -9.15 16.80
CA ASP A 102 -57.82 -7.73 16.85
C ASP A 102 -58.01 -7.32 18.29
N VAL A 103 -59.28 -7.21 18.68
CA VAL A 103 -59.71 -6.87 20.03
C VAL A 103 -58.77 -7.29 21.17
N GLN A 104 -58.42 -8.57 21.20
CA GLN A 104 -57.53 -9.10 22.22
C GLN A 104 -56.16 -8.38 22.20
N GLN A 105 -55.73 -7.95 21.01
CA GLN A 105 -54.48 -7.22 20.83
C GLN A 105 -54.51 -5.83 21.52
N LEU A 106 -55.56 -5.06 21.25
CA LEU A 106 -55.67 -3.75 21.85
C LEU A 106 -55.78 -3.86 23.36
N GLN A 107 -56.63 -4.78 23.84
CA GLN A 107 -56.79 -4.95 25.27
C GLN A 107 -55.40 -5.19 25.79
N SER A 108 -54.75 -6.18 25.19
CA SER A 108 -53.41 -6.59 25.57
C SER A 108 -52.37 -5.51 25.40
N MET A 109 -52.63 -4.58 24.48
CA MET A 109 -51.68 -3.49 24.20
C MET A 109 -51.79 -2.32 25.19
N LEU A 110 -53.01 -2.12 25.67
CA LEU A 110 -53.37 -1.04 26.55
C LEU A 110 -53.55 -1.54 27.98
N GLY A 111 -53.90 -2.82 28.11
CA GLY A 111 -54.02 -3.47 29.40
C GLY A 111 -55.25 -3.14 30.23
N CYS A 112 -56.43 -3.42 29.65
CA CYS A 112 -57.71 -3.22 30.31
C CYS A 112 -58.81 -3.93 29.54
N GLU A 113 -60.04 -3.71 29.97
CA GLU A 113 -61.22 -4.23 29.32
C GLU A 113 -61.48 -3.39 28.07
N LEU A 114 -62.16 -3.96 27.10
CA LEU A 114 -62.54 -3.20 25.94
C LEU A 114 -64.03 -3.44 25.70
N GLN A 115 -64.82 -2.41 26.00
CA GLN A 115 -66.27 -2.47 25.80
C GLN A 115 -66.59 -1.59 24.56
N ALA A 116 -65.88 -0.45 24.46
CA ALA A 116 -66.05 0.49 23.35
C ALA A 116 -64.71 0.82 22.71
N MET A 117 -64.78 1.59 21.62
CA MET A 117 -63.58 1.96 20.89
C MET A 117 -63.97 2.75 19.64
N LEU A 118 -63.37 3.92 19.46
CA LEU A 118 -63.63 4.72 18.29
C LEU A 118 -62.32 4.96 17.56
N CYS A 119 -62.23 4.34 16.38
CA CYS A 119 -61.07 4.46 15.51
C CYS A 119 -61.43 5.45 14.37
N VAL A 120 -60.79 6.62 14.40
CA VAL A 120 -60.99 7.65 13.38
C VAL A 120 -59.69 7.88 12.60
N PRO A 121 -59.69 7.58 11.29
CA PRO A 121 -58.49 7.68 10.45
C PRO A 121 -58.01 9.11 10.23
N VAL A 122 -56.76 9.37 10.59
CA VAL A 122 -56.19 10.67 10.35
C VAL A 122 -55.76 10.76 8.90
N ILE A 123 -56.52 11.45 8.06
CA ILE A 123 -56.15 11.61 6.65
C ILE A 123 -55.37 12.91 6.44
N SER A 124 -54.20 12.82 5.80
CA SER A 124 -53.38 14.00 5.52
C SER A 124 -54.07 15.04 4.60
N ARG A 125 -54.04 16.32 5.01
CA ARG A 125 -54.69 17.37 4.21
C ARG A 125 -53.83 17.67 2.98
N ALA A 126 -52.64 17.08 2.99
CA ALA A 126 -51.68 17.29 1.93
C ALA A 126 -51.55 16.04 1.08
N THR A 127 -50.95 14.99 1.65
CA THR A 127 -50.73 13.76 0.93
C THR A 127 -52.09 13.17 0.61
N ASP A 128 -52.99 13.39 1.55
CA ASP A 128 -54.33 12.87 1.49
C ASP A 128 -54.35 11.38 1.63
N GLN A 129 -53.83 10.92 2.75
CA GLN A 129 -53.76 9.51 3.03
C GLN A 129 -53.76 9.30 4.51
N VAL A 130 -54.49 8.27 4.95
CA VAL A 130 -54.57 7.89 6.35
C VAL A 130 -53.13 7.77 6.84
N VAL A 131 -52.80 8.66 7.78
CA VAL A 131 -51.48 8.83 8.32
C VAL A 131 -51.37 8.24 9.73
N ALA A 132 -52.51 8.19 10.40
CA ALA A 132 -52.61 7.71 11.76
C ALA A 132 -54.02 7.24 12.00
N LEU A 133 -54.18 6.47 13.06
CA LEU A 133 -55.48 5.94 13.41
C LEU A 133 -55.79 6.50 14.77
N ALA A 134 -56.79 7.37 14.88
CA ALA A 134 -57.17 7.96 16.17
C ALA A 134 -58.10 7.03 16.97
N CYS A 135 -57.57 6.50 18.08
CA CYS A 135 -58.32 5.56 18.90
C CYS A 135 -58.82 6.05 20.24
N ALA A 136 -60.13 5.89 20.39
CA ALA A 136 -60.82 6.25 21.61
C ALA A 136 -61.29 4.94 22.22
N PHE A 137 -61.03 4.76 23.50
CA PHE A 137 -61.40 3.52 24.12
C PHE A 137 -62.40 3.78 25.22
N ASN A 138 -63.01 2.71 25.73
CA ASN A 138 -63.95 2.70 26.85
C ASN A 138 -64.60 4.05 27.20
N LYS A 139 -65.71 4.32 26.51
CA LYS A 139 -66.44 5.56 26.72
C LYS A 139 -66.71 5.75 28.18
N LEU A 140 -66.23 6.87 28.70
CA LEU A 140 -66.40 7.23 30.11
C LEU A 140 -67.87 7.14 30.46
N GLU A 141 -68.22 6.00 31.06
CA GLU A 141 -69.60 5.70 31.44
C GLU A 141 -70.68 5.97 30.41
N GLY A 142 -71.66 5.08 30.38
CA GLY A 142 -72.72 5.18 29.39
C GLY A 142 -72.05 4.87 28.07
N ASP A 143 -71.47 3.66 28.02
CA ASP A 143 -70.72 3.18 26.87
C ASP A 143 -71.41 3.46 25.53
N LEU A 144 -71.14 4.64 24.94
CA LEU A 144 -71.73 5.02 23.65
C LEU A 144 -70.98 6.10 22.85
N PHE A 145 -70.14 5.65 21.91
CA PHE A 145 -69.35 6.54 21.05
C PHE A 145 -70.18 6.94 19.84
N THR A 146 -70.57 8.22 19.80
CA THR A 146 -71.47 8.78 18.78
C THR A 146 -70.96 9.10 17.37
N ASP A 147 -71.88 9.52 16.49
CA ASP A 147 -71.55 9.92 15.12
C ASP A 147 -70.96 11.35 15.13
N GLU A 148 -71.04 11.99 16.29
CA GLU A 148 -70.49 13.32 16.50
C GLU A 148 -69.25 13.20 17.39
N ASP A 149 -69.07 12.04 18.02
CA ASP A 149 -67.90 11.83 18.85
C ASP A 149 -66.75 11.70 17.85
N GLU A 150 -67.10 11.14 16.69
CA GLU A 150 -66.15 10.95 15.59
C GLU A 150 -65.85 12.26 14.86
N HIS A 151 -66.79 13.21 14.98
CA HIS A 151 -66.64 14.51 14.37
C HIS A 151 -65.65 15.39 15.14
N VAL A 152 -65.79 15.47 16.47
CA VAL A 152 -64.90 16.28 17.29
C VAL A 152 -63.46 15.85 17.01
N ILE A 153 -63.29 14.54 16.78
CA ILE A 153 -62.00 13.92 16.48
C ILE A 153 -61.48 14.51 15.18
N GLN A 154 -62.25 14.31 14.11
CA GLN A 154 -61.93 14.85 12.80
C GLN A 154 -61.42 16.25 12.95
N HIS A 155 -62.37 17.15 13.13
CA HIS A 155 -62.18 18.59 13.40
C HIS A 155 -60.84 18.92 14.02
N CYS A 156 -60.55 18.18 15.09
CA CYS A 156 -59.33 18.36 15.86
C CYS A 156 -58.12 18.26 14.95
N PHE A 157 -57.98 17.13 14.30
CA PHE A 157 -56.86 16.92 13.43
C PHE A 157 -56.78 17.95 12.37
N HIS A 158 -57.86 18.13 11.61
CA HIS A 158 -57.94 19.16 10.55
C HIS A 158 -57.04 20.40 10.78
N TYR A 159 -56.77 20.72 12.04
CA TYR A 159 -55.94 21.84 12.37
C TYR A 159 -54.62 21.34 13.00
N THR A 160 -54.79 20.46 13.96
CA THR A 160 -53.74 19.90 14.79
C THR A 160 -52.80 18.90 14.07
N SER A 161 -53.34 18.20 13.07
CA SER A 161 -52.60 17.16 12.40
C SER A 161 -51.35 17.57 11.67
N THR A 162 -51.38 18.67 10.93
CA THR A 162 -50.21 19.12 10.18
C THR A 162 -48.95 19.19 11.06
N VAL A 163 -48.98 20.12 12.02
CA VAL A 163 -47.89 20.34 12.95
C VAL A 163 -47.45 19.09 13.64
N LEU A 164 -48.41 18.26 14.00
CA LEU A 164 -48.17 16.96 14.67
C LEU A 164 -47.23 16.20 13.76
N THR A 165 -47.70 16.00 12.52
CA THR A 165 -47.02 15.26 11.46
C THR A 165 -45.61 15.78 11.05
N SER A 166 -45.46 17.08 11.11
CA SER A 166 -44.19 17.67 10.77
C SER A 166 -43.14 17.50 11.88
N THR A 167 -43.56 17.52 13.15
CA THR A 167 -42.62 17.40 14.27
C THR A 167 -42.16 15.97 14.29
N LEU A 168 -43.08 15.09 13.89
CA LEU A 168 -42.81 13.68 13.87
C LEU A 168 -41.76 13.51 12.82
N ALA A 169 -42.10 13.95 11.61
CA ALA A 169 -41.20 13.86 10.46
C ALA A 169 -39.81 14.30 10.78
N PHE A 170 -39.71 15.51 11.32
CA PHE A 170 -38.42 16.10 11.65
C PHE A 170 -37.57 15.17 12.47
N GLN A 171 -38.20 14.53 13.44
CA GLN A 171 -37.51 13.60 14.34
C GLN A 171 -37.01 12.35 13.66
N LYS A 172 -37.71 11.92 12.62
CA LYS A 172 -37.27 10.76 11.87
C LYS A 172 -36.08 11.11 11.01
N GLU A 173 -36.01 12.34 10.50
CA GLU A 173 -34.88 12.78 9.65
C GLU A 173 -33.64 13.03 10.47
N GLN A 174 -33.85 13.45 11.70
CA GLN A 174 -32.74 13.72 12.58
C GLN A 174 -32.13 12.36 12.97
N LYS A 175 -33.01 11.37 13.14
CA LYS A 175 -32.57 10.02 13.46
C LYS A 175 -31.84 9.43 12.22
N LEU A 176 -32.38 9.62 11.02
CA LEU A 176 -31.75 9.14 9.78
C LEU A 176 -30.42 9.81 9.44
N LYS A 177 -30.35 11.13 9.62
CA LYS A 177 -29.14 11.89 9.41
C LYS A 177 -27.96 11.45 10.33
N CYS A 178 -28.16 11.20 11.62
CA CYS A 178 -27.03 10.74 12.43
C CYS A 178 -26.74 9.23 12.29
N GLU A 179 -27.58 8.54 11.55
CA GLU A 179 -27.42 7.12 11.27
C GLU A 179 -26.64 7.03 9.96
N CYS A 180 -26.52 8.18 9.28
CA CYS A 180 -25.72 8.32 8.06
C CYS A 180 -24.33 8.75 8.50
N GLN A 181 -24.28 9.84 9.28
CA GLN A 181 -23.07 10.36 9.90
C GLN A 181 -22.34 9.23 10.65
N ALA A 182 -23.12 8.32 11.22
CA ALA A 182 -22.60 7.13 11.87
C ALA A 182 -21.77 6.45 10.82
N LEU A 183 -22.42 6.00 9.75
CA LEU A 183 -21.68 5.36 8.66
C LEU A 183 -20.43 6.15 8.18
N LEU A 184 -20.54 7.47 8.08
CA LEU A 184 -19.41 8.28 7.63
C LEU A 184 -18.18 8.11 8.54
N GLN A 185 -18.43 8.12 9.85
CA GLN A 185 -17.34 8.01 10.82
C GLN A 185 -16.61 6.67 10.69
N VAL A 186 -17.38 5.60 10.55
CA VAL A 186 -16.85 4.26 10.40
C VAL A 186 -16.04 4.19 9.08
N ALA A 187 -16.71 4.62 8.01
CA ALA A 187 -16.16 4.67 6.66
C ALA A 187 -14.83 5.36 6.74
N LYS A 188 -14.80 6.50 7.38
CA LYS A 188 -13.52 7.17 7.55
C LYS A 188 -12.58 6.42 8.52
N ASN A 189 -13.09 5.88 9.62
CA ASN A 189 -12.21 5.14 10.53
C ASN A 189 -11.53 3.96 9.90
N LEU A 190 -12.25 3.26 9.04
CA LEU A 190 -11.74 2.10 8.29
C LEU A 190 -10.73 2.49 7.18
N PHE A 191 -11.11 3.49 6.38
CA PHE A 191 -10.32 3.95 5.22
C PHE A 191 -9.04 4.66 5.60
N THR A 192 -8.72 4.62 6.88
CA THR A 192 -7.52 5.27 7.33
C THR A 192 -6.69 4.22 8.06
N HIS A 193 -6.68 3.01 7.50
CA HIS A 193 -5.92 1.87 8.05
C HIS A 193 -5.68 0.82 6.99
N LEU A 194 -5.51 1.27 5.76
CA LEU A 194 -5.25 0.38 4.65
C LEU A 194 -3.77 -0.08 4.47
N ASP A 195 -2.95 0.08 5.52
CA ASP A 195 -1.54 -0.38 5.56
C ASP A 195 -1.51 -1.82 6.09
N ASP A 196 -1.63 -1.95 7.43
CA ASP A 196 -1.71 -3.28 8.01
C ASP A 196 -3.14 -3.63 8.18
N VAL A 197 -3.46 -4.69 7.46
CA VAL A 197 -4.78 -5.26 7.42
C VAL A 197 -5.09 -5.85 8.80
N SER A 198 -4.23 -5.57 9.79
CA SER A 198 -4.39 -6.15 11.12
C SER A 198 -5.10 -5.19 12.01
N VAL A 199 -4.79 -3.93 11.76
CA VAL A 199 -5.36 -2.81 12.53
C VAL A 199 -6.71 -2.50 12.00
N LEU A 200 -6.75 -2.44 10.67
CA LEU A 200 -8.00 -2.18 9.98
C LEU A 200 -8.93 -3.33 10.33
N LEU A 201 -8.40 -4.56 10.30
CA LEU A 201 -9.24 -5.71 10.57
C LEU A 201 -9.85 -5.72 11.95
N GLN A 202 -9.27 -4.98 12.88
CA GLN A 202 -9.80 -4.89 14.25
C GLN A 202 -10.93 -3.90 14.24
N GLU A 203 -10.63 -2.75 13.64
CA GLU A 203 -11.59 -1.66 13.41
C GLU A 203 -12.89 -2.22 12.85
N ILE A 204 -12.77 -3.05 11.83
CA ILE A 204 -13.92 -3.61 11.19
C ILE A 204 -14.73 -4.29 12.25
N ILE A 205 -14.06 -4.91 13.20
CA ILE A 205 -14.70 -5.59 14.33
C ILE A 205 -15.30 -4.58 15.32
N THR A 206 -14.45 -3.75 15.93
CA THR A 206 -14.89 -2.76 16.90
C THR A 206 -16.08 -2.01 16.31
N GLU A 207 -15.89 -1.48 15.13
CA GLU A 207 -16.89 -0.71 14.41
C GLU A 207 -18.17 -1.52 14.17
N ALA A 208 -18.02 -2.65 13.49
CA ALA A 208 -19.18 -3.45 13.15
C ALA A 208 -19.96 -3.88 14.39
N ARG A 209 -19.26 -4.06 15.52
CA ARG A 209 -19.89 -4.49 16.77
C ARG A 209 -20.71 -3.40 17.42
N ASN A 210 -20.35 -2.15 17.18
CA ASN A 210 -21.08 -1.03 17.71
C ASN A 210 -22.22 -0.75 16.75
N LEU A 211 -21.95 -0.93 15.47
CA LEU A 211 -22.94 -0.66 14.46
C LEU A 211 -24.21 -1.46 14.64
N SER A 212 -24.08 -2.76 14.82
CA SER A 212 -25.25 -3.56 15.00
C SER A 212 -25.60 -3.67 16.47
N ASN A 213 -24.58 -3.52 17.31
CA ASN A 213 -24.69 -3.62 18.77
C ASN A 213 -24.65 -5.07 19.17
N ALA A 214 -23.62 -5.77 18.73
CA ALA A 214 -23.48 -7.18 19.05
C ALA A 214 -22.68 -7.39 20.36
N GLU A 215 -22.77 -8.58 20.94
CA GLU A 215 -21.99 -8.90 22.13
C GLU A 215 -20.57 -9.19 21.67
N ILE A 216 -20.46 -9.80 20.48
CA ILE A 216 -19.14 -10.10 19.86
C ILE A 216 -19.11 -10.12 18.34
N CYS A 217 -17.98 -9.72 17.76
CA CYS A 217 -17.77 -9.83 16.32
C CYS A 217 -16.49 -10.56 15.93
N SER A 218 -16.60 -11.37 14.89
CA SER A 218 -15.47 -12.09 14.36
C SER A 218 -15.40 -11.91 12.85
N VAL A 219 -14.22 -11.58 12.35
CA VAL A 219 -14.00 -11.42 10.93
C VAL A 219 -13.09 -12.53 10.41
N PHE A 220 -13.42 -13.06 9.24
CA PHE A 220 -12.65 -14.12 8.61
C PHE A 220 -12.32 -13.74 7.19
N LEU A 221 -11.11 -14.02 6.77
CA LEU A 221 -10.74 -13.77 5.41
C LEU A 221 -10.60 -15.09 4.66
N LEU A 222 -11.22 -15.15 3.48
CA LEU A 222 -11.17 -16.32 2.64
C LEU A 222 -9.77 -16.50 2.07
N ASP A 223 -9.04 -17.50 2.57
CA ASP A 223 -7.71 -17.87 2.08
C ASP A 223 -7.83 -19.11 1.19
N GLN A 224 -8.32 -18.89 -0.02
CA GLN A 224 -8.48 -19.93 -1.02
C GLN A 224 -9.74 -20.80 -0.86
N ASN A 225 -9.60 -21.90 -0.12
CA ASN A 225 -10.68 -22.84 0.10
C ASN A 225 -10.85 -23.03 1.60
N GLU A 226 -10.63 -21.98 2.36
CA GLU A 226 -10.76 -22.03 3.81
C GLU A 226 -10.79 -20.63 4.44
N LEU A 227 -11.58 -20.47 5.50
CA LEU A 227 -11.71 -19.19 6.21
C LEU A 227 -10.58 -19.07 7.25
N VAL A 228 -9.98 -17.89 7.29
CA VAL A 228 -8.85 -17.61 8.17
C VAL A 228 -9.17 -16.47 9.12
N ALA A 229 -8.63 -16.50 10.34
CA ALA A 229 -8.90 -15.44 11.31
C ALA A 229 -7.79 -15.28 12.31
N LYS A 230 -7.01 -14.21 12.18
CA LYS A 230 -5.87 -13.98 13.09
C LYS A 230 -6.20 -13.35 14.43
N VAL A 231 -5.52 -13.89 15.44
CA VAL A 231 -5.67 -13.53 16.84
C VAL A 231 -4.97 -12.26 17.21
N PHE A 232 -5.54 -11.49 18.13
CA PHE A 232 -4.83 -10.27 18.46
C PHE A 232 -5.15 -9.42 19.69
N ASP A 233 -5.57 -8.20 19.38
CA ASP A 233 -5.82 -7.13 20.33
C ASP A 233 -4.49 -6.41 20.57
N GLY A 234 -3.40 -7.10 20.26
CA GLY A 234 -2.07 -6.54 20.37
C GLY A 234 -1.16 -7.38 21.25
N GLY A 235 -1.14 -8.70 21.02
CA GLY A 235 -0.28 -9.56 21.80
C GLY A 235 1.19 -9.31 21.47
N VAL A 236 1.45 -9.22 20.17
CA VAL A 236 2.77 -8.98 19.54
C VAL A 236 3.07 -9.96 18.36
N VAL A 237 3.01 -9.43 17.13
CA VAL A 237 3.33 -10.23 15.95
C VAL A 237 4.80 -10.04 15.62
N ASP A 238 5.67 -10.63 16.43
CA ASP A 238 7.11 -10.60 16.19
C ASP A 238 7.24 -11.78 15.22
N ASP A 239 6.79 -12.93 15.71
CA ASP A 239 6.72 -14.18 14.97
C ASP A 239 5.22 -14.53 15.03
N GLU A 240 4.46 -13.90 14.14
CA GLU A 240 3.01 -14.05 14.02
C GLU A 240 2.22 -14.45 15.25
N SER A 241 0.93 -14.71 15.11
CA SER A 241 0.14 -14.88 16.33
C SER A 241 -1.15 -15.70 16.32
N TYR A 242 -1.07 -16.95 15.92
CA TYR A 242 -2.25 -17.82 15.94
C TYR A 242 -3.20 -17.45 14.81
N GLU A 243 -3.50 -18.46 14.01
CA GLU A 243 -4.32 -18.33 12.84
C GLU A 243 -5.36 -19.45 12.83
N ILE A 244 -6.63 -19.07 12.83
CA ILE A 244 -7.71 -20.07 12.77
C ILE A 244 -8.15 -20.33 11.32
N ARG A 245 -8.22 -21.59 10.91
CA ARG A 245 -8.70 -21.95 9.59
C ARG A 245 -9.85 -22.95 9.69
N ILE A 246 -10.95 -22.63 9.03
CA ILE A 246 -12.08 -23.52 9.03
C ILE A 246 -12.38 -23.71 7.55
N PRO A 247 -12.70 -24.94 7.14
CA PRO A 247 -13.01 -25.11 5.71
C PRO A 247 -13.94 -24.02 5.23
N ALA A 248 -13.60 -23.44 4.09
CA ALA A 248 -14.36 -22.33 3.56
C ALA A 248 -15.85 -22.57 3.40
N ASP A 249 -16.27 -23.82 3.40
CA ASP A 249 -17.70 -24.12 3.26
C ASP A 249 -18.29 -24.77 4.50
N GLN A 250 -17.65 -24.58 5.66
CA GLN A 250 -18.14 -25.23 6.87
C GLN A 250 -18.93 -24.32 7.79
N GLY A 251 -19.90 -24.89 8.50
CA GLY A 251 -20.74 -24.14 9.42
C GLY A 251 -21.35 -22.89 8.80
N ILE A 252 -21.83 -21.99 9.65
CA ILE A 252 -22.43 -20.72 9.23
C ILE A 252 -21.55 -19.90 8.28
N ALA A 253 -20.37 -19.49 8.72
CA ALA A 253 -19.47 -18.72 7.87
C ALA A 253 -19.25 -19.45 6.54
N GLY A 254 -18.99 -20.73 6.60
CA GLY A 254 -18.80 -21.48 5.39
C GLY A 254 -19.97 -21.34 4.43
N HIS A 255 -21.18 -21.51 4.94
CA HIS A 255 -22.35 -21.40 4.07
C HIS A 255 -22.40 -20.02 3.44
N VAL A 256 -22.45 -19.01 4.31
CA VAL A 256 -22.49 -17.59 3.94
C VAL A 256 -21.31 -17.21 3.00
N ALA A 257 -20.17 -17.84 3.22
CA ALA A 257 -19.01 -17.54 2.38
C ALA A 257 -19.25 -18.15 1.01
N THR A 258 -19.85 -19.32 1.04
CA THR A 258 -20.12 -20.12 -0.15
C THR A 258 -21.27 -19.53 -0.98
N THR A 259 -22.37 -19.21 -0.30
CA THR A 259 -23.55 -18.60 -0.95
C THR A 259 -23.48 -17.09 -1.14
N GLY A 260 -22.53 -16.42 -0.49
CA GLY A 260 -22.39 -14.99 -0.63
C GLY A 260 -23.63 -14.17 -0.31
N GLN A 261 -24.49 -14.68 0.57
CA GLN A 261 -25.66 -13.91 0.98
C GLN A 261 -25.78 -13.93 2.49
N ILE A 262 -26.23 -12.79 3.05
CA ILE A 262 -26.37 -12.60 4.49
C ILE A 262 -27.14 -13.75 5.11
N LEU A 263 -27.07 -13.85 6.45
CA LEU A 263 -27.75 -14.89 7.19
C LEU A 263 -28.16 -14.42 8.60
N ASN A 264 -29.47 -14.35 8.84
CA ASN A 264 -29.95 -13.93 10.16
C ASN A 264 -30.53 -15.06 10.98
N ILE A 265 -30.15 -15.08 12.24
CA ILE A 265 -30.61 -16.09 13.19
C ILE A 265 -31.15 -15.41 14.45
N PRO A 266 -32.41 -15.72 14.81
CA PRO A 266 -33.29 -15.41 15.94
C PRO A 266 -32.81 -16.24 17.11
N ASP A 267 -32.93 -17.56 16.94
CA ASP A 267 -32.34 -18.51 17.88
C ASP A 267 -31.36 -19.37 17.07
N ALA A 268 -30.15 -19.45 17.58
CA ALA A 268 -29.07 -20.18 16.93
C ALA A 268 -29.14 -21.69 17.14
N TYR A 269 -29.78 -22.11 18.23
CA TYR A 269 -29.92 -23.53 18.55
C TYR A 269 -30.94 -24.11 17.61
N ALA A 270 -31.90 -23.28 17.25
CA ALA A 270 -32.93 -23.65 16.30
C ALA A 270 -32.31 -23.85 14.91
N HIS A 271 -30.99 -23.72 14.83
CA HIS A 271 -30.29 -23.90 13.55
C HIS A 271 -29.55 -25.21 13.31
N PRO A 272 -29.78 -25.81 12.12
CA PRO A 272 -29.07 -27.00 11.64
C PRO A 272 -27.55 -26.89 11.82
N LEU A 273 -27.05 -25.64 11.78
CA LEU A 273 -25.61 -25.34 11.83
C LEU A 273 -24.92 -24.86 13.14
N PHE A 274 -25.66 -24.46 14.15
CA PHE A 274 -25.04 -23.98 15.39
C PHE A 274 -24.02 -24.97 15.97
N SER A 281 -20.48 -23.36 24.44
CA SER A 281 -20.85 -24.48 25.32
C SER A 281 -19.93 -24.62 26.52
N THR A 282 -18.95 -23.71 26.61
CA THR A 282 -17.97 -23.68 27.69
C THR A 282 -18.14 -22.35 28.43
N GLY A 283 -19.39 -22.08 28.80
CA GLY A 283 -19.77 -20.86 29.50
C GLY A 283 -20.65 -19.91 28.70
N PHE A 284 -20.27 -19.65 27.46
CA PHE A 284 -21.02 -18.68 26.67
C PHE A 284 -22.55 -18.84 26.52
N ARG A 285 -23.00 -19.86 25.80
CA ARG A 285 -24.44 -19.99 25.57
C ARG A 285 -24.90 -18.79 24.69
N THR A 286 -24.81 -19.00 23.38
CA THR A 286 -25.10 -18.00 22.34
C THR A 286 -26.56 -17.93 21.95
N ARG A 287 -27.10 -16.72 21.85
CA ARG A 287 -28.49 -16.57 21.40
C ARG A 287 -28.66 -16.52 19.87
N ASN A 288 -28.50 -15.33 19.28
CA ASN A 288 -28.65 -15.15 17.84
C ASN A 288 -27.33 -14.80 17.15
N ILE A 289 -27.37 -14.76 15.82
CA ILE A 289 -26.18 -14.58 14.99
C ILE A 289 -26.55 -13.90 13.70
N LEU A 290 -25.79 -12.87 13.37
CA LEU A 290 -25.95 -12.21 12.08
C LEU A 290 -24.63 -12.35 11.38
N CYS A 291 -24.65 -13.04 10.25
CA CYS A 291 -23.43 -13.29 9.52
C CYS A 291 -23.61 -12.76 8.15
N PHE A 292 -22.59 -12.08 7.63
CA PHE A 292 -22.67 -11.51 6.30
C PHE A 292 -21.32 -11.57 5.62
N PRO A 293 -21.33 -11.69 4.28
CA PRO A 293 -20.26 -11.81 3.28
C PRO A 293 -19.46 -10.50 3.03
N ILE A 294 -18.31 -10.60 2.37
CA ILE A 294 -17.58 -9.38 2.13
C ILE A 294 -17.49 -8.96 0.65
N LYS A 295 -17.03 -9.88 -0.19
CA LYS A 295 -16.97 -9.63 -1.63
C LYS A 295 -16.25 -8.37 -2.10
N ASN A 296 -15.61 -8.52 -3.26
CA ASN A 296 -14.86 -7.45 -3.89
C ASN A 296 -15.62 -6.78 -5.05
N GLU A 297 -14.92 -5.91 -5.76
CA GLU A 297 -15.45 -5.16 -6.89
C GLU A 297 -16.42 -5.93 -7.77
N ASN A 298 -16.17 -7.23 -7.94
CA ASN A 298 -17.05 -8.06 -8.74
C ASN A 298 -18.23 -8.42 -7.81
N GLN A 299 -18.06 -9.53 -7.11
CA GLN A 299 -19.02 -9.94 -6.13
C GLN A 299 -18.48 -11.19 -5.49
N GLU A 300 -17.16 -11.36 -5.63
CA GLU A 300 -16.47 -12.48 -5.04
C GLU A 300 -16.28 -12.27 -3.54
N VAL A 301 -17.00 -13.08 -2.76
CA VAL A 301 -16.86 -13.09 -1.31
C VAL A 301 -15.37 -13.18 -1.04
N ILE A 302 -14.86 -12.17 -0.35
CA ILE A 302 -13.46 -12.11 -0.01
C ILE A 302 -13.31 -12.40 1.47
N GLY A 303 -14.38 -12.19 2.24
CA GLY A 303 -14.43 -12.45 3.67
C GLY A 303 -15.83 -12.60 4.28
N VAL A 304 -15.89 -12.99 5.55
CA VAL A 304 -17.16 -13.19 6.23
C VAL A 304 -17.06 -12.64 7.67
N ALA A 305 -18.19 -12.22 8.23
CA ALA A 305 -18.17 -11.64 9.57
C ALA A 305 -19.43 -12.00 10.30
N GLU A 306 -19.27 -12.50 11.49
CA GLU A 306 -20.44 -12.80 12.28
C GLU A 306 -20.52 -12.06 13.62
N LEU A 307 -21.73 -11.62 13.93
CA LEU A 307 -22.05 -10.89 15.13
C LEU A 307 -22.88 -11.81 16.01
N VAL A 308 -22.49 -11.90 17.26
CA VAL A 308 -23.22 -12.80 18.12
C VAL A 308 -23.93 -12.11 19.26
N ASN A 309 -25.23 -12.38 19.34
CA ASN A 309 -26.05 -11.89 20.42
C ASN A 309 -26.33 -10.40 20.34
N LYS A 310 -27.62 -10.06 20.29
CA LYS A 310 -28.05 -8.66 20.28
C LYS A 310 -28.17 -8.10 21.70
N ILE A 311 -27.64 -6.90 21.90
CA ILE A 311 -27.71 -6.21 23.20
C ILE A 311 -28.96 -5.35 23.18
N ASN A 312 -29.80 -5.49 24.21
CA ASN A 312 -31.10 -4.81 24.29
C ASN A 312 -31.93 -5.26 23.07
N GLY A 313 -32.28 -6.55 23.03
CA GLY A 313 -33.05 -7.05 21.91
C GLY A 313 -33.13 -8.55 21.82
N PRO A 314 -34.17 -9.03 21.12
CA PRO A 314 -34.35 -10.45 20.91
C PRO A 314 -33.35 -10.95 19.86
N TRP A 315 -33.22 -10.17 18.79
CA TRP A 315 -32.38 -10.51 17.65
C TRP A 315 -31.78 -9.33 16.86
N PHE A 316 -31.76 -9.49 15.55
CA PHE A 316 -31.18 -8.49 14.65
C PHE A 316 -32.22 -7.83 13.77
N SER A 317 -32.56 -6.58 14.11
CA SER A 317 -33.54 -5.78 13.39
C SER A 317 -33.35 -6.08 11.93
N LYS A 318 -34.43 -6.25 11.18
CA LYS A 318 -34.26 -6.51 9.75
C LYS A 318 -33.74 -5.24 9.12
N PHE A 319 -33.22 -4.36 9.97
CA PHE A 319 -32.60 -3.11 9.62
C PHE A 319 -31.12 -3.27 9.94
N ASP A 320 -30.82 -4.15 10.89
CA ASP A 320 -29.42 -4.56 11.15
C ASP A 320 -29.25 -5.66 10.12
N GLU A 321 -28.88 -5.28 8.91
CA GLU A 321 -28.79 -6.25 7.85
C GLU A 321 -28.48 -5.42 6.64
N ASP A 322 -29.31 -4.40 6.47
CA ASP A 322 -29.16 -3.43 5.41
C ASP A 322 -28.05 -2.54 5.91
N LEU A 323 -28.02 -2.35 7.22
CA LEU A 323 -26.93 -1.62 7.85
C LEU A 323 -25.66 -2.49 7.69
N ALA A 324 -25.78 -3.79 8.00
CA ALA A 324 -24.66 -4.69 7.85
C ALA A 324 -24.20 -4.70 6.40
N THR A 325 -25.15 -4.80 5.48
CA THR A 325 -24.76 -4.79 4.08
C THR A 325 -24.05 -3.51 3.73
N ALA A 326 -24.63 -2.38 4.12
CA ALA A 326 -24.07 -1.07 3.83
C ALA A 326 -22.59 -1.00 4.25
N PHE A 327 -22.34 -1.19 5.55
CA PHE A 327 -21.00 -1.26 6.14
C PHE A 327 -20.12 -2.29 5.38
N SER A 328 -20.64 -3.52 5.28
CA SER A 328 -20.00 -4.60 4.55
C SER A 328 -19.42 -4.11 3.21
N ILE A 329 -19.87 -2.96 2.72
CA ILE A 329 -19.38 -2.49 1.45
C ILE A 329 -18.00 -1.90 1.69
N TYR A 330 -17.91 -1.04 2.70
CA TYR A 330 -16.68 -0.38 3.06
C TYR A 330 -15.65 -1.39 3.53
N CYS A 331 -16.15 -2.49 4.10
CA CYS A 331 -15.25 -3.49 4.58
C CYS A 331 -14.59 -4.05 3.36
N GLY A 332 -15.40 -4.37 2.35
CA GLY A 332 -14.91 -5.00 1.12
C GLY A 332 -13.95 -4.11 0.37
N ILE A 333 -14.21 -2.83 0.43
CA ILE A 333 -13.39 -1.86 -0.27
C ILE A 333 -12.03 -1.89 0.33
N SER A 334 -11.97 -1.59 1.63
CA SER A 334 -10.71 -1.45 2.36
C SER A 334 -9.95 -2.75 2.46
N ILE A 335 -10.65 -3.83 2.77
CA ILE A 335 -9.93 -5.08 2.89
C ILE A 335 -9.22 -5.33 1.55
N ALA A 336 -9.96 -5.25 0.46
CA ALA A 336 -9.36 -5.51 -0.83
C ALA A 336 -8.09 -4.70 -1.12
N HIS A 337 -8.13 -3.39 -0.89
CA HIS A 337 -6.95 -2.58 -1.14
C HIS A 337 -5.90 -2.85 -0.11
N SER A 338 -6.29 -2.86 1.16
CA SER A 338 -5.36 -3.17 2.25
C SER A 338 -4.49 -4.40 1.95
N LEU A 339 -5.13 -5.52 1.64
CA LEU A 339 -4.36 -6.70 1.31
C LEU A 339 -3.52 -6.35 0.07
N LEU A 340 -4.15 -5.82 -0.97
CA LEU A 340 -3.40 -5.48 -2.18
C LEU A 340 -2.08 -4.72 -1.96
N TYR A 341 -2.03 -3.93 -0.91
CA TYR A 341 -0.86 -3.12 -0.57
C TYR A 341 0.14 -3.93 0.23
N LYS A 342 -0.36 -4.79 1.12
CA LYS A 342 0.50 -5.63 1.92
C LYS A 342 1.36 -6.42 0.93
N LYS A 343 0.68 -7.12 0.03
CA LYS A 343 1.34 -7.89 -0.99
C LYS A 343 2.56 -7.16 -1.54
N VAL A 344 2.40 -5.90 -1.96
CA VAL A 344 3.55 -5.08 -2.44
C VAL A 344 4.60 -4.94 -1.34
N ASN A 345 4.28 -4.15 -0.33
CA ASN A 345 5.18 -3.95 0.80
C ASN A 345 5.94 -5.18 1.25
N GLU A 346 5.30 -6.35 1.14
CA GLU A 346 5.93 -7.61 1.49
C GLU A 346 7.02 -7.80 0.46
N ALA A 347 6.60 -8.01 -0.79
CA ALA A 347 7.53 -8.21 -1.87
C ALA A 347 8.70 -7.25 -1.82
N GLN A 348 8.51 -6.14 -1.12
CA GLN A 348 9.54 -5.14 -0.92
C GLN A 348 10.45 -5.31 0.28
N TYR A 349 9.88 -5.74 1.40
CA TYR A 349 10.68 -5.94 2.60
C TYR A 349 11.51 -7.17 2.31
N ARG A 350 10.84 -8.15 1.72
CA ARG A 350 11.45 -9.41 1.37
C ARG A 350 12.55 -9.23 0.33
N SER A 351 12.69 -8.00 -0.17
CA SER A 351 13.70 -7.71 -1.17
C SER A 351 14.89 -7.10 -0.48
N HIS A 352 14.65 -5.99 0.21
CA HIS A 352 15.67 -5.27 0.94
C HIS A 352 16.31 -6.13 2.01
N LEU A 353 15.51 -6.99 2.62
CA LEU A 353 16.02 -7.88 3.64
C LEU A 353 17.16 -8.63 2.99
N ALA A 354 16.94 -9.06 1.75
CA ALA A 354 17.94 -9.76 0.96
C ALA A 354 18.98 -8.74 0.50
N ASN A 355 18.52 -7.72 -0.21
CA ASN A 355 19.35 -6.62 -0.65
C ASN A 355 20.28 -6.13 0.46
N GLU A 356 19.74 -5.93 1.67
CA GLU A 356 20.52 -5.49 2.84
C GLU A 356 21.76 -6.36 2.96
N MET A 357 21.54 -7.67 2.87
CA MET A 357 22.57 -8.70 2.98
C MET A 357 23.65 -8.73 1.92
N MET A 358 23.32 -8.48 0.66
CA MET A 358 24.34 -8.46 -0.38
C MET A 358 25.10 -7.15 -0.24
N MET A 359 25.04 -6.56 0.93
CA MET A 359 25.67 -5.27 1.13
C MET A 359 26.50 -5.24 2.38
N TYR A 360 26.40 -6.28 3.18
CA TYR A 360 27.12 -6.33 4.46
C TYR A 360 26.70 -5.11 5.25
N HIS A 361 25.39 -4.84 5.15
CA HIS A 361 24.67 -3.80 5.85
C HIS A 361 25.27 -2.38 5.89
N MET A 362 25.57 -1.84 4.70
CA MET A 362 26.09 -0.48 4.57
C MET A 362 25.07 0.58 4.98
N LYS A 363 25.59 1.60 5.64
CA LYS A 363 24.78 2.63 6.26
C LYS A 363 25.43 3.98 6.11
N VAL A 364 24.95 4.78 5.18
CA VAL A 364 25.47 6.13 5.06
C VAL A 364 24.58 6.94 6.02
N SER A 365 25.19 7.57 7.02
CA SER A 365 24.42 8.32 8.02
C SER A 365 23.87 9.68 7.60
N ASP A 366 22.77 10.05 8.25
CA ASP A 366 22.08 11.31 8.02
C ASP A 366 23.05 12.47 8.29
N ASP A 367 24.12 12.18 9.02
CA ASP A 367 25.16 13.16 9.36
C ASP A 367 26.28 13.18 8.30
N GLU A 368 26.76 11.98 7.94
CA GLU A 368 27.81 11.80 6.95
C GLU A 368 27.47 12.59 5.69
N TYR A 369 26.32 12.27 5.13
CA TYR A 369 25.89 12.90 3.90
C TYR A 369 25.78 14.41 4.01
N THR A 370 25.06 14.90 5.02
CA THR A 370 24.94 16.35 5.23
C THR A 370 26.31 17.01 5.41
N LYS A 371 27.26 16.26 5.98
CA LYS A 371 28.59 16.80 6.17
C LYS A 371 29.28 16.95 4.83
N LEU A 372 29.10 15.97 3.95
CA LEU A 372 29.67 16.05 2.62
C LEU A 372 28.92 17.16 1.87
N LEU A 373 27.60 17.05 1.90
CA LEU A 373 26.70 17.99 1.23
C LEU A 373 26.46 19.28 2.01
N HIS A 374 27.48 20.11 2.14
CA HIS A 374 27.30 21.38 2.83
C HIS A 374 27.13 22.52 1.84
N ASP A 375 25.93 22.53 1.25
CA ASP A 375 25.49 23.52 0.27
C ASP A 375 26.50 23.92 -0.82
N GLY A 376 27.78 23.55 -0.64
CA GLY A 376 28.84 23.83 -1.59
C GLY A 376 29.40 22.61 -2.33
N ILE A 377 28.92 22.37 -3.56
CA ILE A 377 29.41 21.24 -4.34
C ILE A 377 30.83 21.58 -4.82
N GLN A 378 31.18 22.87 -4.75
CA GLN A 378 32.49 23.33 -5.22
C GLN A 378 32.70 23.07 -6.70
N PRO A 379 33.46 23.95 -7.37
CA PRO A 379 33.60 23.60 -8.78
C PRO A 379 34.92 22.88 -8.97
N VAL A 380 35.08 22.25 -10.12
CA VAL A 380 36.30 21.54 -10.42
C VAL A 380 37.47 22.53 -10.38
N ALA A 381 37.28 23.66 -11.07
CA ALA A 381 38.29 24.71 -11.17
C ALA A 381 39.04 25.00 -9.88
N ALA A 382 38.31 25.01 -8.77
CA ALA A 382 38.91 25.28 -7.47
C ALA A 382 39.59 24.05 -6.87
N ILE A 383 39.50 22.92 -7.57
CA ILE A 383 40.11 21.67 -7.09
C ILE A 383 41.63 21.76 -7.29
N ASP A 384 42.01 22.00 -8.53
CA ASP A 384 43.40 22.14 -8.92
C ASP A 384 43.45 22.79 -10.31
N SER A 385 44.59 23.43 -10.59
CA SER A 385 44.81 24.10 -11.86
C SER A 385 44.43 23.14 -12.97
N ASN A 386 45.35 22.28 -13.39
CA ASN A 386 44.95 21.33 -14.43
C ASN A 386 44.53 19.93 -13.96
N PHE A 387 43.59 19.95 -13.02
CA PHE A 387 42.93 18.76 -12.52
C PHE A 387 42.27 18.07 -13.71
N ALA A 388 42.18 18.76 -14.84
CA ALA A 388 41.53 18.18 -15.99
C ALA A 388 42.49 17.81 -17.10
N SER A 389 43.77 18.18 -16.98
CA SER A 389 44.73 17.80 -18.04
C SER A 389 45.34 16.40 -17.95
N PHE A 390 45.42 15.80 -19.13
CA PHE A 390 45.89 14.44 -19.27
C PHE A 390 47.07 14.03 -18.42
N THR A 391 47.68 15.00 -17.74
CA THR A 391 48.84 14.72 -16.92
C THR A 391 48.50 14.66 -15.44
N TYR A 392 47.21 14.82 -15.13
CA TYR A 392 46.73 14.74 -13.75
C TYR A 392 46.84 13.32 -13.10
N THR A 393 47.17 13.27 -11.82
CA THR A 393 47.29 12.00 -11.14
C THR A 393 46.23 11.96 -10.07
N PRO A 394 45.04 11.47 -10.44
CA PRO A 394 43.92 11.38 -9.50
C PRO A 394 44.39 10.86 -8.17
N ARG A 395 45.21 9.81 -8.18
CA ARG A 395 45.73 9.25 -6.95
C ARG A 395 46.42 10.27 -6.04
N SER A 396 46.81 11.41 -6.62
CA SER A 396 47.48 12.47 -5.84
C SER A 396 46.66 13.06 -4.69
N LEU A 397 45.38 13.35 -4.96
CA LEU A 397 44.46 13.93 -3.99
C LEU A 397 44.28 13.08 -2.72
N PRO A 398 43.71 13.70 -1.66
CA PRO A 398 43.33 13.28 -0.30
C PRO A 398 42.10 12.36 -0.36
N GLU A 399 42.02 11.36 0.53
CA GLU A 399 40.92 10.39 0.47
C GLU A 399 39.53 10.91 0.84
N ASP A 400 39.52 11.92 1.68
CA ASP A 400 38.28 12.52 2.16
C ASP A 400 37.80 13.56 1.14
N ASP A 401 38.74 14.00 0.30
CA ASP A 401 38.45 15.02 -0.69
C ASP A 401 37.97 14.44 -2.08
N THR A 402 37.98 13.10 -2.21
CA THR A 402 37.57 12.39 -3.44
C THR A 402 36.07 12.46 -3.74
N SER A 403 35.28 12.11 -2.74
CA SER A 403 33.83 12.07 -2.91
C SER A 403 33.33 13.40 -3.42
N MET A 404 33.92 14.49 -2.92
CA MET A 404 33.54 15.81 -3.40
C MET A 404 33.80 15.90 -4.88
N ALA A 405 35.07 15.71 -5.24
CA ALA A 405 35.55 15.71 -6.63
C ALA A 405 34.52 15.05 -7.56
N ILE A 406 34.10 13.85 -7.20
CA ILE A 406 33.05 13.14 -7.93
C ILE A 406 31.92 14.12 -8.17
N LEU A 407 31.32 14.56 -7.05
CA LEU A 407 30.24 15.52 -7.06
C LEU A 407 30.55 16.69 -7.99
N SER A 408 31.80 17.20 -7.90
CA SER A 408 32.28 18.31 -8.75
C SER A 408 32.53 17.95 -10.21
N MET A 409 32.76 16.66 -10.46
CA MET A 409 33.03 16.23 -11.82
C MET A 409 31.72 15.98 -12.57
N LEU A 410 30.74 15.47 -11.85
CA LEU A 410 29.46 15.18 -12.46
C LEU A 410 28.81 16.52 -12.66
N GLN A 411 29.14 17.41 -11.75
CA GLN A 411 28.63 18.77 -11.77
C GLN A 411 29.00 19.40 -13.10
N ASP A 412 30.30 19.52 -13.29
CA ASP A 412 30.90 20.17 -14.45
C ASP A 412 30.59 19.54 -15.81
N MET A 413 30.23 18.25 -15.79
CA MET A 413 29.89 17.55 -17.03
C MET A 413 28.40 17.84 -17.31
N ASN A 414 27.79 18.56 -16.36
CA ASN A 414 26.37 18.96 -16.41
C ASN A 414 25.46 17.75 -16.31
N PHE A 415 25.48 17.09 -15.17
CA PHE A 415 24.64 15.90 -14.99
C PHE A 415 23.61 16.07 -13.89
N ILE A 416 23.99 16.76 -12.81
CA ILE A 416 23.10 17.01 -11.70
C ILE A 416 21.83 17.68 -12.19
N ASN A 417 21.99 18.83 -12.82
CA ASN A 417 20.81 19.54 -13.32
C ASN A 417 20.19 18.91 -14.57
N ASN A 418 21.00 18.65 -15.60
CA ASN A 418 20.51 18.03 -16.83
C ASN A 418 19.56 16.85 -16.59
N TYR A 419 19.75 16.19 -15.45
CA TYR A 419 18.94 15.03 -15.09
C TYR A 419 18.20 15.27 -13.77
N LYS A 420 18.40 16.45 -13.20
CA LYS A 420 17.73 16.86 -11.96
C LYS A 420 17.96 15.84 -10.84
N ILE A 421 19.23 15.56 -10.59
CA ILE A 421 19.60 14.62 -9.56
C ILE A 421 19.47 15.26 -8.20
N ASP A 422 18.67 14.64 -7.34
CA ASP A 422 18.55 15.14 -5.99
C ASP A 422 19.97 14.99 -5.45
N CYS A 423 20.49 15.98 -4.74
CA CYS A 423 21.85 15.89 -4.23
C CYS A 423 21.92 15.05 -2.98
N PRO A 424 20.88 15.17 -2.13
CA PRO A 424 20.87 14.34 -0.91
C PRO A 424 20.84 12.85 -1.30
N THR A 425 20.34 12.54 -2.49
CA THR A 425 20.30 11.17 -2.97
C THR A 425 21.66 10.87 -3.57
N LEU A 426 22.10 11.75 -4.46
CA LEU A 426 23.36 11.63 -5.18
C LEU A 426 24.56 11.55 -4.24
N ALA A 427 24.64 12.47 -3.28
CA ALA A 427 25.74 12.41 -2.34
C ALA A 427 25.71 11.13 -1.48
N ARG A 428 24.53 10.57 -1.30
CA ARG A 428 24.38 9.35 -0.52
C ARG A 428 24.92 8.19 -1.33
N PHE A 429 24.57 8.19 -2.61
CA PHE A 429 25.01 7.19 -3.57
C PHE A 429 26.52 7.13 -3.56
N CYS A 430 27.15 8.26 -3.90
CA CYS A 430 28.60 8.39 -3.93
C CYS A 430 29.35 7.91 -2.69
N LEU A 431 28.74 8.06 -1.53
CA LEU A 431 29.35 7.70 -0.26
C LEU A 431 29.10 6.24 0.00
N MET A 432 28.16 5.68 -0.76
CA MET A 432 27.79 4.29 -0.60
C MET A 432 28.59 3.43 -1.56
N VAL A 433 28.84 3.93 -2.75
CA VAL A 433 29.71 3.22 -3.66
C VAL A 433 31.14 3.31 -3.12
N LYS A 434 31.39 4.25 -2.22
CA LYS A 434 32.74 4.38 -1.67
C LYS A 434 32.90 3.43 -0.50
N LYS A 435 32.01 3.54 0.47
CA LYS A 435 32.07 2.65 1.59
C LYS A 435 31.97 1.21 1.03
N GLY A 436 31.46 1.10 -0.20
CA GLY A 436 31.24 -0.14 -0.97
C GLY A 436 32.49 -0.85 -1.49
N TYR A 437 33.59 -0.13 -1.61
CA TYR A 437 34.82 -0.78 -2.03
C TYR A 437 35.43 -1.48 -0.81
N ARG A 438 36.43 -2.33 -1.02
CA ARG A 438 37.05 -3.02 0.09
C ARG A 438 38.48 -2.51 0.27
N ASP A 439 39.39 -3.37 0.71
CA ASP A 439 40.75 -2.90 0.92
C ASP A 439 41.93 -3.68 0.29
N PRO A 440 41.84 -4.01 -1.02
CA PRO A 440 43.07 -4.68 -1.42
C PRO A 440 44.15 -3.66 -1.76
N PRO A 441 45.36 -4.14 -2.05
CA PRO A 441 46.39 -3.19 -2.46
C PRO A 441 45.91 -2.35 -3.65
N TYR A 442 45.59 -3.02 -4.76
CA TYR A 442 45.18 -2.34 -5.98
C TYR A 442 43.71 -2.08 -6.26
N HIS A 443 42.83 -3.03 -5.92
CA HIS A 443 41.38 -2.89 -6.22
C HIS A 443 40.56 -2.18 -5.13
N ASN A 444 40.93 -0.92 -4.89
CA ASN A 444 40.34 -0.09 -3.85
C ASN A 444 39.61 1.12 -4.40
N TRP A 445 38.86 1.80 -3.54
CA TRP A 445 38.08 2.94 -3.99
C TRP A 445 38.94 3.89 -4.75
N MET A 446 40.20 4.02 -4.33
CA MET A 446 41.15 4.92 -4.98
C MET A 446 41.36 4.60 -6.45
N HIS A 447 41.38 3.32 -6.78
CA HIS A 447 41.50 2.87 -8.18
C HIS A 447 40.25 3.31 -8.91
N ALA A 448 39.09 3.13 -8.26
CA ALA A 448 37.81 3.53 -8.83
C ALA A 448 37.76 5.03 -9.11
N PHE A 449 38.08 5.88 -8.11
CA PHE A 449 38.04 7.32 -8.34
C PHE A 449 38.97 7.67 -9.52
N SER A 450 40.24 7.28 -9.44
CA SER A 450 41.16 7.57 -10.51
C SER A 450 40.63 7.06 -11.84
N VAL A 451 39.88 5.96 -11.81
CA VAL A 451 39.35 5.42 -13.07
C VAL A 451 38.17 6.22 -13.62
N SER A 452 37.38 6.78 -12.71
CA SER A 452 36.22 7.59 -13.05
C SER A 452 36.78 8.88 -13.57
N HIS A 453 37.72 9.44 -12.81
CA HIS A 453 38.39 10.68 -13.14
C HIS A 453 38.86 10.57 -14.57
N PHE A 454 39.54 9.48 -14.90
CA PHE A 454 39.99 9.34 -16.27
C PHE A 454 38.89 9.42 -17.29
N CYS A 455 37.71 8.97 -16.89
CA CYS A 455 36.55 9.04 -17.77
C CYS A 455 36.31 10.53 -18.02
N TYR A 456 36.07 11.19 -16.89
CA TYR A 456 35.85 12.61 -16.78
C TYR A 456 36.79 13.40 -17.71
N LEU A 457 38.08 13.15 -17.56
CA LEU A 457 39.11 13.76 -18.39
C LEU A 457 38.69 13.56 -19.84
N LEU A 458 38.71 12.30 -20.28
CA LEU A 458 38.29 11.91 -21.63
C LEU A 458 37.13 12.75 -22.17
N TYR A 459 36.13 12.95 -21.32
CA TYR A 459 34.97 13.72 -21.72
C TYR A 459 35.41 15.13 -22.16
N LYS A 460 36.21 15.78 -21.30
CA LYS A 460 36.74 17.11 -21.56
C LYS A 460 37.61 17.07 -22.79
N ASN A 461 38.86 16.70 -22.55
CA ASN A 461 39.90 16.59 -23.56
C ASN A 461 39.53 16.03 -24.96
N LEU A 462 38.66 15.02 -25.05
CA LEU A 462 38.23 14.47 -26.36
C LEU A 462 36.86 15.00 -26.76
N GLU A 463 36.19 15.69 -25.81
CA GLU A 463 34.84 16.25 -26.00
C GLU A 463 33.87 15.17 -26.49
N LEU A 464 33.60 14.20 -25.60
CA LEU A 464 32.79 13.02 -25.94
C LEU A 464 31.35 13.29 -26.35
N THR A 465 30.90 14.50 -26.01
CA THR A 465 29.55 14.97 -26.34
C THR A 465 29.22 14.93 -27.84
N ASN A 466 30.25 14.81 -28.67
CA ASN A 466 30.10 14.77 -30.12
C ASN A 466 29.90 13.35 -30.65
N TYR A 467 30.35 12.34 -29.89
CA TYR A 467 30.27 10.91 -30.30
C TYR A 467 29.17 10.10 -29.65
N LEU A 468 28.95 10.32 -28.35
CA LEU A 468 27.90 9.59 -27.65
C LEU A 468 26.78 10.48 -27.11
N GLU A 469 25.67 9.84 -26.78
CA GLU A 469 24.53 10.52 -26.19
C GLU A 469 24.82 10.75 -24.71
N ASP A 470 24.38 11.87 -24.20
CA ASP A 470 24.62 12.23 -22.81
C ASP A 470 24.27 11.13 -21.81
N ILE A 471 23.28 10.30 -22.11
CA ILE A 471 22.95 9.24 -21.16
C ILE A 471 24.06 8.20 -21.04
N GLU A 472 24.73 7.95 -22.18
CA GLU A 472 25.85 7.01 -22.24
C GLU A 472 27.02 7.55 -21.40
N ILE A 473 27.47 8.77 -21.69
CA ILE A 473 28.53 9.38 -20.92
C ILE A 473 28.17 9.37 -19.45
N PHE A 474 26.89 9.19 -19.16
CA PHE A 474 26.46 9.17 -17.79
C PHE A 474 26.58 7.77 -17.21
N ALA A 475 26.21 6.77 -18.01
CA ALA A 475 26.30 5.37 -17.59
C ALA A 475 27.78 4.99 -17.50
N LEU A 476 28.57 5.52 -18.44
CA LEU A 476 29.99 5.25 -18.49
C LEU A 476 30.61 5.69 -17.20
N PHE A 477 30.35 6.93 -16.85
CA PHE A 477 30.94 7.46 -15.65
C PHE A 477 30.50 6.63 -14.46
N ILE A 478 29.21 6.35 -14.39
CA ILE A 478 28.66 5.62 -13.25
C ILE A 478 29.25 4.21 -13.10
N SER A 479 29.50 3.57 -14.24
CA SER A 479 30.21 2.28 -14.30
C SER A 479 31.66 2.51 -13.82
N CYS A 480 32.32 3.57 -14.26
CA CYS A 480 33.68 3.79 -13.80
C CYS A 480 33.66 3.84 -12.28
N MET A 481 32.60 4.37 -11.73
CA MET A 481 32.50 4.45 -10.27
C MET A 481 32.29 3.12 -9.54
N CYS A 482 31.68 2.14 -10.18
CA CYS A 482 31.40 0.89 -9.48
C CYS A 482 32.05 -0.40 -9.99
N HIS A 483 32.61 -0.36 -11.20
CA HIS A 483 33.18 -1.53 -11.85
C HIS A 483 33.92 -2.56 -10.99
N ASP A 484 34.51 -2.12 -9.87
CA ASP A 484 35.23 -3.02 -8.96
C ASP A 484 34.64 -2.97 -7.53
N LEU A 485 33.32 -2.90 -7.40
CA LEU A 485 32.68 -2.81 -6.07
C LEU A 485 32.82 -4.08 -5.23
N ASP A 486 33.00 -3.95 -3.92
CA ASP A 486 33.12 -5.14 -3.11
C ASP A 486 34.23 -6.09 -3.62
N HIS A 487 35.21 -5.56 -4.34
CA HIS A 487 36.28 -6.42 -4.81
C HIS A 487 37.10 -6.92 -3.63
N ARG A 488 37.82 -8.01 -3.87
CA ARG A 488 38.74 -8.58 -2.91
C ARG A 488 40.08 -8.59 -3.67
N GLY A 489 41.09 -9.30 -3.21
CA GLY A 489 42.31 -9.26 -4.01
C GLY A 489 42.45 -10.40 -5.00
N THR A 490 42.50 -10.12 -6.30
CA THR A 490 42.71 -11.19 -7.26
C THR A 490 44.20 -11.52 -7.30
N ASN A 491 44.55 -12.76 -7.67
CA ASN A 491 45.94 -13.20 -7.71
C ASN A 491 46.03 -14.67 -8.09
N ASN A 492 45.69 -15.47 -7.08
CA ASN A 492 45.61 -16.94 -7.08
C ASN A 492 46.72 -17.86 -7.62
N SER A 493 47.04 -18.87 -6.79
CA SER A 493 48.01 -19.95 -7.02
C SER A 493 49.22 -19.67 -7.91
N PHE A 494 49.00 -18.97 -9.02
CA PHE A 494 50.05 -18.67 -10.00
C PHE A 494 50.38 -20.01 -10.63
N GLN A 495 50.29 -20.13 -11.96
CA GLN A 495 50.68 -21.39 -12.59
C GLN A 495 52.20 -21.53 -12.36
N VAL A 496 52.74 -20.44 -11.83
CA VAL A 496 54.12 -20.30 -11.35
C VAL A 496 54.18 -18.98 -10.59
N ALA A 497 54.27 -17.91 -11.37
CA ALA A 497 54.41 -16.53 -10.93
C ALA A 497 55.20 -15.90 -12.09
N SER A 498 55.74 -16.78 -12.92
CA SER A 498 56.47 -16.44 -14.16
C SER A 498 55.59 -17.05 -15.25
N LYS A 499 54.83 -18.07 -14.84
CA LYS A 499 53.84 -18.73 -15.70
C LYS A 499 52.42 -18.20 -15.35
N SER A 500 52.28 -16.86 -15.43
CA SER A 500 51.03 -16.14 -15.17
C SER A 500 50.97 -14.89 -16.05
N VAL A 501 49.76 -14.39 -16.30
CA VAL A 501 49.55 -13.23 -17.15
C VAL A 501 48.75 -12.16 -16.39
N LEU A 502 49.21 -10.91 -16.46
CA LEU A 502 48.53 -9.80 -15.79
C LEU A 502 47.09 -9.58 -16.31
N ALA A 503 46.82 -10.02 -17.54
CA ALA A 503 45.47 -9.89 -18.08
C ALA A 503 44.58 -10.91 -17.43
N ALA A 504 44.94 -11.27 -16.20
CA ALA A 504 44.21 -12.26 -15.41
C ALA A 504 43.78 -11.59 -14.15
N LEU A 505 44.30 -10.38 -13.92
CA LEU A 505 43.93 -9.59 -12.74
C LEU A 505 43.20 -8.39 -13.27
N TYR A 506 44.05 -7.44 -13.70
CA TYR A 506 43.70 -6.17 -14.36
C TYR A 506 42.96 -6.60 -15.64
N SER A 507 41.89 -7.40 -15.46
CA SER A 507 41.26 -8.05 -16.60
C SER A 507 39.97 -8.83 -16.43
N SER A 508 40.10 -10.14 -16.67
CA SER A 508 39.02 -11.12 -16.77
C SER A 508 38.76 -11.87 -15.51
N GLU A 509 37.83 -12.86 -15.60
CA GLU A 509 37.40 -13.79 -14.52
C GLU A 509 36.59 -15.07 -14.89
N GLY A 510 35.58 -14.91 -15.73
CA GLY A 510 34.62 -15.92 -16.18
C GLY A 510 33.38 -15.04 -16.29
N SER A 511 33.72 -13.75 -16.16
CA SER A 511 32.83 -12.61 -16.07
C SER A 511 32.13 -12.62 -14.70
N VAL A 512 32.30 -13.72 -14.00
CA VAL A 512 31.70 -13.93 -12.71
C VAL A 512 31.81 -12.73 -11.79
N MET A 513 32.98 -12.15 -11.73
CA MET A 513 33.13 -11.03 -10.81
C MET A 513 32.56 -9.70 -11.36
N GLU A 514 32.73 -9.46 -12.66
CA GLU A 514 32.22 -8.24 -13.29
C GLU A 514 30.69 -8.22 -13.12
N ARG A 515 30.08 -9.41 -13.15
CA ARG A 515 28.67 -9.57 -12.92
C ARG A 515 28.39 -9.21 -11.49
N HIS A 516 29.37 -9.43 -10.61
CA HIS A 516 29.23 -9.13 -9.16
C HIS A 516 29.25 -7.62 -8.84
N HIS A 517 30.09 -6.90 -9.54
CA HIS A 517 30.23 -5.46 -9.32
C HIS A 517 29.05 -4.73 -9.87
N PHE A 518 28.50 -5.27 -10.97
CA PHE A 518 27.31 -4.68 -11.59
C PHE A 518 26.16 -4.88 -10.68
N ALA A 519 26.09 -6.08 -10.11
CA ALA A 519 25.03 -6.48 -9.21
C ALA A 519 25.13 -5.73 -7.89
N GLN A 520 26.35 -5.50 -7.44
CA GLN A 520 26.49 -4.80 -6.18
C GLN A 520 25.88 -3.41 -6.39
N ALA A 521 26.40 -2.69 -7.38
CA ALA A 521 25.92 -1.37 -7.73
C ALA A 521 24.40 -1.31 -7.86
N ILE A 522 23.78 -2.44 -8.16
CA ILE A 522 22.32 -2.49 -8.23
C ILE A 522 21.77 -2.48 -6.80
N ALA A 523 22.37 -3.26 -5.89
CA ALA A 523 21.91 -3.28 -4.51
C ALA A 523 21.93 -1.88 -3.88
N ILE A 524 22.80 -0.99 -4.38
CA ILE A 524 22.86 0.35 -3.84
C ILE A 524 21.67 1.11 -4.40
N LEU A 525 21.54 1.12 -5.72
CA LEU A 525 20.46 1.79 -6.40
C LEU A 525 19.15 1.31 -5.81
N ASN A 526 19.19 0.10 -5.26
CA ASN A 526 17.99 -0.47 -4.65
C ASN A 526 17.91 -0.16 -3.17
N THR A 527 18.88 0.58 -2.68
CA THR A 527 18.84 1.01 -1.31
C THR A 527 18.09 2.34 -1.27
N HIS A 528 17.54 2.67 -0.10
CA HIS A 528 16.73 3.88 0.07
C HIS A 528 17.43 5.21 -0.14
N GLY A 529 16.83 6.08 -0.97
CA GLY A 529 17.33 7.41 -1.28
C GLY A 529 18.69 7.48 -1.97
N CYS A 530 19.03 6.45 -2.73
CA CYS A 530 20.31 6.36 -3.41
C CYS A 530 20.04 6.23 -4.88
N ASN A 531 18.81 5.86 -5.21
CA ASN A 531 18.50 5.64 -6.61
C ASN A 531 18.48 6.95 -7.30
N ILE A 532 19.66 7.38 -7.72
CA ILE A 532 19.85 8.62 -8.43
C ILE A 532 19.14 8.63 -9.78
N PHE A 533 18.69 7.45 -10.20
CA PHE A 533 17.92 7.29 -11.44
C PHE A 533 16.42 7.22 -11.15
N ASP A 534 16.05 7.79 -10.02
CA ASP A 534 14.66 7.87 -9.57
C ASP A 534 13.68 8.26 -10.67
N HIS A 535 13.88 9.46 -11.24
CA HIS A 535 12.95 10.02 -12.22
C HIS A 535 13.12 9.82 -13.74
N PHE A 536 13.89 8.81 -14.13
CA PHE A 536 14.04 8.47 -15.54
C PHE A 536 12.77 7.75 -16.00
N SER A 537 12.33 8.01 -17.23
CA SER A 537 11.18 7.31 -17.78
C SER A 537 11.53 5.84 -17.74
N ARG A 538 10.54 4.97 -17.61
CA ARG A 538 10.80 3.54 -17.56
C ARG A 538 11.74 3.16 -18.69
N LYS A 539 11.68 3.97 -19.76
CA LYS A 539 12.51 3.79 -20.96
C LYS A 539 13.97 4.07 -20.62
N ASP A 540 14.24 5.22 -20.00
CA ASP A 540 15.60 5.60 -19.64
C ASP A 540 16.15 4.63 -18.61
N TYR A 541 15.38 4.46 -17.54
CA TYR A 541 15.79 3.59 -16.43
C TYR A 541 16.26 2.23 -16.91
N GLN A 542 15.53 1.62 -17.82
CA GLN A 542 15.94 0.36 -18.40
C GLN A 542 17.28 0.59 -19.07
N ARG A 543 17.28 1.26 -20.21
CA ARG A 543 18.51 1.50 -20.90
C ARG A 543 19.67 1.94 -19.99
N MET A 544 19.38 2.71 -18.96
CA MET A 544 20.44 3.10 -18.04
C MET A 544 20.97 1.95 -17.19
N LEU A 545 20.34 0.79 -17.30
CA LEU A 545 20.71 -0.40 -16.52
C LEU A 545 21.45 -1.36 -17.40
N ASP A 546 21.06 -1.40 -18.67
CA ASP A 546 21.70 -2.27 -19.65
C ASP A 546 23.06 -1.70 -19.82
N LEU A 547 23.05 -0.39 -20.07
CA LEU A 547 24.25 0.43 -20.20
C LEU A 547 25.23 0.04 -19.11
N MET A 548 24.86 0.25 -17.85
CA MET A 548 25.77 -0.15 -16.78
C MET A 548 26.15 -1.64 -16.82
N ARG A 549 25.19 -2.51 -17.08
CA ARG A 549 25.43 -3.95 -17.16
C ARG A 549 26.47 -4.30 -18.22
N ASP A 550 26.26 -3.77 -19.41
CA ASP A 550 27.20 -3.96 -20.52
C ASP A 550 28.58 -3.40 -20.19
N ILE A 551 28.65 -2.08 -19.97
CA ILE A 551 29.89 -1.43 -19.60
C ILE A 551 30.67 -2.19 -18.54
N ILE A 552 30.10 -2.42 -17.36
CA ILE A 552 30.81 -3.16 -16.29
C ILE A 552 31.21 -4.58 -16.71
N LEU A 553 30.41 -5.20 -17.56
CA LEU A 553 30.78 -6.53 -17.99
C LEU A 553 31.90 -6.35 -19.04
N ALA A 554 32.00 -5.13 -19.57
CA ALA A 554 33.02 -4.83 -20.55
C ALA A 554 34.38 -4.73 -19.87
N THR A 555 34.37 -4.54 -18.54
CA THR A 555 35.59 -4.42 -17.77
C THR A 555 36.20 -5.78 -17.56
N ASP A 556 35.89 -6.68 -18.50
CA ASP A 556 36.46 -8.04 -18.55
C ASP A 556 37.46 -8.11 -19.69
N LEU A 557 38.75 -8.16 -19.34
CA LEU A 557 39.76 -8.24 -20.37
C LEU A 557 39.50 -9.29 -21.44
N ALA A 558 38.96 -10.44 -21.01
CA ALA A 558 38.62 -11.54 -21.93
C ALA A 558 37.53 -11.12 -22.89
N HIS A 559 36.73 -10.14 -22.50
CA HIS A 559 35.68 -9.68 -23.36
C HIS A 559 36.29 -8.63 -24.29
N HIS A 560 37.21 -7.82 -23.75
CA HIS A 560 37.90 -6.83 -24.57
C HIS A 560 38.51 -7.51 -25.80
N LEU A 561 39.32 -8.53 -25.55
CA LEU A 561 39.98 -9.24 -26.61
C LEU A 561 38.92 -9.76 -27.57
N ARG A 562 37.81 -10.20 -27.01
CA ARG A 562 36.75 -10.77 -27.81
C ARG A 562 36.16 -9.83 -28.87
N ILE A 563 36.09 -8.55 -28.57
CA ILE A 563 35.54 -7.62 -29.53
C ILE A 563 36.63 -6.85 -30.25
N PHE A 564 37.86 -6.94 -29.77
CA PHE A 564 39.00 -6.21 -30.35
C PHE A 564 39.04 -6.10 -31.87
N LYS A 565 38.78 -7.19 -32.58
CA LYS A 565 38.79 -7.16 -34.02
C LYS A 565 37.68 -6.28 -34.59
N ASP A 566 36.67 -5.99 -33.78
CA ASP A 566 35.54 -5.16 -34.18
C ASP A 566 35.89 -3.74 -33.80
N LEU A 567 36.82 -3.60 -32.86
CA LEU A 567 37.30 -2.30 -32.45
C LEU A 567 38.24 -1.76 -33.54
N GLN A 568 38.59 -2.63 -34.47
CA GLN A 568 39.50 -2.22 -35.54
C GLN A 568 38.76 -1.66 -36.73
N LYS A 569 37.90 -2.47 -37.36
CA LYS A 569 37.16 -1.98 -38.53
C LYS A 569 36.47 -0.66 -38.22
N MET A 570 36.05 -0.47 -36.98
CA MET A 570 35.44 0.80 -36.63
C MET A 570 36.53 1.81 -36.77
N ALA A 571 37.65 1.61 -36.09
CA ALA A 571 38.78 2.54 -36.18
C ALA A 571 39.30 2.71 -37.62
N GLU A 572 39.10 1.69 -38.44
CA GLU A 572 39.51 1.73 -39.85
C GLU A 572 38.51 2.49 -40.69
N VAL A 573 37.23 2.31 -40.35
CA VAL A 573 36.17 2.91 -41.13
C VAL A 573 35.42 3.98 -40.34
N GLY A 574 36.14 5.01 -39.95
CA GLY A 574 35.52 6.12 -39.25
C GLY A 574 35.05 5.88 -37.84
N TYR A 575 33.74 5.96 -37.65
CA TYR A 575 33.08 5.80 -36.36
C TYR A 575 31.71 6.46 -36.47
N ASP A 576 30.75 5.75 -37.01
CA ASP A 576 29.42 6.30 -37.17
C ASP A 576 28.85 6.76 -35.82
N ARG A 577 28.28 7.96 -35.79
CA ARG A 577 27.60 8.40 -34.58
C ARG A 577 26.16 7.96 -34.76
N ASN A 578 25.87 7.37 -35.91
CA ASN A 578 24.54 6.89 -36.25
C ASN A 578 24.53 5.37 -36.08
N ASN A 579 25.73 4.81 -35.95
CA ASN A 579 25.87 3.39 -35.72
C ASN A 579 25.60 3.14 -34.25
N LYS A 580 24.57 2.35 -33.98
CA LYS A 580 24.23 2.02 -32.60
C LYS A 580 25.33 1.06 -32.14
N GLN A 581 25.78 0.24 -33.09
CA GLN A 581 26.85 -0.71 -32.85
C GLN A 581 28.21 -0.03 -32.51
N HIS A 582 28.46 1.12 -33.15
CA HIS A 582 29.70 1.87 -32.91
C HIS A 582 29.73 2.48 -31.53
N HIS A 583 28.56 2.72 -30.97
CA HIS A 583 28.43 3.35 -29.65
C HIS A 583 28.74 2.33 -28.55
N ARG A 584 28.44 1.06 -28.82
CA ARG A 584 28.69 0.00 -27.87
C ARG A 584 30.18 -0.15 -27.82
N LEU A 585 30.80 -0.40 -28.97
CA LEU A 585 32.25 -0.61 -28.98
C LEU A 585 32.96 0.59 -28.40
N LEU A 586 32.57 1.77 -28.86
CA LEU A 586 33.17 2.99 -28.36
C LEU A 586 33.10 3.10 -26.84
N LEU A 587 32.02 2.61 -26.25
CA LEU A 587 31.83 2.70 -24.81
C LEU A 587 32.61 1.66 -24.08
N CYS A 588 32.82 0.52 -24.77
CA CYS A 588 33.64 -0.58 -24.23
C CYS A 588 35.05 -0.11 -24.21
N LEU A 589 35.52 0.36 -25.36
CA LEU A 589 36.87 0.93 -25.47
C LEU A 589 37.17 1.96 -24.39
N LEU A 590 36.24 2.89 -24.23
CA LEU A 590 36.43 3.94 -23.27
C LEU A 590 36.62 3.40 -21.84
N MET A 591 35.77 2.45 -21.46
CA MET A 591 35.84 1.82 -20.15
C MET A 591 37.21 1.17 -19.96
N THR A 592 37.59 0.32 -20.90
CA THR A 592 38.89 -0.34 -20.88
C THR A 592 40.01 0.66 -20.68
N SER A 593 39.88 1.77 -21.40
CA SER A 593 40.91 2.80 -21.37
C SER A 593 41.07 3.47 -20.01
N CYS A 594 39.95 3.66 -19.31
CA CYS A 594 39.92 4.29 -17.99
C CYS A 594 40.42 3.27 -16.96
N ASP A 595 40.10 2.00 -17.23
CA ASP A 595 40.55 0.93 -16.37
C ASP A 595 42.10 0.89 -16.30
N LEU A 596 42.77 0.80 -17.45
CA LEU A 596 44.25 0.79 -17.47
C LEU A 596 44.91 2.17 -17.69
N SER A 597 44.13 3.22 -17.47
CA SER A 597 44.58 4.59 -17.68
C SER A 597 45.91 4.96 -17.01
N ASP A 598 46.32 4.18 -16.00
CA ASP A 598 47.54 4.48 -15.24
C ASP A 598 48.81 4.15 -16.02
N GLN A 599 48.62 3.70 -17.26
CA GLN A 599 49.72 3.38 -18.19
C GLN A 599 50.09 4.63 -18.94
N THR A 600 49.19 5.61 -18.86
CA THR A 600 49.38 6.87 -19.52
C THR A 600 50.07 7.83 -18.58
N LYS A 601 49.96 7.59 -17.27
CA LYS A 601 50.63 8.44 -16.25
C LYS A 601 52.18 8.43 -16.29
N GLY A 602 52.80 9.39 -15.61
CA GLY A 602 54.25 9.53 -15.60
C GLY A 602 55.03 8.38 -14.99
N TRP A 603 56.18 8.06 -15.58
CA TRP A 603 56.98 6.94 -15.12
C TRP A 603 57.03 6.66 -13.63
N LYS A 604 57.27 7.68 -12.82
CA LYS A 604 57.34 7.47 -11.37
C LYS A 604 55.94 7.31 -10.79
N THR A 605 54.95 7.67 -11.62
CA THR A 605 53.54 7.56 -11.27
C THR A 605 53.17 6.10 -11.44
N THR A 606 53.24 5.64 -12.69
CA THR A 606 52.97 4.24 -13.05
C THR A 606 53.81 3.25 -12.21
N ARG A 607 55.09 3.57 -11.98
CA ARG A 607 55.98 2.73 -11.17
C ARG A 607 55.42 2.53 -9.77
N LYS A 608 54.86 3.59 -9.23
CA LYS A 608 54.30 3.56 -7.88
C LYS A 608 53.03 2.73 -7.84
N ILE A 609 52.30 2.75 -8.95
CA ILE A 609 51.05 1.99 -9.13
C ILE A 609 51.31 0.47 -9.24
N ALA A 610 52.02 0.11 -10.32
CA ALA A 610 52.44 -1.27 -10.58
C ALA A 610 52.79 -2.01 -9.29
N GLU A 611 53.24 -1.27 -8.28
CA GLU A 611 53.61 -1.87 -7.00
C GLU A 611 52.34 -2.45 -6.42
N LEU A 612 51.31 -1.60 -6.34
CA LEU A 612 50.02 -2.04 -5.82
C LEU A 612 49.46 -3.22 -6.62
N ILE A 613 49.43 -3.06 -7.95
CA ILE A 613 48.97 -4.10 -8.82
C ILE A 613 49.77 -5.34 -8.46
N TYR A 614 51.08 -5.23 -8.51
CA TYR A 614 51.90 -6.40 -8.23
C TYR A 614 51.90 -6.93 -6.83
N LYS A 615 51.63 -6.07 -5.85
CA LYS A 615 51.55 -6.56 -4.47
C LYS A 615 50.28 -7.40 -4.30
N GLU A 616 49.21 -6.97 -4.96
CA GLU A 616 47.95 -7.70 -4.91
C GLU A 616 48.17 -9.00 -5.67
N PHE A 617 48.38 -8.86 -6.98
CA PHE A 617 48.56 -9.97 -7.91
C PHE A 617 49.37 -11.15 -7.40
N PHE A 618 49.94 -11.03 -6.21
CA PHE A 618 50.80 -12.09 -5.70
C PHE A 618 50.51 -12.56 -4.26
N SER A 619 49.33 -13.12 -3.96
CA SER A 619 49.10 -13.52 -2.55
C SER A 619 47.76 -14.13 -2.08
N GLN A 620 47.78 -14.74 -0.89
CA GLN A 620 46.56 -15.21 -0.22
C GLN A 620 45.72 -16.35 -0.84
N GLY A 621 44.51 -16.52 -0.29
CA GLY A 621 43.47 -17.41 -0.80
C GLY A 621 42.94 -18.61 -0.02
N ASP A 622 43.27 -19.76 -0.58
CA ASP A 622 42.83 -21.03 -0.06
C ASP A 622 44.13 -21.78 0.05
N LEU A 623 45.18 -21.08 -0.38
CA LEU A 623 46.55 -21.57 -0.30
C LEU A 623 46.85 -21.55 1.19
N GLU A 624 46.23 -20.59 1.86
CA GLU A 624 46.36 -20.40 3.30
C GLU A 624 45.78 -21.59 4.05
N LYS A 625 44.59 -22.02 3.63
CA LYS A 625 43.97 -23.22 4.19
C LYS A 625 44.76 -24.41 3.67
N ALA A 626 44.71 -24.65 2.36
CA ALA A 626 45.47 -25.76 1.71
C ALA A 626 46.97 -25.80 2.08
N GLU A 638 61.14 -14.31 -8.22
CA GLU A 638 59.80 -14.39 -8.78
C GLU A 638 59.14 -13.00 -8.87
N LYS A 639 59.90 -11.99 -8.46
CA LYS A 639 59.48 -10.58 -8.53
C LYS A 639 60.26 -10.01 -9.72
N ALA A 640 61.34 -10.72 -10.05
CA ALA A 640 62.21 -10.39 -11.16
C ALA A 640 61.45 -10.43 -12.50
N TYR A 641 60.26 -11.00 -12.47
CA TYR A 641 59.45 -11.14 -13.66
C TYR A 641 58.52 -9.92 -13.80
N ILE A 642 58.47 -9.13 -12.73
CA ILE A 642 57.64 -7.94 -12.74
C ILE A 642 57.91 -7.05 -13.97
N PRO A 643 59.05 -7.25 -14.66
CA PRO A 643 59.37 -6.52 -15.89
C PRO A 643 58.84 -7.19 -17.13
N GLU A 644 59.19 -8.46 -17.36
CA GLU A 644 58.66 -9.17 -18.54
C GLU A 644 57.16 -9.27 -18.44
N LEU A 645 56.69 -9.56 -17.22
CA LEU A 645 55.26 -9.67 -16.97
C LEU A 645 54.59 -8.39 -17.45
N GLN A 646 55.10 -7.25 -16.96
CA GLN A 646 54.57 -5.94 -17.33
C GLN A 646 54.82 -5.51 -18.75
N ILE A 647 56.03 -5.74 -19.23
CA ILE A 647 56.36 -5.42 -20.61
C ILE A 647 55.37 -6.15 -21.49
N SER A 648 55.23 -7.44 -21.25
CA SER A 648 54.36 -8.28 -22.06
C SER A 648 52.89 -7.79 -22.05
N PHE A 649 52.50 -7.19 -20.92
CA PHE A 649 51.16 -6.66 -20.76
C PHE A 649 50.95 -5.54 -21.77
N MET A 650 51.66 -4.43 -21.54
CA MET A 650 51.65 -3.27 -22.43
C MET A 650 51.75 -3.72 -23.88
N GLU A 651 52.76 -4.51 -24.19
CA GLU A 651 52.93 -4.95 -25.55
C GLU A 651 51.73 -5.67 -26.19
N HIS A 652 51.11 -6.56 -25.41
CA HIS A 652 49.98 -7.35 -25.92
C HIS A 652 48.56 -6.79 -25.68
N ILE A 653 48.38 -6.12 -24.54
CA ILE A 653 47.07 -5.62 -24.14
C ILE A 653 46.96 -4.11 -24.13
N ALA A 654 47.57 -3.51 -23.12
CA ALA A 654 47.52 -2.07 -22.93
C ALA A 654 47.78 -1.19 -24.14
N MET A 655 48.81 -1.50 -24.90
CA MET A 655 49.19 -0.60 -25.98
C MET A 655 48.20 -0.56 -27.11
N PRO A 656 47.80 -1.73 -27.59
CA PRO A 656 46.90 -1.81 -28.75
C PRO A 656 45.61 -1.03 -28.50
N ILE A 657 45.36 -0.78 -27.22
CA ILE A 657 44.18 -0.05 -26.77
C ILE A 657 44.36 1.43 -27.05
N TYR A 658 45.34 2.03 -26.38
CA TYR A 658 45.65 3.45 -26.53
C TYR A 658 46.04 3.88 -27.95
N LYS A 659 46.42 2.90 -28.77
CA LYS A 659 46.69 3.10 -30.18
C LYS A 659 45.32 3.26 -30.89
N LEU A 660 44.32 2.56 -30.39
CA LEU A 660 42.96 2.63 -30.96
C LEU A 660 42.29 3.89 -30.46
N LEU A 661 42.57 4.27 -29.21
CA LEU A 661 42.00 5.48 -28.63
C LEU A 661 42.47 6.65 -29.43
N GLN A 662 43.72 6.57 -29.90
CA GLN A 662 44.28 7.64 -30.71
C GLN A 662 44.05 7.37 -32.19
N ASP A 663 43.45 6.24 -32.49
CA ASP A 663 43.12 5.92 -33.87
C ASP A 663 41.70 6.33 -34.20
N LEU A 664 41.07 6.98 -33.23
CA LEU A 664 39.70 7.45 -33.33
C LEU A 664 39.71 8.87 -32.79
N PHE A 665 40.52 9.10 -31.78
CA PHE A 665 40.64 10.42 -31.19
C PHE A 665 42.09 10.80 -31.25
N PRO A 666 42.41 11.78 -32.10
CA PRO A 666 43.80 12.21 -32.24
C PRO A 666 44.27 13.04 -31.04
N LYS A 667 43.33 13.59 -30.27
CA LYS A 667 43.75 14.31 -29.08
C LYS A 667 44.19 13.23 -28.06
N ALA A 668 43.82 11.99 -28.34
CA ALA A 668 44.19 10.86 -27.48
C ALA A 668 45.57 10.28 -27.82
N ALA A 669 46.36 11.04 -28.57
CA ALA A 669 47.69 10.62 -28.98
C ALA A 669 48.68 10.76 -27.83
N GLU A 670 48.55 11.83 -27.05
CA GLU A 670 49.43 12.07 -25.92
C GLU A 670 49.48 10.85 -25.02
N LEU A 671 48.38 10.11 -25.00
CA LEU A 671 48.23 8.90 -24.17
C LEU A 671 49.00 7.73 -24.72
N TYR A 672 48.85 7.48 -26.02
CA TYR A 672 49.56 6.40 -26.64
C TYR A 672 51.01 6.56 -26.32
N GLU A 673 51.61 7.61 -26.84
CA GLU A 673 53.02 7.81 -26.64
C GLU A 673 53.49 7.67 -25.19
N ARG A 674 52.64 8.04 -24.24
CA ARG A 674 53.00 7.96 -22.81
C ARG A 674 53.06 6.52 -22.29
N VAL A 675 52.45 5.62 -23.06
CA VAL A 675 52.42 4.20 -22.74
C VAL A 675 53.62 3.60 -23.48
N ALA A 676 53.72 3.92 -24.76
CA ALA A 676 54.86 3.48 -25.54
C ALA A 676 56.19 3.84 -24.84
N SER A 677 56.23 5.03 -24.25
CA SER A 677 57.42 5.50 -23.54
C SER A 677 57.64 4.71 -22.25
N ASN A 678 56.61 4.66 -21.39
CA ASN A 678 56.70 3.95 -20.13
C ASN A 678 57.14 2.52 -20.44
N ARG A 679 56.64 2.01 -21.57
CA ARG A 679 56.97 0.68 -22.04
C ARG A 679 58.48 0.55 -22.07
N GLU A 680 59.13 1.60 -22.59
CA GLU A 680 60.60 1.70 -22.71
C GLU A 680 61.42 1.71 -21.41
N HIS A 681 60.97 2.45 -20.39
CA HIS A 681 61.64 2.43 -19.07
C HIS A 681 61.63 0.97 -18.58
N TRP A 682 60.44 0.37 -18.64
CA TRP A 682 60.24 -1.02 -18.23
C TRP A 682 61.25 -1.90 -18.95
N THR A 683 61.50 -1.56 -20.21
CA THR A 683 62.44 -2.31 -21.03
C THR A 683 63.80 -2.26 -20.39
N LYS A 684 64.18 -1.07 -19.91
CA LYS A 684 65.47 -0.84 -19.24
C LYS A 684 65.60 -1.52 -17.86
N VAL A 685 64.52 -1.52 -17.08
CA VAL A 685 64.54 -2.16 -15.77
C VAL A 685 64.72 -3.67 -16.02
N SER A 686 64.34 -4.08 -17.22
CA SER A 686 64.44 -5.46 -17.63
C SER A 686 65.90 -5.91 -17.79
N HIS A 687 66.72 -4.99 -18.31
CA HIS A 687 68.13 -5.23 -18.62
C HIS A 687 68.98 -5.60 -17.42
N TYR B 10 -59.50 40.13 20.15
CA TYR B 10 -60.92 39.79 20.08
C TYR B 10 -61.12 38.36 19.58
N THR B 11 -62.31 37.81 19.80
CA THR B 11 -62.67 36.49 19.32
C THR B 11 -62.61 36.56 17.82
N ASP B 12 -62.55 37.78 17.29
CA ASP B 12 -62.49 37.99 15.86
C ASP B 12 -61.12 37.76 15.23
N ARG B 13 -60.06 37.91 16.01
CA ARG B 13 -58.71 37.66 15.52
C ARG B 13 -58.57 36.13 15.57
N ASP B 14 -59.18 35.58 16.62
CA ASP B 14 -59.21 34.16 16.87
C ASP B 14 -60.16 33.49 15.91
N ARG B 15 -60.44 34.14 14.79
CA ARG B 15 -61.33 33.63 13.76
C ARG B 15 -60.41 33.49 12.57
N LYS B 16 -59.77 34.61 12.25
CA LYS B 16 -58.82 34.71 11.15
C LYS B 16 -57.60 33.83 11.40
N ILE B 17 -57.18 33.72 12.66
CA ILE B 17 -56.03 32.88 13.00
C ILE B 17 -56.38 31.41 12.77
N LEU B 18 -57.41 30.94 13.46
CA LEU B 18 -57.87 29.58 13.27
C LEU B 18 -58.08 29.38 11.79
N GLN B 19 -58.44 30.42 11.09
CA GLN B 19 -58.66 30.27 9.66
C GLN B 19 -57.32 30.01 8.95
N LEU B 20 -56.30 30.65 9.49
CA LEU B 20 -54.95 30.58 8.96
C LEU B 20 -54.49 29.15 9.10
N CYS B 21 -54.23 28.75 10.33
CA CYS B 21 -53.76 27.40 10.64
C CYS B 21 -54.55 26.32 9.92
N GLY B 22 -55.76 26.65 9.52
CA GLY B 22 -56.54 25.67 8.79
C GLY B 22 -55.87 25.46 7.45
N GLU B 23 -55.28 26.56 6.97
CA GLU B 23 -54.66 26.68 5.67
C GLU B 23 -53.19 26.28 5.61
N LEU B 24 -52.49 26.49 6.72
CA LEU B 24 -51.09 26.11 6.80
C LEU B 24 -50.99 24.57 6.94
N TYR B 25 -51.29 23.86 5.86
CA TYR B 25 -51.19 22.40 5.84
C TYR B 25 -50.19 21.99 4.74
N ASP B 26 -49.38 22.95 4.32
CA ASP B 26 -48.36 22.69 3.32
C ASP B 26 -47.18 21.94 3.93
N LEU B 27 -46.52 21.14 3.09
CA LEU B 27 -45.35 20.38 3.51
C LEU B 27 -44.06 21.22 3.40
N ASP B 28 -44.12 22.27 2.59
CA ASP B 28 -42.99 23.14 2.35
C ASP B 28 -42.92 24.32 3.34
N ALA B 29 -41.83 24.46 4.07
CA ALA B 29 -41.74 25.57 4.99
C ALA B 29 -41.88 26.86 4.22
N SER B 30 -41.56 26.83 2.93
CA SER B 30 -41.63 28.07 2.13
C SER B 30 -43.09 28.46 1.84
N SER B 31 -43.86 27.49 1.36
CA SER B 31 -45.24 27.73 1.02
C SER B 31 -46.08 28.04 2.24
N LEU B 32 -45.59 27.66 3.43
CA LEU B 32 -46.27 27.95 4.68
C LEU B 32 -45.95 29.41 4.94
N GLN B 33 -44.70 29.78 4.73
CA GLN B 33 -44.32 31.14 4.96
C GLN B 33 -45.14 32.10 4.14
N LEU B 34 -45.55 31.71 2.94
CA LEU B 34 -46.31 32.63 2.06
C LEU B 34 -47.63 32.99 2.72
N LYS B 35 -48.42 31.95 3.00
CA LYS B 35 -49.69 32.12 3.68
C LYS B 35 -49.53 33.03 4.91
N VAL B 36 -48.59 32.73 5.80
CA VAL B 36 -48.43 33.57 6.98
C VAL B 36 -48.10 35.02 6.62
N LEU B 37 -47.17 35.18 5.69
CA LEU B 37 -46.78 36.52 5.26
C LEU B 37 -47.98 37.24 4.66
N GLN B 38 -48.53 36.65 3.62
CA GLN B 38 -49.69 37.22 2.94
C GLN B 38 -50.85 37.63 3.87
N TYR B 39 -50.99 36.96 5.03
CA TYR B 39 -52.06 37.31 5.99
C TYR B 39 -51.61 38.50 6.77
N LEU B 40 -50.31 38.60 7.02
CA LEU B 40 -49.85 39.77 7.75
C LEU B 40 -49.86 40.94 6.79
N GLN B 41 -49.34 40.71 5.58
CA GLN B 41 -49.34 41.72 4.52
C GLN B 41 -50.67 42.49 4.57
N GLN B 42 -51.70 41.79 5.04
CA GLN B 42 -53.03 42.36 5.23
C GLN B 42 -53.20 43.07 6.59
N GLU B 43 -53.51 42.28 7.60
CA GLU B 43 -53.75 42.78 8.95
C GLU B 43 -52.83 43.84 9.55
N THR B 44 -51.87 44.34 8.78
CA THR B 44 -50.94 45.34 9.29
C THR B 44 -50.81 46.47 8.28
N ARG B 45 -51.51 46.29 7.16
CA ARG B 45 -51.50 47.27 6.08
C ARG B 45 -50.01 47.56 5.82
N ALA B 46 -49.26 46.50 5.57
CA ALA B 46 -47.85 46.66 5.33
C ALA B 46 -47.74 46.37 3.84
N SER B 47 -46.87 47.09 3.15
CA SER B 47 -46.76 46.87 1.72
C SER B 47 -46.11 45.51 1.48
N ARG B 48 -45.04 45.23 2.21
CA ARG B 48 -44.39 43.93 2.12
C ARG B 48 -43.84 43.41 3.44
N CYS B 49 -43.99 42.10 3.65
CA CYS B 49 -43.61 41.41 4.90
C CYS B 49 -42.70 40.19 4.64
N CYS B 50 -41.86 39.85 5.62
CA CYS B 50 -40.90 38.75 5.50
C CYS B 50 -40.30 38.44 6.86
N LEU B 51 -39.78 37.22 7.01
CA LEU B 51 -39.18 36.73 8.24
C LEU B 51 -37.70 36.45 8.01
N LEU B 52 -36.87 36.96 8.90
CA LEU B 52 -35.44 36.70 8.87
C LEU B 52 -35.15 35.59 9.90
N LEU B 53 -35.00 34.35 9.47
CA LEU B 53 -34.77 33.28 10.44
C LEU B 53 -33.38 33.25 11.09
N VAL B 54 -33.37 33.40 12.41
CA VAL B 54 -32.17 33.41 13.22
C VAL B 54 -31.47 32.07 13.12
N SER B 55 -30.19 32.07 12.78
CA SER B 55 -29.42 30.83 12.55
C SER B 55 -29.25 29.92 13.74
N GLU B 56 -29.03 28.64 13.44
CA GLU B 56 -28.90 27.58 14.45
C GLU B 56 -27.86 27.92 15.49
N ASP B 57 -26.78 28.51 15.01
CA ASP B 57 -25.67 28.97 15.83
C ASP B 57 -25.98 30.36 16.37
N ASN B 58 -27.21 30.80 16.16
CA ASN B 58 -27.64 32.12 16.61
C ASN B 58 -26.65 33.23 16.20
N LEU B 59 -26.07 33.11 15.00
CA LEU B 59 -25.10 34.10 14.50
C LEU B 59 -25.34 34.62 13.06
N GLN B 60 -26.47 34.28 12.46
CA GLN B 60 -26.81 34.74 11.12
C GLN B 60 -28.30 34.75 10.83
N LEU B 61 -28.73 35.73 10.02
CA LEU B 61 -30.12 35.89 9.62
C LEU B 61 -30.27 35.27 8.24
N SER B 62 -31.43 34.69 7.97
CA SER B 62 -31.71 34.09 6.66
C SER B 62 -33.12 34.42 6.22
N CYS B 63 -33.28 34.71 4.92
CA CYS B 63 -34.59 35.05 4.36
C CYS B 63 -34.78 34.45 2.97
N LYS B 64 -35.71 33.50 2.86
CA LYS B 64 -35.97 32.85 1.59
C LYS B 64 -37.31 33.27 0.99
N VAL B 65 -38.04 34.12 1.70
CA VAL B 65 -39.33 34.55 1.19
C VAL B 65 -39.64 35.97 1.56
N ILE B 66 -39.69 36.84 0.55
CA ILE B 66 -40.08 38.24 0.75
C ILE B 66 -41.36 38.57 0.00
N GLY B 67 -42.35 39.05 0.75
CA GLY B 67 -43.64 39.44 0.20
C GLY B 67 -44.33 38.19 -0.26
N ASP B 68 -44.76 38.18 -1.52
CA ASP B 68 -45.39 36.99 -2.10
C ASP B 68 -44.48 36.37 -3.13
N LYS B 69 -43.19 36.65 -2.98
CA LYS B 69 -42.16 36.07 -3.84
C LYS B 69 -41.27 35.14 -3.02
N VAL B 70 -41.14 33.91 -3.49
CA VAL B 70 -40.30 32.91 -2.85
C VAL B 70 -38.92 32.96 -3.51
N LEU B 71 -38.01 33.70 -2.89
CA LEU B 71 -36.67 33.90 -3.45
C LEU B 71 -36.04 32.65 -4.08
N GLY B 72 -35.42 32.85 -5.25
CA GLY B 72 -34.73 31.80 -5.99
C GLY B 72 -33.55 31.27 -5.20
N GLU B 73 -32.82 32.19 -4.58
CA GLU B 73 -31.69 31.84 -3.73
C GLU B 73 -31.91 32.53 -2.36
N GLU B 74 -31.66 31.77 -1.31
CA GLU B 74 -31.85 32.23 0.05
C GLU B 74 -30.85 33.32 0.40
N VAL B 75 -31.36 34.47 0.84
CA VAL B 75 -30.52 35.59 1.24
C VAL B 75 -30.13 35.43 2.73
N SER B 76 -28.90 35.80 3.06
CA SER B 76 -28.42 35.69 4.43
C SER B 76 -27.42 36.80 4.74
N PHE B 77 -27.10 36.94 6.02
CA PHE B 77 -26.13 37.95 6.43
C PHE B 77 -25.95 37.91 7.95
N PRO B 78 -24.74 38.23 8.41
CA PRO B 78 -24.34 38.22 9.81
C PRO B 78 -25.42 38.77 10.71
N LEU B 79 -25.58 38.18 11.88
CA LEU B 79 -26.55 38.69 12.84
C LEU B 79 -25.92 39.91 13.51
N THR B 80 -26.08 41.05 12.86
CA THR B 80 -25.47 42.32 13.27
C THR B 80 -25.59 42.76 14.71
N GLY B 81 -25.76 44.08 14.89
CA GLY B 81 -25.87 44.72 16.18
C GLY B 81 -27.24 45.33 16.47
N CYS B 82 -27.69 46.22 15.59
CA CYS B 82 -29.00 46.83 15.77
C CYS B 82 -30.11 45.85 15.46
N LEU B 83 -29.79 44.90 14.59
CA LEU B 83 -30.72 43.84 14.22
C LEU B 83 -30.36 42.66 15.09
N GLY B 84 -29.19 42.72 15.71
CA GLY B 84 -28.70 41.67 16.57
C GLY B 84 -28.96 41.91 18.04
N GLN B 85 -29.56 43.06 18.36
CA GLN B 85 -29.88 43.36 19.75
C GLN B 85 -31.33 42.94 20.01
N VAL B 86 -32.10 42.84 18.92
CA VAL B 86 -33.51 42.38 18.99
C VAL B 86 -33.48 40.96 19.56
N VAL B 87 -32.68 40.12 18.92
CA VAL B 87 -32.50 38.73 19.31
C VAL B 87 -32.21 38.67 20.81
N GLU B 88 -31.39 39.62 21.28
CA GLU B 88 -30.98 39.66 22.67
C GLU B 88 -32.04 40.07 23.66
N ASP B 89 -32.51 41.31 23.60
CA ASP B 89 -33.56 41.66 24.55
C ASP B 89 -34.98 41.33 24.11
N LYS B 90 -35.09 40.60 23.01
CA LYS B 90 -36.38 40.17 22.49
C LYS B 90 -37.38 41.31 22.43
N LYS B 91 -36.88 42.50 22.09
CA LYS B 91 -37.70 43.71 21.99
C LYS B 91 -37.90 44.09 20.54
N SER B 92 -39.12 44.48 20.19
CA SER B 92 -39.43 44.87 18.81
C SER B 92 -38.97 46.29 18.54
N ILE B 93 -38.33 46.50 17.38
CA ILE B 93 -37.80 47.81 16.99
C ILE B 93 -38.43 48.36 15.72
N GLN B 94 -38.04 49.58 15.37
CA GLN B 94 -38.48 50.28 14.16
C GLN B 94 -37.35 51.00 13.42
N LEU B 95 -37.59 51.32 12.15
CA LEU B 95 -36.61 51.96 11.27
C LEU B 95 -35.75 53.01 11.92
N LYS B 96 -36.39 53.92 12.67
CA LYS B 96 -35.68 54.96 13.39
C LYS B 96 -34.61 54.38 14.34
N ASP B 97 -34.69 53.07 14.57
CA ASP B 97 -33.70 52.33 15.35
C ASP B 97 -32.87 51.65 14.26
N LEU B 98 -31.97 52.41 13.63
CA LEU B 98 -31.20 51.87 12.50
C LEU B 98 -29.71 52.10 12.49
N THR B 99 -29.00 51.13 11.91
CA THR B 99 -27.58 51.27 11.61
C THR B 99 -27.81 51.60 10.15
N SER B 100 -26.79 52.05 9.43
CA SER B 100 -26.99 52.29 8.01
C SER B 100 -26.70 50.98 7.30
N GLU B 101 -26.11 50.03 8.02
CA GLU B 101 -25.82 48.71 7.46
C GLU B 101 -27.11 47.92 7.30
N ASP B 102 -27.72 47.64 8.45
CA ASP B 102 -28.96 46.89 8.50
C ASP B 102 -29.95 47.56 7.57
N VAL B 103 -29.74 48.84 7.34
CA VAL B 103 -30.60 49.62 6.48
C VAL B 103 -30.17 49.47 5.03
N GLN B 104 -28.89 49.17 4.85
CA GLN B 104 -28.31 48.97 3.53
C GLN B 104 -28.60 47.53 3.15
N GLN B 105 -28.12 46.60 3.97
CA GLN B 105 -28.31 45.17 3.78
C GLN B 105 -29.79 44.77 3.79
N LEU B 106 -30.66 45.66 4.24
CA LEU B 106 -32.08 45.38 4.24
C LEU B 106 -32.69 45.82 2.89
N GLN B 107 -32.65 47.13 2.64
CA GLN B 107 -33.19 47.74 1.42
C GLN B 107 -32.50 47.20 0.17
N SER B 108 -31.44 46.43 0.39
CA SER B 108 -30.69 45.80 -0.68
C SER B 108 -31.34 44.45 -0.88
N MET B 109 -31.33 43.64 0.18
CA MET B 109 -31.99 42.34 0.18
C MET B 109 -33.45 42.63 -0.21
N LEU B 110 -33.99 43.70 0.37
CA LEU B 110 -35.35 44.20 0.10
C LEU B 110 -35.58 44.56 -1.37
N GLY B 111 -35.19 45.79 -1.72
CA GLY B 111 -35.28 46.33 -3.05
C GLY B 111 -35.90 47.72 -3.16
N CYS B 112 -36.00 48.45 -2.04
CA CYS B 112 -36.63 49.76 -2.15
C CYS B 112 -36.54 50.78 -1.00
N GLU B 113 -37.38 51.83 -1.13
CA GLU B 113 -37.54 52.91 -0.15
C GLU B 113 -38.04 52.36 1.18
N LEU B 114 -37.32 52.68 2.25
CA LEU B 114 -37.74 52.27 3.57
C LEU B 114 -38.19 53.49 4.33
N GLN B 115 -39.50 53.63 4.51
CA GLN B 115 -40.09 54.74 5.26
C GLN B 115 -40.52 54.24 6.62
N ALA B 116 -41.05 53.02 6.64
CA ALA B 116 -41.50 52.35 7.84
C ALA B 116 -40.80 51.02 7.97
N MET B 117 -40.95 50.38 9.12
CA MET B 117 -40.43 49.04 9.39
C MET B 117 -40.78 48.59 10.78
N LEU B 118 -41.40 47.43 10.89
CA LEU B 118 -41.79 46.89 12.19
C LEU B 118 -41.12 45.56 12.44
N CYS B 119 -40.14 45.56 13.32
CA CYS B 119 -39.46 44.32 13.64
C CYS B 119 -40.03 43.77 14.94
N VAL B 120 -40.73 42.65 14.85
CA VAL B 120 -41.30 41.99 16.02
C VAL B 120 -40.63 40.60 16.08
N PRO B 121 -39.85 40.32 17.15
CA PRO B 121 -39.10 39.07 17.38
C PRO B 121 -40.01 37.86 17.57
N VAL B 122 -39.65 36.72 16.97
CA VAL B 122 -40.48 35.54 17.16
C VAL B 122 -39.85 34.73 18.27
N ILE B 123 -40.45 34.79 19.46
CA ILE B 123 -39.96 34.05 20.60
C ILE B 123 -40.71 32.75 20.84
N SER B 124 -39.98 31.66 20.89
CA SER B 124 -40.57 30.34 21.07
C SER B 124 -40.95 30.15 22.53
N ARG B 125 -42.07 29.47 22.73
CA ARG B 125 -42.57 29.21 24.07
C ARG B 125 -41.85 27.94 24.47
N ALA B 126 -41.18 27.31 23.51
CA ALA B 126 -40.45 26.08 23.80
C ALA B 126 -39.03 26.42 24.20
N THR B 127 -38.15 26.51 23.22
CA THR B 127 -36.77 26.88 23.45
C THR B 127 -36.81 28.18 24.24
N ASP B 128 -37.73 29.05 23.82
CA ASP B 128 -37.89 30.34 24.46
C ASP B 128 -36.75 31.27 24.10
N GLN B 129 -36.67 31.57 22.81
CA GLN B 129 -35.64 32.43 22.27
C GLN B 129 -36.09 32.90 20.91
N VAL B 130 -35.68 34.10 20.53
CA VAL B 130 -36.01 34.65 19.22
C VAL B 130 -35.47 33.65 18.22
N VAL B 131 -36.37 33.15 17.39
CA VAL B 131 -36.08 32.10 16.43
C VAL B 131 -36.18 32.73 15.07
N ALA B 132 -37.00 33.77 15.01
CA ALA B 132 -37.22 34.51 13.78
C ALA B 132 -37.43 35.98 14.08
N LEU B 133 -37.12 36.81 13.09
CA LEU B 133 -37.33 38.25 13.19
C LEU B 133 -38.37 38.59 12.15
N ALA B 134 -39.62 38.74 12.58
CA ALA B 134 -40.74 39.04 11.68
C ALA B 134 -40.73 40.54 11.31
N CYS B 135 -40.61 40.84 10.01
CA CYS B 135 -40.51 42.22 9.54
C CYS B 135 -41.65 42.65 8.68
N ALA B 136 -42.10 43.88 8.96
CA ALA B 136 -43.14 44.59 8.21
C ALA B 136 -42.52 45.88 7.70
N PHE B 137 -42.74 46.16 6.42
CA PHE B 137 -42.17 47.34 5.79
C PHE B 137 -43.23 48.22 5.14
N ASN B 138 -42.82 49.45 4.86
CA ASN B 138 -43.63 50.46 4.19
C ASN B 138 -45.16 50.43 4.42
N LYS B 139 -45.59 50.87 5.60
CA LYS B 139 -47.00 50.88 5.93
C LYS B 139 -47.79 51.49 4.80
N LEU B 140 -48.74 50.72 4.30
CA LEU B 140 -49.56 51.16 3.20
C LEU B 140 -50.23 52.46 3.61
N GLU B 141 -49.77 53.58 3.03
CA GLU B 141 -50.31 54.91 3.28
C GLU B 141 -49.73 55.63 4.47
N GLY B 142 -50.67 56.06 5.33
CA GLY B 142 -50.41 56.71 6.60
C GLY B 142 -49.38 55.92 7.38
N ASP B 143 -48.16 56.01 6.88
CA ASP B 143 -46.98 55.36 7.44
C ASP B 143 -47.00 55.37 8.97
N LEU B 144 -47.82 54.49 9.55
CA LEU B 144 -47.90 54.44 11.01
C LEU B 144 -48.06 53.05 11.60
N PHE B 145 -46.94 52.38 11.86
CA PHE B 145 -46.97 51.05 12.46
C PHE B 145 -47.20 51.23 13.97
N THR B 146 -48.34 50.72 14.43
CA THR B 146 -48.83 50.85 15.81
C THR B 146 -48.33 49.84 16.86
N ASP B 147 -48.61 50.12 18.14
CA ASP B 147 -48.25 49.24 19.25
C ASP B 147 -49.23 48.05 19.23
N GLU B 148 -50.16 48.10 18.27
CA GLU B 148 -51.14 47.03 18.09
C GLU B 148 -50.86 46.31 16.78
N ASP B 149 -50.14 47.00 15.91
CA ASP B 149 -49.74 46.41 14.64
C ASP B 149 -48.74 45.36 15.06
N GLU B 150 -48.06 45.63 16.17
CA GLU B 150 -47.10 44.72 16.74
C GLU B 150 -47.82 43.56 17.41
N HIS B 151 -48.96 43.84 18.06
CA HIS B 151 -49.75 42.82 18.72
C HIS B 151 -50.26 41.75 17.77
N VAL B 152 -50.82 42.15 16.64
CA VAL B 152 -51.39 41.18 15.69
C VAL B 152 -50.35 40.16 15.21
N ILE B 153 -49.14 40.68 14.96
CA ILE B 153 -47.97 39.89 14.57
C ILE B 153 -47.69 38.81 15.62
N GLN B 154 -47.39 39.22 16.84
CA GLN B 154 -47.20 38.34 17.98
C GLN B 154 -48.27 37.26 17.98
N HIS B 155 -49.48 37.70 18.25
CA HIS B 155 -50.67 36.85 18.25
C HIS B 155 -50.63 35.72 17.13
N CYS B 156 -50.26 36.12 15.93
CA CYS B 156 -50.16 35.23 14.79
C CYS B 156 -49.19 34.05 15.03
N PHE B 157 -47.97 34.39 15.43
CA PHE B 157 -46.97 33.39 15.70
C PHE B 157 -47.26 32.54 16.93
N HIS B 158 -47.83 33.15 17.97
CA HIS B 158 -48.20 32.42 19.18
C HIS B 158 -48.89 31.13 18.82
N TYR B 159 -49.55 31.11 17.67
CA TYR B 159 -50.24 29.90 17.23
C TYR B 159 -49.52 29.26 16.07
N THR B 160 -49.13 30.14 15.16
CA THR B 160 -48.54 29.79 13.89
C THR B 160 -47.04 29.37 13.87
N SER B 161 -46.26 29.89 14.83
CA SER B 161 -44.82 29.62 14.92
C SER B 161 -44.34 28.16 15.12
N THR B 162 -45.01 27.42 15.98
CA THR B 162 -44.64 26.03 16.24
C THR B 162 -44.47 25.24 14.94
N VAL B 163 -45.59 25.11 14.22
CA VAL B 163 -45.63 24.44 12.93
C VAL B 163 -44.66 25.07 11.95
N LEU B 164 -44.64 26.40 11.84
CA LEU B 164 -43.74 27.02 10.86
C LEU B 164 -42.34 26.45 11.07
N THR B 165 -41.82 26.69 12.25
CA THR B 165 -40.52 26.20 12.63
C THR B 165 -40.26 24.71 12.40
N SER B 166 -41.21 23.85 12.70
CA SER B 166 -40.97 22.43 12.57
C SER B 166 -40.86 21.98 11.10
N THR B 167 -41.70 22.55 10.22
CA THR B 167 -41.70 22.24 8.78
C THR B 167 -40.42 22.75 8.18
N LEU B 168 -39.90 23.81 8.77
CA LEU B 168 -38.66 24.35 8.33
C LEU B 168 -37.53 23.41 8.79
N ALA B 169 -37.52 23.02 10.07
CA ALA B 169 -36.47 22.15 10.62
C ALA B 169 -36.41 20.80 9.96
N PHE B 170 -37.57 20.20 9.75
CA PHE B 170 -37.57 18.88 9.16
C PHE B 170 -36.92 18.98 7.79
N GLN B 171 -37.05 20.15 7.17
CA GLN B 171 -36.46 20.37 5.87
C GLN B 171 -34.96 20.52 5.93
N LYS B 172 -34.44 20.97 7.07
CA LYS B 172 -32.99 21.04 7.28
C LYS B 172 -32.38 19.67 7.49
N GLU B 173 -33.09 18.78 8.18
CA GLU B 173 -32.58 17.44 8.44
C GLU B 173 -32.74 16.58 7.17
N GLN B 174 -33.68 16.97 6.34
CA GLN B 174 -33.86 16.25 5.12
C GLN B 174 -32.69 16.53 4.20
N LYS B 175 -32.11 17.71 4.34
CA LYS B 175 -30.98 18.15 3.51
C LYS B 175 -29.71 17.55 4.09
N LEU B 176 -29.51 17.80 5.38
CA LEU B 176 -28.41 17.24 6.12
C LEU B 176 -28.27 15.73 5.87
N LYS B 177 -29.40 14.99 5.97
CA LYS B 177 -29.39 13.55 5.78
C LYS B 177 -28.97 13.23 4.35
N CYS B 178 -29.28 14.16 3.46
CA CYS B 178 -29.01 14.00 2.05
C CYS B 178 -27.56 14.26 1.64
N GLU B 179 -26.87 15.15 2.35
CA GLU B 179 -25.46 15.41 2.02
C GLU B 179 -24.57 14.40 2.68
N CYS B 180 -25.11 13.28 3.09
CA CYS B 180 -24.27 12.30 3.69
C CYS B 180 -24.36 11.16 2.78
N GLN B 181 -25.59 10.76 2.45
CA GLN B 181 -25.75 9.68 1.50
C GLN B 181 -24.93 10.09 0.29
N ALA B 182 -24.90 11.41 0.08
CA ALA B 182 -24.13 12.03 -0.98
C ALA B 182 -22.69 11.64 -0.77
N LEU B 183 -22.13 12.13 0.31
CA LEU B 183 -20.77 11.81 0.71
C LEU B 183 -20.52 10.29 0.85
N LEU B 184 -21.51 9.55 1.36
CA LEU B 184 -21.34 8.11 1.57
C LEU B 184 -21.01 7.62 0.18
N GLN B 185 -21.83 8.02 -0.77
CA GLN B 185 -21.59 7.68 -2.17
C GLN B 185 -20.20 7.98 -2.65
N VAL B 186 -19.87 9.27 -2.61
CA VAL B 186 -18.60 9.78 -3.06
C VAL B 186 -17.44 9.16 -2.31
N ALA B 187 -17.61 8.87 -1.03
CA ALA B 187 -16.51 8.20 -0.32
C ALA B 187 -16.26 6.91 -1.03
N LYS B 188 -17.33 6.18 -1.28
CA LYS B 188 -17.21 4.91 -1.94
C LYS B 188 -16.79 4.98 -3.42
N ASN B 189 -16.59 6.18 -3.96
CA ASN B 189 -16.20 6.27 -5.36
C ASN B 189 -14.78 6.68 -5.50
N LEU B 190 -14.31 7.49 -4.57
CA LEU B 190 -12.93 7.89 -4.54
C LEU B 190 -12.09 6.69 -4.02
N PHE B 191 -12.66 5.86 -3.14
CA PHE B 191 -11.95 4.69 -2.64
C PHE B 191 -11.82 3.45 -3.56
N THR B 192 -12.57 3.49 -4.65
CA THR B 192 -12.51 2.47 -5.70
C THR B 192 -11.50 2.85 -6.78
N HIS B 193 -10.69 3.88 -6.52
CA HIS B 193 -9.64 4.33 -7.43
C HIS B 193 -8.35 4.67 -6.71
N LEU B 194 -8.02 3.98 -5.64
CA LEU B 194 -6.75 4.24 -4.97
C LEU B 194 -5.63 3.77 -5.91
N ASP B 195 -6.03 2.94 -6.89
CA ASP B 195 -5.20 2.36 -7.99
C ASP B 195 -4.48 3.41 -8.79
N ASP B 196 -5.23 4.46 -9.11
CA ASP B 196 -4.80 5.48 -10.02
C ASP B 196 -4.98 6.89 -9.54
N VAL B 197 -3.90 7.46 -9.05
CA VAL B 197 -3.95 8.81 -8.55
C VAL B 197 -4.44 9.73 -9.64
N SER B 198 -4.40 9.25 -10.87
CA SER B 198 -4.80 10.10 -11.99
C SER B 198 -6.30 10.04 -12.19
N VAL B 199 -6.85 8.85 -12.03
CA VAL B 199 -8.27 8.67 -12.21
C VAL B 199 -8.89 9.22 -10.98
N LEU B 200 -8.26 8.93 -9.85
CA LEU B 200 -8.76 9.37 -8.56
C LEU B 200 -8.79 10.89 -8.60
N LEU B 201 -7.67 11.48 -8.96
CA LEU B 201 -7.62 12.92 -9.02
C LEU B 201 -8.75 13.48 -9.86
N GLN B 202 -9.20 12.73 -10.86
CA GLN B 202 -10.30 13.17 -11.72
C GLN B 202 -11.60 13.11 -10.97
N GLU B 203 -11.79 11.99 -10.29
CA GLU B 203 -13.02 11.72 -9.52
C GLU B 203 -13.24 12.88 -8.56
N ILE B 204 -12.20 13.20 -7.82
CA ILE B 204 -12.23 14.27 -6.86
C ILE B 204 -12.78 15.53 -7.50
N ILE B 205 -12.37 15.79 -8.74
CA ILE B 205 -12.84 16.97 -9.49
C ILE B 205 -14.32 16.85 -9.87
N THR B 206 -14.69 15.78 -10.56
CA THR B 206 -16.09 15.56 -10.92
C THR B 206 -16.89 15.73 -9.65
N GLU B 207 -16.77 14.76 -8.75
CA GLU B 207 -17.48 14.79 -7.48
C GLU B 207 -17.50 16.16 -6.82
N ALA B 208 -16.35 16.81 -6.70
CA ALA B 208 -16.26 18.12 -6.04
C ALA B 208 -17.08 19.18 -6.75
N ARG B 209 -17.29 18.98 -8.04
CA ARG B 209 -18.05 19.93 -8.83
C ARG B 209 -19.55 19.76 -8.70
N ASN B 210 -20.02 18.52 -8.59
CA ASN B 210 -21.45 18.25 -8.41
C ASN B 210 -21.91 18.49 -6.99
N LEU B 211 -21.04 18.17 -6.05
CA LEU B 211 -21.35 18.33 -4.65
C LEU B 211 -21.61 19.80 -4.37
N SER B 212 -20.67 20.65 -4.76
CA SER B 212 -20.86 22.06 -4.54
C SER B 212 -21.66 22.68 -5.69
N ASN B 213 -21.63 22.06 -6.87
CA ASN B 213 -22.30 22.58 -8.07
C ASN B 213 -21.47 23.73 -8.65
N ALA B 214 -20.19 23.44 -8.92
CA ALA B 214 -19.30 24.46 -9.45
C ALA B 214 -19.28 24.38 -10.97
N GLU B 215 -18.89 25.48 -11.63
CA GLU B 215 -18.75 25.50 -13.09
C GLU B 215 -17.50 24.67 -13.40
N ILE B 216 -16.49 24.83 -12.54
CA ILE B 216 -15.22 24.16 -12.73
C ILE B 216 -14.36 23.96 -11.46
N CYS B 217 -13.74 22.79 -11.36
CA CYS B 217 -12.77 22.53 -10.28
C CYS B 217 -11.39 22.14 -10.82
N SER B 218 -10.36 22.65 -10.17
CA SER B 218 -9.00 22.31 -10.51
C SER B 218 -8.38 21.82 -9.20
N VAL B 219 -7.48 20.86 -9.28
CA VAL B 219 -6.88 20.36 -8.06
C VAL B 219 -5.36 20.40 -8.09
N PHE B 220 -4.78 20.99 -7.05
CA PHE B 220 -3.32 21.11 -6.94
C PHE B 220 -2.73 20.20 -5.88
N LEU B 221 -1.67 19.50 -6.24
CA LEU B 221 -1.03 18.67 -5.28
C LEU B 221 0.31 19.28 -4.99
N LEU B 222 0.51 19.65 -3.73
CA LEU B 222 1.77 20.21 -3.30
C LEU B 222 2.93 19.29 -3.69
N ASP B 223 3.89 19.84 -4.44
CA ASP B 223 5.11 19.12 -4.81
C ASP B 223 6.29 19.86 -4.20
N GLN B 224 6.44 19.68 -2.90
CA GLN B 224 7.49 20.31 -2.14
C GLN B 224 7.25 21.77 -1.81
N ASN B 225 7.77 22.65 -2.68
CA ASN B 225 7.61 24.08 -2.48
C ASN B 225 6.77 24.66 -3.64
N GLU B 226 5.87 23.86 -4.18
CA GLU B 226 5.06 24.34 -5.29
C GLU B 226 3.83 23.48 -5.56
N LEU B 227 2.83 24.12 -6.15
CA LEU B 227 1.55 23.48 -6.49
C LEU B 227 1.57 22.93 -7.91
N VAL B 228 1.15 21.67 -8.05
CA VAL B 228 1.11 21.05 -9.35
C VAL B 228 -0.29 20.53 -9.62
N ALA B 229 -1.09 21.30 -10.32
CA ALA B 229 -2.42 20.87 -10.73
C ALA B 229 -2.22 20.57 -12.20
N LYS B 230 -1.74 19.37 -12.48
CA LYS B 230 -1.48 18.95 -13.85
C LYS B 230 -2.79 19.14 -14.59
N VAL B 231 -3.86 18.71 -13.93
CA VAL B 231 -5.21 18.81 -14.45
C VAL B 231 -5.52 20.11 -15.24
N SER B 241 -4.77 16.39 -21.29
CA SER B 241 -4.27 16.60 -19.93
C SER B 241 -2.80 17.01 -19.93
N TYR B 242 -2.50 18.12 -19.28
CA TYR B 242 -1.12 18.63 -19.16
C TYR B 242 -0.63 18.70 -17.73
N GLU B 243 0.55 19.28 -17.54
CA GLU B 243 1.14 19.45 -16.22
C GLU B 243 1.40 20.93 -15.91
N ILE B 244 0.82 21.41 -14.80
CA ILE B 244 0.94 22.83 -14.39
C ILE B 244 1.59 23.08 -13.04
N ARG B 245 2.85 23.47 -13.05
CA ARG B 245 3.58 23.80 -11.83
C ARG B 245 3.31 25.26 -11.53
N ILE B 246 3.80 25.70 -10.37
CA ILE B 246 3.62 27.07 -9.94
C ILE B 246 4.03 27.19 -8.48
N PRO B 247 4.37 28.40 -8.02
CA PRO B 247 4.82 28.49 -6.63
C PRO B 247 3.71 28.20 -5.62
N ALA B 248 4.04 27.34 -4.67
CA ALA B 248 3.14 26.89 -3.60
C ALA B 248 2.45 27.98 -2.76
N ASP B 249 3.04 29.17 -2.74
CA ASP B 249 2.52 30.33 -1.98
C ASP B 249 1.92 31.46 -2.84
N GLN B 250 1.91 31.24 -4.14
CA GLN B 250 1.43 32.23 -5.08
C GLN B 250 -0.05 32.12 -5.38
N GLY B 251 -0.69 33.29 -5.48
CA GLY B 251 -2.10 33.43 -5.81
C GLY B 251 -3.06 32.86 -4.77
N ILE B 252 -4.27 32.54 -5.22
CA ILE B 252 -5.28 31.96 -4.32
C ILE B 252 -4.75 30.65 -3.74
N ALA B 253 -4.55 29.68 -4.64
CA ALA B 253 -4.03 28.36 -4.30
C ALA B 253 -2.87 28.44 -3.31
N GLY B 254 -1.87 29.25 -3.64
CA GLY B 254 -0.71 29.43 -2.77
C GLY B 254 -1.07 29.90 -1.36
N HIS B 255 -1.96 30.87 -1.24
CA HIS B 255 -2.36 31.36 0.07
C HIS B 255 -2.97 30.21 0.88
N VAL B 256 -4.09 29.71 0.37
CA VAL B 256 -4.85 28.62 0.97
C VAL B 256 -3.92 27.47 1.32
N ALA B 257 -2.97 27.20 0.45
CA ALA B 257 -2.02 26.12 0.67
C ALA B 257 -1.05 26.48 1.80
N THR B 258 -0.67 27.74 1.79
CA THR B 258 0.25 28.28 2.78
C THR B 258 -0.46 28.28 4.14
N THR B 259 -1.59 28.98 4.20
CA THR B 259 -2.38 29.14 5.43
C THR B 259 -3.12 27.90 5.97
N GLY B 260 -3.37 26.92 5.10
CA GLY B 260 -4.07 25.70 5.48
C GLY B 260 -5.53 25.91 5.88
N GLN B 261 -6.12 27.02 5.44
CA GLN B 261 -7.53 27.32 5.76
C GLN B 261 -8.34 27.79 4.55
N ILE B 262 -9.55 27.23 4.42
CA ILE B 262 -10.46 27.55 3.32
C ILE B 262 -10.46 29.04 2.97
N LEU B 263 -11.05 29.38 1.82
CA LEU B 263 -11.17 30.78 1.40
C LEU B 263 -12.39 30.96 0.48
N ASN B 264 -13.37 31.76 0.92
CA ASN B 264 -14.56 31.98 0.07
C ASN B 264 -14.59 33.36 -0.56
N ILE B 265 -14.97 33.37 -1.83
CA ILE B 265 -15.04 34.59 -2.64
C ILE B 265 -16.42 34.71 -3.29
N PRO B 266 -17.11 35.84 -3.02
CA PRO B 266 -18.39 36.35 -3.52
C PRO B 266 -18.15 36.84 -4.96
N ASP B 267 -17.29 37.86 -5.10
CA ASP B 267 -16.83 38.38 -6.39
C ASP B 267 -15.32 38.19 -6.32
N ALA B 268 -14.73 37.78 -7.44
CA ALA B 268 -13.29 37.50 -7.51
C ALA B 268 -12.47 38.75 -7.78
N TYR B 269 -13.16 39.75 -8.34
CA TYR B 269 -12.59 41.03 -8.75
C TYR B 269 -12.40 42.01 -7.59
N ARG B 285 -15.39 33.86 -18.04
CA ARG B 285 -16.68 33.89 -17.36
C ARG B 285 -16.50 33.72 -15.85
N THR B 286 -15.51 34.41 -15.28
CA THR B 286 -15.23 34.33 -13.85
C THR B 286 -16.46 34.71 -13.00
N ARG B 287 -16.18 35.02 -11.74
CA ARG B 287 -17.13 35.46 -10.72
C ARG B 287 -16.61 35.09 -9.33
N ASN B 288 -17.10 33.99 -8.77
CA ASN B 288 -16.67 33.54 -7.45
C ASN B 288 -15.67 32.38 -7.48
N ILE B 289 -15.08 32.12 -6.32
CA ILE B 289 -14.13 31.03 -6.15
C ILE B 289 -14.12 30.52 -4.72
N LEU B 290 -14.42 29.23 -4.57
CA LEU B 290 -14.30 28.57 -3.29
C LEU B 290 -13.06 27.70 -3.41
N CYS B 291 -12.08 27.97 -2.56
CA CYS B 291 -10.83 27.21 -2.61
C CYS B 291 -10.53 26.63 -1.23
N PHE B 292 -10.17 25.34 -1.21
CA PHE B 292 -9.89 24.69 0.05
C PHE B 292 -8.65 23.77 0.05
N PRO B 293 -8.02 23.63 1.21
CA PRO B 293 -6.82 22.84 1.49
C PRO B 293 -7.08 21.34 1.47
N ILE B 294 -6.03 20.52 1.56
CA ILE B 294 -6.21 19.08 1.61
C ILE B 294 -5.65 18.40 2.87
N LYS B 295 -4.40 18.69 3.19
CA LYS B 295 -3.81 18.19 4.43
C LYS B 295 -3.96 16.69 4.73
N ASN B 296 -2.94 16.14 5.38
CA ASN B 296 -2.89 14.72 5.68
C ASN B 296 -3.20 14.43 7.13
N GLU B 297 -2.92 13.20 7.52
CA GLU B 297 -3.21 12.70 8.87
C GLU B 297 -2.95 13.69 9.96
N ASN B 298 -1.92 14.51 9.76
CA ASN B 298 -1.59 15.54 10.73
C ASN B 298 -2.47 16.78 10.51
N GLN B 299 -2.11 17.54 9.50
CA GLN B 299 -2.87 18.70 9.15
C GLN B 299 -1.98 19.37 8.17
N GLU B 300 -1.08 18.56 7.63
CA GLU B 300 -0.16 19.01 6.61
C GLU B 300 -0.87 19.14 5.26
N VAL B 301 -1.25 20.37 4.87
CA VAL B 301 -1.86 20.61 3.56
C VAL B 301 -1.00 19.86 2.53
N ILE B 302 -1.61 18.89 1.86
CA ILE B 302 -0.91 18.04 0.91
C ILE B 302 -1.29 18.36 -0.54
N GLY B 303 -2.33 19.18 -0.69
CA GLY B 303 -2.89 19.57 -1.97
C GLY B 303 -3.94 20.64 -1.74
N VAL B 304 -4.51 21.15 -2.82
CA VAL B 304 -5.47 22.24 -2.72
C VAL B 304 -6.42 22.18 -3.89
N ALA B 305 -7.68 22.52 -3.67
CA ALA B 305 -8.64 22.55 -4.76
C ALA B 305 -9.50 23.81 -4.80
N GLU B 306 -9.72 24.33 -6.00
CA GLU B 306 -10.57 25.50 -6.15
C GLU B 306 -11.72 25.34 -7.14
N LEU B 307 -12.90 25.76 -6.69
CA LEU B 307 -14.09 25.70 -7.50
C LEU B 307 -14.41 27.10 -7.96
N VAL B 308 -14.80 27.22 -9.22
CA VAL B 308 -15.13 28.53 -9.77
C VAL B 308 -16.59 28.66 -10.21
N ASN B 309 -17.16 29.80 -9.86
CA ASN B 309 -18.50 30.15 -10.27
C ASN B 309 -19.55 29.15 -9.84
N LYS B 310 -20.55 29.68 -9.14
CA LYS B 310 -21.67 28.87 -8.70
C LYS B 310 -22.74 28.78 -9.80
N ILE B 311 -23.35 27.60 -9.93
CA ILE B 311 -24.43 27.40 -10.89
C ILE B 311 -25.70 27.65 -10.08
N ASN B 312 -26.61 28.44 -10.63
CA ASN B 312 -27.84 28.86 -9.93
C ASN B 312 -27.45 29.55 -8.62
N GLY B 313 -26.73 30.67 -8.70
CA GLY B 313 -26.33 31.32 -7.46
C GLY B 313 -25.35 32.46 -7.54
N PRO B 314 -25.36 33.29 -6.51
CA PRO B 314 -24.46 34.45 -6.45
C PRO B 314 -23.05 34.06 -6.04
N TRP B 315 -22.94 33.02 -5.21
CA TRP B 315 -21.65 32.57 -4.70
C TRP B 315 -21.67 31.16 -4.10
N PHE B 316 -20.96 31.00 -2.99
CA PHE B 316 -20.89 29.71 -2.31
C PHE B 316 -21.56 29.74 -0.94
N SER B 317 -22.64 28.96 -0.83
CA SER B 317 -23.39 28.86 0.42
C SER B 317 -22.37 28.63 1.51
N LYS B 318 -22.46 29.40 2.59
CA LYS B 318 -21.53 29.21 3.70
C LYS B 318 -21.73 27.81 4.25
N PHE B 319 -22.61 27.06 3.59
CA PHE B 319 -22.88 25.66 3.87
C PHE B 319 -21.99 24.91 2.87
N ASP B 320 -21.83 25.52 1.69
CA ASP B 320 -20.93 25.01 0.69
C ASP B 320 -19.59 25.42 1.26
N GLU B 321 -19.09 24.68 2.24
CA GLU B 321 -17.83 25.03 2.87
C GLU B 321 -17.59 23.93 3.88
N ASP B 322 -18.61 23.68 4.69
CA ASP B 322 -18.58 22.62 5.68
C ASP B 322 -18.79 21.32 4.90
N LEU B 323 -19.50 21.46 3.77
CA LEU B 323 -19.73 20.34 2.89
C LEU B 323 -18.44 20.14 2.13
N ALA B 324 -17.81 21.23 1.73
CA ALA B 324 -16.54 21.12 1.05
C ALA B 324 -15.45 20.61 2.00
N THR B 325 -15.51 21.03 3.25
CA THR B 325 -14.56 20.57 4.23
C THR B 325 -14.80 19.09 4.47
N ALA B 326 -16.07 18.70 4.50
CA ALA B 326 -16.42 17.32 4.76
C ALA B 326 -15.73 16.48 3.70
N PHE B 327 -16.04 16.80 2.44
CA PHE B 327 -15.51 16.14 1.26
C PHE B 327 -13.99 16.11 1.37
N SER B 328 -13.43 17.27 1.62
CA SER B 328 -12.00 17.48 1.68
C SER B 328 -11.25 16.58 2.61
N ILE B 329 -11.97 15.86 3.46
CA ILE B 329 -11.32 14.93 4.39
C ILE B 329 -11.10 13.68 3.57
N TYR B 330 -12.08 13.34 2.75
CA TYR B 330 -11.97 12.14 1.99
C TYR B 330 -10.99 12.28 0.84
N CYS B 331 -10.78 13.51 0.40
CA CYS B 331 -9.79 13.78 -0.64
C CYS B 331 -8.37 13.60 -0.11
N GLY B 332 -8.11 14.09 1.10
CA GLY B 332 -6.82 13.99 1.76
C GLY B 332 -6.52 12.57 2.13
N ILE B 333 -7.53 11.87 2.66
CA ILE B 333 -7.40 10.45 3.02
C ILE B 333 -7.05 9.64 1.78
N SER B 334 -7.78 9.85 0.71
CA SER B 334 -7.54 9.09 -0.51
C SER B 334 -6.30 9.48 -1.29
N ILE B 335 -6.01 10.78 -1.39
CA ILE B 335 -4.82 11.19 -2.12
C ILE B 335 -3.63 10.63 -1.39
N ALA B 336 -3.60 10.84 -0.08
CA ALA B 336 -2.49 10.38 0.74
C ALA B 336 -2.14 8.90 0.52
N HIS B 337 -3.13 8.03 0.57
CA HIS B 337 -2.82 6.65 0.38
C HIS B 337 -2.50 6.39 -1.07
N SER B 338 -3.29 6.98 -1.96
CA SER B 338 -3.10 6.82 -3.42
C SER B 338 -1.71 7.10 -3.94
N LEU B 339 -1.06 8.13 -3.39
CA LEU B 339 0.31 8.48 -3.74
C LEU B 339 1.24 7.49 -3.07
N LEU B 340 1.03 7.28 -1.79
CA LEU B 340 1.84 6.35 -1.03
C LEU B 340 1.87 4.96 -1.60
N TYR B 341 0.97 4.68 -2.53
CA TYR B 341 0.84 3.35 -3.15
C TYR B 341 1.52 3.40 -4.49
N LYS B 342 1.53 4.56 -5.11
CA LYS B 342 2.24 4.70 -6.35
C LYS B 342 3.73 4.48 -6.04
N LYS B 343 4.26 5.26 -5.07
CA LYS B 343 5.67 5.19 -4.67
C LYS B 343 6.19 3.78 -4.58
N VAL B 344 5.41 2.89 -3.98
CA VAL B 344 5.77 1.47 -3.86
C VAL B 344 5.80 0.81 -5.24
N ASN B 345 4.64 0.72 -5.86
CA ASN B 345 4.59 0.16 -7.18
C ASN B 345 5.68 0.66 -8.13
N GLU B 346 6.00 1.95 -8.07
CA GLU B 346 7.07 2.48 -8.92
C GLU B 346 8.34 1.75 -8.53
N ALA B 347 8.79 1.98 -7.30
CA ALA B 347 10.01 1.39 -6.75
C ALA B 347 10.09 -0.09 -7.01
N GLN B 348 9.15 -0.80 -6.44
CA GLN B 348 9.07 -2.23 -6.53
C GLN B 348 9.22 -2.72 -7.97
N TYR B 349 8.85 -1.88 -8.92
CA TYR B 349 8.94 -2.22 -10.32
C TYR B 349 10.41 -2.17 -10.72
N ARG B 350 11.05 -1.00 -10.50
CA ARG B 350 12.46 -0.80 -10.76
C ARG B 350 13.24 -1.95 -10.10
N SER B 351 12.76 -2.45 -8.97
CA SER B 351 13.44 -3.51 -8.21
C SER B 351 13.54 -4.75 -9.04
N HIS B 352 12.55 -5.02 -9.86
CA HIS B 352 12.55 -6.27 -10.61
C HIS B 352 13.11 -6.11 -12.01
N LEU B 353 13.03 -4.89 -12.54
CA LEU B 353 13.57 -4.55 -13.87
C LEU B 353 15.00 -5.02 -13.77
N ALA B 354 15.57 -4.74 -12.59
CA ALA B 354 16.93 -5.13 -12.22
C ALA B 354 16.98 -6.61 -11.98
N ASN B 355 16.12 -7.13 -11.13
CA ASN B 355 16.16 -8.56 -10.90
C ASN B 355 15.94 -9.37 -12.14
N GLU B 356 15.15 -8.94 -13.10
CA GLU B 356 15.08 -9.83 -14.24
C GLU B 356 16.42 -9.82 -14.97
N MET B 357 17.24 -8.80 -14.70
CA MET B 357 18.57 -8.74 -15.27
C MET B 357 19.46 -9.90 -14.80
N MET B 358 19.39 -10.25 -13.52
CA MET B 358 20.15 -11.40 -12.96
C MET B 358 19.59 -12.68 -13.55
N MET B 359 18.30 -12.68 -13.88
CA MET B 359 17.75 -13.85 -14.54
C MET B 359 18.27 -13.72 -15.96
N TYR B 360 18.50 -14.84 -16.61
CA TYR B 360 18.89 -14.79 -18.00
C TYR B 360 17.52 -14.91 -18.65
N HIS B 361 16.60 -14.20 -17.95
CA HIS B 361 15.14 -14.09 -18.13
C HIS B 361 14.29 -15.37 -18.01
N MET B 362 14.86 -16.34 -17.28
CA MET B 362 14.28 -17.67 -17.06
C MET B 362 12.80 -17.90 -17.37
N LYS B 363 12.62 -18.82 -18.29
CA LYS B 363 11.33 -19.13 -18.83
C LYS B 363 10.62 -20.27 -18.12
N VAL B 364 9.81 -19.98 -17.11
CA VAL B 364 9.00 -21.06 -16.59
C VAL B 364 7.54 -20.76 -16.92
N SER B 365 7.13 -21.23 -18.10
CA SER B 365 5.80 -21.05 -18.65
C SER B 365 4.77 -21.78 -17.81
N ASP B 366 3.53 -21.32 -17.86
CA ASP B 366 2.46 -21.96 -17.11
C ASP B 366 2.31 -23.42 -17.54
N ASP B 367 2.34 -23.63 -18.85
CA ASP B 367 2.20 -24.97 -19.38
C ASP B 367 3.26 -25.85 -18.74
N GLU B 368 4.47 -25.32 -18.68
CA GLU B 368 5.63 -26.00 -18.11
C GLU B 368 5.34 -26.53 -16.72
N TYR B 369 4.90 -25.63 -15.85
CA TYR B 369 4.62 -25.98 -14.46
C TYR B 369 3.37 -26.80 -14.26
N THR B 370 2.31 -26.48 -14.99
CA THR B 370 1.11 -27.30 -14.88
C THR B 370 1.44 -28.71 -15.35
N LYS B 371 2.23 -28.83 -16.41
CA LYS B 371 2.63 -30.14 -16.95
C LYS B 371 3.34 -31.01 -15.90
N LEU B 372 4.31 -30.42 -15.19
CA LEU B 372 5.02 -31.12 -14.14
C LEU B 372 4.01 -31.34 -13.01
N LEU B 373 3.30 -30.28 -12.64
CA LEU B 373 2.31 -30.32 -11.56
C LEU B 373 0.96 -30.88 -12.01
N HIS B 374 0.92 -32.16 -12.37
CA HIS B 374 -0.32 -32.77 -12.79
C HIS B 374 -0.96 -33.56 -11.66
N ASP B 375 -1.41 -32.79 -10.65
CA ASP B 375 -2.06 -33.28 -9.43
C ASP B 375 -1.36 -34.44 -8.71
N GLY B 376 -0.44 -35.12 -9.40
CA GLY B 376 0.27 -36.22 -8.78
C GLY B 376 1.71 -35.87 -8.48
N ILE B 377 2.03 -35.62 -7.21
CA ILE B 377 3.40 -35.33 -6.83
C ILE B 377 4.16 -36.64 -6.80
N GLN B 378 3.41 -37.75 -6.75
CA GLN B 378 4.02 -39.07 -6.73
C GLN B 378 4.72 -39.36 -5.41
N PRO B 379 4.89 -40.65 -5.10
CA PRO B 379 5.63 -40.81 -3.84
C PRO B 379 7.03 -41.34 -4.11
N VAL B 380 7.95 -41.04 -3.20
CA VAL B 380 9.32 -41.49 -3.36
C VAL B 380 9.34 -42.98 -3.59
N ALA B 381 8.52 -43.70 -2.84
CA ALA B 381 8.40 -45.16 -2.92
C ALA B 381 8.25 -45.70 -4.36
N ALA B 382 7.47 -45.00 -5.17
CA ALA B 382 7.26 -45.40 -6.55
C ALA B 382 8.40 -44.98 -7.48
N ILE B 383 9.36 -44.22 -6.94
CA ILE B 383 10.50 -43.76 -7.74
C ILE B 383 11.39 -44.95 -8.02
N ASP B 384 11.74 -45.67 -6.96
CA ASP B 384 12.59 -46.84 -7.06
C ASP B 384 12.71 -47.52 -5.70
N SER B 385 13.03 -48.82 -5.69
CA SER B 385 13.20 -49.53 -4.45
C SER B 385 14.27 -48.79 -3.67
N ASN B 386 15.52 -49.07 -4.01
CA ASN B 386 16.76 -48.49 -3.46
C ASN B 386 16.90 -46.93 -3.56
N PHE B 387 15.83 -46.25 -3.95
CA PHE B 387 15.86 -44.80 -4.08
C PHE B 387 16.33 -44.09 -2.82
N ALA B 388 16.27 -44.77 -1.69
CA ALA B 388 16.67 -44.14 -0.45
C ALA B 388 17.88 -44.71 0.21
N SER B 389 18.50 -45.72 -0.38
CA SER B 389 19.71 -46.26 0.26
C SER B 389 21.00 -45.66 -0.28
N PHE B 390 21.93 -45.45 0.63
CA PHE B 390 23.25 -44.93 0.33
C PHE B 390 23.89 -45.54 -0.92
N THR B 391 23.33 -46.60 -1.44
CA THR B 391 23.92 -47.22 -2.61
C THR B 391 23.29 -46.73 -3.91
N TYR B 392 22.33 -45.83 -3.78
CA TYR B 392 21.63 -45.29 -4.94
C TYR B 392 22.55 -44.33 -5.73
N THR B 393 22.30 -44.18 -7.02
CA THR B 393 23.09 -43.25 -7.82
C THR B 393 22.18 -42.27 -8.52
N PRO B 394 21.86 -41.14 -7.87
CA PRO B 394 20.98 -40.11 -8.41
C PRO B 394 21.17 -39.84 -9.90
N ARG B 395 22.41 -39.89 -10.37
CA ARG B 395 22.70 -39.60 -11.77
C ARG B 395 22.11 -40.69 -12.64
N SER B 396 21.66 -41.76 -11.98
CA SER B 396 21.13 -42.89 -12.70
C SER B 396 19.78 -42.61 -13.30
N LEU B 397 19.05 -41.65 -12.72
CA LEU B 397 17.75 -41.29 -13.25
C LEU B 397 17.80 -40.55 -14.56
N PRO B 398 16.62 -40.38 -15.17
CA PRO B 398 16.38 -39.63 -16.38
C PRO B 398 16.48 -38.17 -15.91
N GLU B 399 16.76 -37.23 -16.82
CA GLU B 399 16.84 -35.83 -16.42
C GLU B 399 15.49 -35.11 -16.40
N ASP B 400 14.48 -35.69 -17.05
CA ASP B 400 13.12 -35.12 -17.08
C ASP B 400 12.28 -35.73 -16.01
N ASP B 401 12.84 -36.73 -15.34
CA ASP B 401 12.18 -37.35 -14.22
C ASP B 401 12.77 -36.83 -12.91
N THR B 402 13.66 -35.83 -12.99
CA THR B 402 14.36 -35.24 -11.82
C THR B 402 13.55 -34.25 -11.00
N SER B 403 13.04 -33.22 -11.64
CA SER B 403 12.29 -32.20 -10.86
C SER B 403 11.12 -32.84 -10.06
N MET B 404 10.61 -33.97 -10.57
CA MET B 404 9.57 -34.68 -9.87
C MET B 404 10.18 -35.10 -8.55
N ALA B 405 11.20 -35.95 -8.63
CA ALA B 405 11.87 -36.51 -7.48
C ALA B 405 12.11 -35.47 -6.39
N ILE B 406 12.47 -34.26 -6.77
CA ILE B 406 12.61 -33.16 -5.81
C ILE B 406 11.30 -32.89 -5.07
N LEU B 407 10.18 -32.94 -5.77
CA LEU B 407 8.87 -32.71 -5.18
C LEU B 407 8.57 -33.89 -4.30
N SER B 408 8.84 -35.07 -4.79
CA SER B 408 8.62 -36.22 -3.94
C SER B 408 9.68 -36.35 -2.82
N MET B 409 10.76 -35.58 -2.88
CA MET B 409 11.81 -35.72 -1.88
C MET B 409 11.53 -34.84 -0.73
N LEU B 410 10.93 -33.70 -1.04
CA LEU B 410 10.62 -32.73 0.00
C LEU B 410 9.27 -33.16 0.55
N GLN B 411 8.45 -33.72 -0.32
CA GLN B 411 7.12 -34.16 0.09
C GLN B 411 7.31 -35.08 1.29
N ASP B 412 8.04 -36.17 1.04
CA ASP B 412 8.31 -37.20 2.02
C ASP B 412 9.11 -36.72 3.24
N MET B 413 9.67 -35.51 3.14
CA MET B 413 10.41 -34.98 4.26
C MET B 413 9.42 -34.05 4.94
N ASN B 414 8.15 -34.20 4.56
CA ASN B 414 7.05 -33.42 5.10
C ASN B 414 7.47 -31.99 5.16
N PHE B 415 7.60 -31.34 4.02
CA PHE B 415 7.99 -29.95 4.07
C PHE B 415 6.94 -29.06 3.41
N ILE B 416 6.28 -29.61 2.39
CA ILE B 416 5.19 -28.92 1.69
C ILE B 416 4.03 -28.61 2.68
N ASN B 417 3.52 -29.61 3.38
CA ASN B 417 2.44 -29.35 4.31
C ASN B 417 2.95 -28.71 5.60
N ASN B 418 4.02 -29.27 6.16
CA ASN B 418 4.61 -28.72 7.37
C ASN B 418 4.79 -27.20 7.28
N TYR B 419 5.00 -26.66 6.08
CA TYR B 419 5.19 -25.20 5.87
C TYR B 419 4.13 -24.58 4.95
N LYS B 420 3.24 -25.43 4.44
CA LYS B 420 2.16 -24.95 3.57
C LYS B 420 2.74 -24.28 2.36
N ILE B 421 3.42 -25.09 1.55
CA ILE B 421 4.05 -24.65 0.33
C ILE B 421 3.05 -24.75 -0.80
N ASP B 422 2.74 -23.60 -1.43
CA ASP B 422 1.85 -23.53 -2.59
C ASP B 422 2.63 -24.32 -3.62
N CYS B 423 2.00 -25.30 -4.24
CA CYS B 423 2.75 -26.11 -5.19
C CYS B 423 3.06 -25.39 -6.46
N PRO B 424 2.04 -24.73 -7.04
CA PRO B 424 2.21 -23.92 -8.24
C PRO B 424 3.46 -23.03 -8.09
N THR B 425 3.79 -22.67 -6.86
CA THR B 425 4.95 -21.83 -6.55
C THR B 425 6.20 -22.69 -6.44
N LEU B 426 6.07 -23.76 -5.69
CA LEU B 426 7.17 -24.67 -5.46
C LEU B 426 7.63 -25.32 -6.75
N ALA B 427 6.68 -25.81 -7.53
CA ALA B 427 7.01 -26.42 -8.81
C ALA B 427 7.58 -25.37 -9.75
N ARG B 428 7.31 -24.10 -9.48
CA ARG B 428 7.85 -23.05 -10.33
C ARG B 428 9.30 -22.76 -9.92
N PHE B 429 9.55 -22.80 -8.62
CA PHE B 429 10.87 -22.65 -8.05
C PHE B 429 11.78 -23.73 -8.65
N CYS B 430 11.42 -24.99 -8.43
CA CYS B 430 12.19 -26.12 -8.91
C CYS B 430 12.56 -26.07 -10.39
N LEU B 431 11.63 -25.62 -11.21
CA LEU B 431 11.85 -25.53 -12.65
C LEU B 431 12.75 -24.35 -12.98
N MET B 432 12.62 -23.29 -12.18
CA MET B 432 13.43 -22.13 -12.34
C MET B 432 14.84 -22.42 -11.89
N VAL B 433 15.01 -23.16 -10.78
CA VAL B 433 16.35 -23.45 -10.28
C VAL B 433 17.04 -24.38 -11.24
N LYS B 434 16.26 -25.23 -11.89
CA LYS B 434 16.82 -26.15 -12.87
C LYS B 434 17.28 -25.39 -14.13
N LYS B 435 16.42 -24.53 -14.62
CA LYS B 435 16.73 -23.75 -15.81
C LYS B 435 17.87 -22.76 -15.49
N GLY B 436 18.20 -22.64 -14.20
CA GLY B 436 19.24 -21.76 -13.72
C GLY B 436 20.61 -22.40 -13.72
N TYR B 437 20.66 -23.70 -13.93
CA TYR B 437 21.96 -24.34 -14.02
C TYR B 437 22.41 -24.21 -15.46
N ARG B 438 23.71 -24.12 -15.68
CA ARG B 438 24.19 -24.01 -17.06
C ARG B 438 24.65 -25.37 -17.53
N ASP B 439 25.73 -25.43 -18.29
CA ASP B 439 26.14 -26.71 -18.81
C ASP B 439 27.58 -27.13 -18.76
N PRO B 440 28.23 -27.04 -17.60
CA PRO B 440 29.57 -27.58 -17.80
C PRO B 440 29.58 -29.10 -17.64
N PRO B 441 30.76 -29.72 -17.81
CA PRO B 441 30.81 -31.16 -17.63
C PRO B 441 30.25 -31.55 -16.30
N TYR B 442 30.81 -30.97 -15.24
CA TYR B 442 30.48 -31.30 -13.86
C TYR B 442 29.49 -30.43 -13.13
N HIS B 443 29.70 -29.13 -13.20
CA HIS B 443 28.86 -28.20 -12.50
C HIS B 443 27.57 -27.93 -13.23
N ASN B 444 26.72 -28.95 -13.32
CA ASN B 444 25.42 -28.83 -14.00
C ASN B 444 24.25 -29.23 -13.10
N TRP B 445 23.01 -28.93 -13.49
CA TRP B 445 21.84 -29.30 -12.68
C TRP B 445 21.90 -30.75 -12.22
N MET B 446 22.47 -31.59 -13.05
CA MET B 446 22.46 -32.98 -12.67
C MET B 446 23.30 -33.16 -11.42
N HIS B 447 24.28 -32.29 -11.20
CA HIS B 447 25.11 -32.35 -10.00
C HIS B 447 24.33 -31.80 -8.84
N ALA B 448 23.56 -30.76 -9.06
CA ALA B 448 22.73 -30.19 -8.01
C ALA B 448 21.68 -31.19 -7.54
N PHE B 449 21.08 -31.95 -8.44
CA PHE B 449 20.10 -32.96 -8.02
C PHE B 449 20.83 -34.05 -7.20
N SER B 450 21.80 -34.73 -7.78
CA SER B 450 22.50 -35.74 -7.02
C SER B 450 23.12 -35.27 -5.69
N VAL B 451 23.26 -33.95 -5.54
CA VAL B 451 23.81 -33.38 -4.29
C VAL B 451 22.69 -33.22 -3.27
N SER B 452 21.54 -32.79 -3.76
CA SER B 452 20.34 -32.64 -2.95
C SER B 452 19.81 -34.02 -2.56
N HIS B 453 19.86 -34.98 -3.48
CA HIS B 453 19.32 -36.30 -3.21
C HIS B 453 20.08 -36.91 -2.07
N PHE B 454 21.38 -36.59 -1.97
CA PHE B 454 22.21 -37.07 -0.86
C PHE B 454 21.69 -36.48 0.43
N CYS B 455 21.49 -35.17 0.42
CA CYS B 455 20.98 -34.45 1.58
C CYS B 455 19.80 -35.26 2.01
N TYR B 456 18.84 -35.39 1.13
CA TYR B 456 17.70 -36.25 1.37
C TYR B 456 18.02 -37.61 2.04
N LEU B 457 19.05 -38.30 1.52
CA LEU B 457 19.52 -39.58 2.07
C LEU B 457 19.90 -39.36 3.50
N LEU B 458 20.85 -38.47 3.73
CA LEU B 458 21.28 -38.17 5.08
C LEU B 458 20.07 -37.98 6.04
N TYR B 459 19.07 -37.24 5.57
CA TYR B 459 17.89 -36.99 6.36
C TYR B 459 17.36 -38.34 6.86
N LYS B 460 16.81 -39.15 5.95
CA LYS B 460 16.33 -40.50 6.26
C LYS B 460 17.35 -41.30 7.08
N ASN B 461 18.35 -41.80 6.38
CA ASN B 461 19.36 -42.66 6.97
C ASN B 461 19.95 -42.19 8.30
N LEU B 462 20.47 -40.97 8.39
CA LEU B 462 20.98 -40.51 9.67
C LEU B 462 19.92 -39.84 10.57
N GLU B 463 18.65 -39.91 10.17
CA GLU B 463 17.55 -39.30 10.94
C GLU B 463 17.91 -37.91 11.46
N LEU B 464 18.06 -36.94 10.56
CA LEU B 464 18.54 -35.60 10.97
C LEU B 464 17.61 -34.79 11.87
N THR B 465 16.34 -35.19 11.84
CA THR B 465 15.32 -34.59 12.69
C THR B 465 15.75 -34.62 14.18
N ASN B 466 16.65 -35.53 14.58
CA ASN B 466 17.11 -35.56 15.98
C ASN B 466 18.20 -34.50 16.32
N TYR B 467 18.99 -34.12 15.32
CA TYR B 467 20.09 -33.18 15.51
C TYR B 467 19.81 -31.73 15.16
N LEU B 468 19.00 -31.49 14.12
CA LEU B 468 18.70 -30.12 13.72
C LEU B 468 17.20 -29.78 13.62
N GLU B 469 16.88 -28.49 13.75
CA GLU B 469 15.48 -28.07 13.69
C GLU B 469 15.00 -28.31 12.29
N ASP B 470 13.69 -28.36 12.11
CA ASP B 470 13.15 -28.62 10.79
C ASP B 470 13.54 -27.51 9.81
N ILE B 471 13.49 -26.28 10.26
CA ILE B 471 13.84 -25.20 9.35
C ILE B 471 15.29 -25.32 8.86
N GLU B 472 16.11 -26.11 9.54
CA GLU B 472 17.47 -26.22 9.07
C GLU B 472 17.50 -27.24 7.93
N ILE B 473 17.01 -28.44 8.20
CA ILE B 473 16.96 -29.47 7.19
C ILE B 473 16.30 -29.01 5.89
N PHE B 474 15.53 -27.93 5.99
CA PHE B 474 14.84 -27.35 4.84
C PHE B 474 15.87 -26.55 4.07
N ALA B 475 16.45 -25.56 4.74
CA ALA B 475 17.50 -24.69 4.19
C ALA B 475 18.72 -25.49 3.69
N LEU B 476 19.11 -26.52 4.43
CA LEU B 476 20.20 -27.34 3.97
C LEU B 476 19.84 -27.89 2.58
N PHE B 477 18.62 -28.40 2.42
CA PHE B 477 18.17 -28.99 1.15
C PHE B 477 17.97 -27.90 0.09
N ILE B 478 17.36 -26.80 0.50
CA ILE B 478 17.16 -25.77 -0.48
C ILE B 478 18.55 -25.31 -1.00
N SER B 479 19.54 -25.31 -0.11
CA SER B 479 20.87 -24.95 -0.52
C SER B 479 21.46 -25.94 -1.51
N CYS B 480 21.29 -27.23 -1.27
CA CYS B 480 21.86 -28.22 -2.17
C CYS B 480 21.36 -27.98 -3.56
N MET B 481 20.08 -27.64 -3.64
CA MET B 481 19.41 -27.41 -4.90
C MET B 481 20.00 -26.22 -5.64
N CYS B 482 20.47 -25.21 -4.90
CA CYS B 482 21.03 -23.97 -5.48
C CYS B 482 22.54 -23.69 -5.42
N HIS B 483 23.26 -24.32 -4.50
CA HIS B 483 24.69 -24.03 -4.32
C HIS B 483 25.59 -23.74 -5.54
N ASP B 484 25.29 -24.27 -6.72
CA ASP B 484 26.13 -24.01 -7.90
C ASP B 484 25.39 -23.32 -9.04
N LEU B 485 24.41 -22.50 -8.72
CA LEU B 485 23.59 -21.89 -9.75
C LEU B 485 24.36 -21.10 -10.78
N ASP B 486 23.90 -21.07 -12.02
CA ASP B 486 24.53 -20.22 -13.03
C ASP B 486 26.02 -20.44 -13.11
N HIS B 487 26.44 -21.65 -12.76
CA HIS B 487 27.86 -21.99 -12.84
C HIS B 487 28.21 -22.17 -14.31
N ARG B 488 29.47 -21.93 -14.68
CA ARG B 488 29.86 -22.06 -16.07
C ARG B 488 31.07 -22.99 -16.21
N GLY B 489 31.57 -23.46 -15.06
CA GLY B 489 32.70 -24.36 -14.99
C GLY B 489 33.97 -23.66 -14.55
N THR B 490 34.75 -24.34 -13.69
CA THR B 490 36.02 -23.81 -13.21
C THR B 490 37.17 -24.63 -13.77
N ASN B 491 38.40 -24.10 -13.61
CA ASN B 491 39.63 -24.73 -14.11
C ASN B 491 40.86 -23.90 -13.71
N LYS B 499 50.91 -29.29 -11.02
CA LYS B 499 51.07 -28.26 -10.01
C LYS B 499 49.75 -27.52 -9.65
N SER B 500 48.70 -28.29 -9.38
CA SER B 500 47.40 -27.73 -9.02
C SER B 500 46.72 -28.60 -7.96
N VAL B 501 45.60 -28.13 -7.43
CA VAL B 501 44.84 -28.86 -6.43
C VAL B 501 43.40 -28.94 -6.86
N LEU B 502 42.79 -30.08 -6.65
CA LEU B 502 41.40 -30.28 -7.01
C LEU B 502 40.47 -29.43 -6.16
N ALA B 503 40.85 -29.17 -4.92
CA ALA B 503 40.02 -28.40 -4.02
C ALA B 503 40.11 -26.96 -4.41
N ALA B 504 40.28 -26.70 -5.70
CA ALA B 504 40.32 -25.35 -6.22
C ALA B 504 39.17 -25.26 -7.22
N LEU B 505 38.59 -26.42 -7.52
CA LEU B 505 37.40 -26.52 -8.37
C LEU B 505 36.27 -26.86 -7.41
N TYR B 506 36.13 -28.17 -7.20
CA TYR B 506 35.21 -28.80 -6.22
C TYR B 506 35.51 -28.14 -4.93
N SER B 507 35.29 -26.82 -4.84
CA SER B 507 35.80 -26.16 -3.68
C SER B 507 35.60 -24.69 -3.49
N SER B 508 36.75 -24.01 -3.56
CA SER B 508 36.94 -22.63 -3.19
C SER B 508 37.05 -21.68 -4.35
N GLU B 509 37.18 -20.37 -4.02
CA GLU B 509 37.32 -19.24 -4.96
C GLU B 509 37.86 -17.85 -4.45
N GLY B 510 37.28 -17.33 -3.36
CA GLY B 510 37.55 -16.00 -2.80
C GLY B 510 36.16 -15.75 -2.27
N SER B 511 35.45 -16.89 -2.20
CA SER B 511 34.04 -17.05 -1.86
C SER B 511 33.14 -16.38 -2.91
N VAL B 512 33.79 -15.58 -3.75
CA VAL B 512 33.18 -14.82 -4.83
C VAL B 512 32.14 -15.59 -5.58
N MET B 513 32.42 -16.86 -5.85
CA MET B 513 31.47 -17.62 -6.63
C MET B 513 30.32 -18.14 -5.80
N GLU B 514 30.63 -18.59 -4.59
CA GLU B 514 29.61 -19.06 -3.66
C GLU B 514 28.59 -17.94 -3.37
N ARG B 515 29.10 -16.72 -3.21
CA ARG B 515 28.26 -15.52 -3.05
C ARG B 515 27.38 -15.32 -4.32
N HIS B 516 27.87 -15.75 -5.47
CA HIS B 516 27.09 -15.62 -6.70
C HIS B 516 25.87 -16.53 -6.70
N HIS B 517 26.13 -17.82 -6.54
CA HIS B 517 25.10 -18.82 -6.46
C HIS B 517 24.01 -18.41 -5.45
N PHE B 518 24.42 -18.00 -4.24
CA PHE B 518 23.48 -17.56 -3.23
C PHE B 518 22.68 -16.43 -3.82
N ALA B 519 23.40 -15.47 -4.40
CA ALA B 519 22.79 -14.29 -5.00
C ALA B 519 21.81 -14.63 -6.12
N GLN B 520 22.12 -15.66 -6.90
CA GLN B 520 21.24 -16.13 -7.95
C GLN B 520 19.96 -16.78 -7.42
N ALA B 521 20.08 -17.63 -6.40
CA ALA B 521 18.92 -18.26 -5.74
C ALA B 521 17.98 -17.17 -5.23
N ILE B 522 18.57 -16.08 -4.74
CA ILE B 522 17.77 -14.98 -4.28
C ILE B 522 17.01 -14.38 -5.43
N ALA B 523 17.64 -14.17 -6.55
CA ALA B 523 16.89 -13.58 -7.63
C ALA B 523 15.68 -14.45 -7.91
N ILE B 524 15.78 -15.75 -7.67
CA ILE B 524 14.67 -16.62 -7.99
C ILE B 524 13.58 -16.43 -6.99
N LEU B 525 13.97 -16.37 -5.73
CA LEU B 525 12.98 -16.20 -4.69
C LEU B 525 12.36 -14.87 -4.98
N ASN B 526 13.12 -13.95 -5.56
CA ASN B 526 12.57 -12.63 -5.85
C ASN B 526 11.78 -12.58 -7.16
N THR B 527 11.61 -13.73 -7.79
CA THR B 527 10.81 -13.79 -8.99
C THR B 527 9.37 -14.13 -8.60
N HIS B 528 8.41 -13.50 -9.28
CA HIS B 528 6.98 -13.73 -9.06
C HIS B 528 6.52 -15.20 -8.95
N GLY B 529 5.83 -15.55 -7.86
CA GLY B 529 5.28 -16.88 -7.67
C GLY B 529 6.35 -17.97 -7.56
N CYS B 530 7.53 -17.56 -7.12
CA CYS B 530 8.63 -18.50 -6.95
C CYS B 530 9.04 -18.53 -5.52
N ASN B 531 8.75 -17.43 -4.82
CA ASN B 531 9.10 -17.37 -3.40
C ASN B 531 8.29 -18.39 -2.61
N ILE B 532 8.91 -19.52 -2.32
CA ILE B 532 8.26 -20.59 -1.57
C ILE B 532 8.23 -20.29 -0.07
N PHE B 533 8.97 -19.26 0.31
CA PHE B 533 9.03 -18.83 1.69
C PHE B 533 8.08 -17.65 1.85
N ASP B 534 6.96 -17.74 1.16
CA ASP B 534 5.94 -16.72 1.16
C ASP B 534 5.36 -16.37 2.53
N HIS B 535 4.84 -17.37 3.22
CA HIS B 535 4.19 -17.13 4.49
C HIS B 535 4.98 -17.18 5.82
N PHE B 536 6.27 -17.47 5.76
CA PHE B 536 7.12 -17.48 6.95
C PHE B 536 7.06 -16.11 7.63
N SER B 537 6.98 -16.10 8.95
CA SER B 537 6.98 -14.83 9.68
C SER B 537 8.28 -14.20 9.32
N ARG B 538 8.36 -12.87 9.27
CA ARG B 538 9.60 -12.17 8.93
C ARG B 538 10.77 -12.81 9.67
N LYS B 539 10.49 -13.31 10.88
CA LYS B 539 11.48 -13.98 11.70
C LYS B 539 12.08 -15.17 10.94
N ASP B 540 11.22 -16.14 10.61
CA ASP B 540 11.63 -17.34 9.87
C ASP B 540 12.34 -16.89 8.58
N TYR B 541 11.59 -16.19 7.72
CA TYR B 541 12.10 -15.71 6.42
C TYR B 541 13.51 -15.19 6.53
N GLN B 542 13.82 -14.30 7.46
CA GLN B 542 15.20 -13.81 7.56
C GLN B 542 16.09 -15.00 7.77
N ARG B 543 15.97 -15.65 8.93
CA ARG B 543 16.80 -16.82 9.20
C ARG B 543 16.86 -17.84 8.06
N MET B 544 15.79 -17.88 7.26
CA MET B 544 15.78 -18.76 6.11
C MET B 544 16.79 -18.26 5.03
N LEU B 545 17.11 -16.97 5.13
CA LEU B 545 18.03 -16.36 4.20
C LEU B 545 19.42 -16.50 4.69
N ASP B 546 19.59 -16.35 5.99
CA ASP B 546 20.91 -16.41 6.58
C ASP B 546 21.40 -17.83 6.43
N LEU B 547 20.56 -18.77 6.88
CA LEU B 547 20.82 -20.19 6.75
C LEU B 547 21.36 -20.52 5.34
N MET B 548 20.60 -20.16 4.31
CA MET B 548 20.99 -20.41 2.93
C MET B 548 22.27 -19.65 2.63
N ARG B 549 22.39 -18.39 3.03
CA ARG B 549 23.66 -17.68 2.77
C ARG B 549 24.87 -18.39 3.40
N ASP B 550 24.73 -18.85 4.64
CA ASP B 550 25.84 -19.55 5.30
C ASP B 550 26.16 -20.86 4.59
N ILE B 551 25.15 -21.72 4.51
CA ILE B 551 25.34 -23.02 3.90
C ILE B 551 26.00 -22.98 2.52
N ILE B 552 25.52 -22.12 1.62
CA ILE B 552 26.08 -22.03 0.28
C ILE B 552 27.51 -21.52 0.27
N LEU B 553 27.80 -20.51 1.12
CA LEU B 553 29.17 -19.96 1.26
C LEU B 553 29.98 -21.01 2.06
N ALA B 554 29.25 -21.99 2.60
CA ALA B 554 29.87 -23.09 3.31
C ALA B 554 30.46 -24.04 2.27
N THR B 555 29.89 -24.03 1.06
CA THR B 555 30.39 -24.86 -0.07
C THR B 555 31.75 -24.40 -0.66
N ASP B 556 32.43 -23.55 0.08
CA ASP B 556 33.73 -23.08 -0.32
C ASP B 556 34.73 -23.92 0.46
N LEU B 557 35.37 -24.86 -0.23
CA LEU B 557 36.39 -25.69 0.40
C LEU B 557 37.39 -24.88 1.29
N ALA B 558 37.74 -23.69 0.83
CA ALA B 558 38.62 -22.82 1.62
C ALA B 558 37.93 -22.51 2.95
N HIS B 559 36.61 -22.38 2.95
CA HIS B 559 35.90 -22.17 4.18
C HIS B 559 35.94 -23.44 5.06
N HIS B 560 35.55 -24.58 4.50
CA HIS B 560 35.62 -25.85 5.23
C HIS B 560 36.95 -26.00 5.96
N LEU B 561 38.06 -25.92 5.22
CA LEU B 561 39.37 -26.05 5.84
C LEU B 561 39.49 -25.18 7.11
N ARG B 562 39.09 -23.92 6.99
CA ARG B 562 39.08 -22.96 8.11
C ARG B 562 38.37 -23.44 9.39
N ILE B 563 37.15 -23.95 9.26
CA ILE B 563 36.43 -24.44 10.43
C ILE B 563 36.82 -25.86 10.85
N PHE B 564 37.50 -26.60 9.98
CA PHE B 564 37.84 -28.00 10.24
C PHE B 564 38.29 -28.36 11.66
N LYS B 565 39.14 -27.53 12.26
CA LYS B 565 39.61 -27.73 13.64
C LYS B 565 38.47 -27.56 14.67
N ASP B 566 37.41 -26.86 14.26
CA ASP B 566 36.22 -26.67 15.09
C ASP B 566 35.31 -27.87 14.89
N LEU B 567 35.40 -28.43 13.69
CA LEU B 567 34.57 -29.58 13.37
C LEU B 567 35.12 -30.80 14.08
N GLN B 568 36.32 -30.70 14.63
CA GLN B 568 36.87 -31.84 15.34
C GLN B 568 36.47 -31.90 16.80
N LYS B 569 36.80 -30.86 17.55
CA LYS B 569 36.43 -30.80 18.97
C LYS B 569 34.96 -31.21 19.17
N MET B 570 34.09 -30.74 18.27
CA MET B 570 32.68 -31.07 18.33
C MET B 570 32.53 -32.57 18.18
N ALA B 571 33.32 -33.16 17.27
CA ALA B 571 33.27 -34.61 17.05
C ALA B 571 33.82 -35.30 18.31
N GLU B 572 34.87 -34.71 18.86
CA GLU B 572 35.55 -35.17 20.08
C GLU B 572 34.63 -35.08 21.32
N VAL B 573 34.00 -33.92 21.50
CA VAL B 573 33.08 -33.66 22.61
C VAL B 573 31.59 -33.65 22.18
N GLY B 574 31.10 -34.84 21.83
CA GLY B 574 29.72 -35.04 21.43
C GLY B 574 29.16 -34.28 20.24
N TYR B 575 28.27 -33.34 20.53
CA TYR B 575 27.56 -32.52 19.54
C TYR B 575 26.30 -32.04 20.24
N ASP B 576 26.35 -30.84 20.80
CA ASP B 576 25.21 -30.30 21.55
C ASP B 576 23.99 -29.92 20.67
N ARG B 577 22.85 -30.53 20.92
CA ARG B 577 21.67 -30.19 20.16
C ARG B 577 21.24 -28.82 20.67
N ASN B 578 21.74 -28.46 21.85
CA ASN B 578 21.36 -27.17 22.42
C ASN B 578 22.34 -26.12 21.96
N ASN B 579 23.55 -26.58 21.63
CA ASN B 579 24.60 -25.70 21.14
C ASN B 579 24.18 -25.11 19.82
N LYS B 580 24.00 -23.79 19.83
CA LYS B 580 23.68 -23.07 18.61
C LYS B 580 24.91 -23.13 17.68
N GLN B 581 26.10 -23.04 18.28
CA GLN B 581 27.33 -23.12 17.51
C GLN B 581 27.48 -24.50 16.84
N HIS B 582 27.21 -25.57 17.58
CA HIS B 582 27.33 -26.92 17.05
C HIS B 582 26.41 -27.19 15.87
N HIS B 583 25.30 -26.44 15.79
CA HIS B 583 24.32 -26.61 14.70
C HIS B 583 24.95 -26.11 13.40
N ARG B 584 25.71 -25.03 13.53
CA ARG B 584 26.42 -24.38 12.42
C ARG B 584 27.48 -25.22 11.80
N LEU B 585 28.25 -25.92 12.60
CA LEU B 585 29.29 -26.72 12.03
C LEU B 585 28.72 -28.02 11.53
N LEU B 586 27.56 -28.37 12.06
CA LEU B 586 26.96 -29.60 11.57
C LEU B 586 26.45 -29.30 10.17
N LEU B 587 25.81 -28.14 10.03
CA LEU B 587 25.18 -27.80 8.77
C LEU B 587 26.23 -27.58 7.72
N CYS B 588 27.34 -26.96 8.11
CA CYS B 588 28.44 -26.83 7.17
C CYS B 588 28.78 -28.26 6.78
N LEU B 589 29.19 -29.05 7.78
CA LEU B 589 29.61 -30.43 7.53
C LEU B 589 28.72 -31.27 6.60
N LEU B 590 27.43 -31.25 6.87
CA LEU B 590 26.54 -32.00 6.03
C LEU B 590 26.60 -31.48 4.59
N MET B 591 26.54 -30.16 4.44
CA MET B 591 26.64 -29.55 3.11
C MET B 591 27.86 -30.10 2.39
N THR B 592 29.03 -29.87 2.97
CA THR B 592 30.26 -30.35 2.34
C THR B 592 30.15 -31.81 1.91
N SER B 593 29.61 -32.63 2.82
CA SER B 593 29.45 -34.07 2.61
C SER B 593 28.52 -34.47 1.47
N CYS B 594 27.50 -33.66 1.22
CA CYS B 594 26.53 -33.87 0.14
C CYS B 594 27.24 -33.51 -1.18
N ASP B 595 27.96 -32.40 -1.13
CA ASP B 595 28.69 -31.77 -2.23
C ASP B 595 29.72 -32.73 -2.85
N LEU B 596 30.48 -33.45 -2.04
CA LEU B 596 31.45 -34.44 -2.59
C LEU B 596 30.89 -35.87 -2.43
N SER B 597 29.60 -35.94 -2.15
CA SER B 597 28.91 -37.19 -1.96
C SER B 597 29.15 -38.24 -3.01
N ASP B 598 29.86 -37.87 -4.09
CA ASP B 598 30.15 -38.81 -5.18
C ASP B 598 31.31 -39.75 -4.86
N GLN B 599 31.98 -39.45 -3.76
CA GLN B 599 33.12 -40.20 -3.27
C GLN B 599 32.64 -41.47 -2.62
N THR B 600 31.39 -41.46 -2.17
CA THR B 600 30.81 -42.59 -1.49
C THR B 600 30.14 -43.60 -2.41
N LYS B 601 30.13 -43.35 -3.72
CA LYS B 601 29.44 -44.24 -4.67
C LYS B 601 30.32 -45.43 -5.07
N GLY B 602 29.79 -46.28 -5.95
CA GLY B 602 30.50 -47.48 -6.42
C GLY B 602 31.70 -47.07 -7.22
N TRP B 603 32.72 -47.93 -7.32
CA TRP B 603 33.93 -47.54 -8.06
C TRP B 603 33.66 -47.07 -9.47
N LYS B 604 32.84 -47.83 -10.18
CA LYS B 604 32.53 -47.51 -11.56
C LYS B 604 31.73 -46.22 -11.75
N THR B 605 31.05 -45.82 -10.68
CA THR B 605 30.24 -44.62 -10.64
C THR B 605 31.14 -43.43 -10.33
N THR B 606 31.94 -43.54 -9.29
CA THR B 606 32.85 -42.46 -9.01
C THR B 606 33.78 -42.31 -10.25
N ARG B 607 34.24 -43.43 -10.82
CA ARG B 607 35.07 -43.40 -12.02
C ARG B 607 34.45 -42.54 -13.12
N LYS B 608 33.14 -42.70 -13.32
CA LYS B 608 32.44 -42.02 -14.37
C LYS B 608 32.30 -40.54 -14.07
N ILE B 609 32.08 -40.21 -12.81
CA ILE B 609 31.93 -38.81 -12.45
C ILE B 609 33.27 -38.11 -12.48
N ALA B 610 34.31 -38.73 -11.94
CA ALA B 610 35.63 -38.14 -11.96
C ALA B 610 35.97 -37.64 -13.38
N GLU B 611 35.39 -38.30 -14.38
CA GLU B 611 35.65 -37.92 -15.75
C GLU B 611 35.19 -36.48 -15.95
N LEU B 612 33.96 -36.23 -15.50
CA LEU B 612 33.33 -34.94 -15.62
C LEU B 612 34.05 -33.88 -14.81
N ILE B 613 34.44 -34.21 -13.59
CA ILE B 613 35.19 -33.28 -12.73
C ILE B 613 36.48 -32.84 -13.44
N TYR B 614 37.20 -33.81 -13.97
CA TYR B 614 38.44 -33.54 -14.63
C TYR B 614 38.26 -33.00 -16.04
N LYS B 615 37.21 -33.42 -16.74
CA LYS B 615 36.99 -32.83 -18.06
C LYS B 615 36.87 -31.31 -17.88
N GLU B 616 36.16 -30.93 -16.81
CA GLU B 616 35.97 -29.54 -16.48
C GLU B 616 37.29 -28.93 -16.02
N PHE B 617 37.68 -29.26 -14.81
CA PHE B 617 38.92 -28.79 -14.23
C PHE B 617 40.07 -28.49 -15.17
N PHE B 618 40.03 -28.95 -16.43
CA PHE B 618 41.18 -28.80 -17.32
C PHE B 618 40.93 -28.07 -18.65
N SER B 619 40.47 -26.80 -18.63
CA SER B 619 40.16 -26.16 -19.92
C SER B 619 39.79 -24.66 -20.03
N GLN B 620 39.88 -24.09 -21.23
CA GLN B 620 39.25 -22.79 -21.56
C GLN B 620 39.57 -21.47 -20.79
N GLY B 621 38.84 -20.39 -21.13
CA GLY B 621 38.81 -19.06 -20.50
C GLY B 621 39.05 -17.74 -21.26
N ASP B 622 40.21 -17.18 -20.97
CA ASP B 622 40.73 -15.96 -21.53
C ASP B 622 42.06 -16.43 -22.14
N LEU B 623 42.36 -17.71 -21.88
CA LEU B 623 43.52 -18.41 -22.41
C LEU B 623 43.16 -18.48 -23.86
N GLU B 624 41.86 -18.59 -24.11
CA GLU B 624 41.35 -18.70 -25.45
C GLU B 624 41.90 -17.59 -26.31
N LYS B 625 42.31 -16.52 -25.64
CA LYS B 625 42.98 -15.39 -26.30
C LYS B 625 44.44 -15.80 -26.55
N ALA B 626 44.60 -16.75 -27.48
CA ALA B 626 45.87 -17.40 -27.89
C ALA B 626 46.12 -18.87 -27.47
N MET B 635 48.04 -32.63 -22.18
CA MET B 635 46.84 -32.90 -21.37
C MET B 635 46.73 -34.38 -21.07
N ASP B 636 47.12 -35.18 -22.05
CA ASP B 636 47.11 -36.63 -21.90
C ASP B 636 48.36 -36.95 -21.05
N ARG B 637 49.38 -36.12 -21.23
CA ARG B 637 50.65 -36.23 -20.54
C ARG B 637 50.49 -35.35 -19.32
N GLU B 638 49.24 -34.95 -19.10
CA GLU B 638 48.85 -34.10 -17.98
C GLU B 638 47.47 -34.52 -17.45
N LYS B 639 47.09 -35.74 -17.81
CA LYS B 639 45.89 -36.37 -17.33
C LYS B 639 46.48 -37.55 -16.57
N ALA B 640 47.81 -37.66 -16.64
CA ALA B 640 48.56 -38.70 -15.94
C ALA B 640 48.55 -38.36 -14.45
N TYR B 641 48.19 -37.13 -14.14
CA TYR B 641 48.14 -36.64 -12.78
C TYR B 641 46.79 -36.84 -12.17
N ILE B 642 45.81 -37.17 -13.00
CA ILE B 642 44.45 -37.38 -12.52
C ILE B 642 44.44 -38.31 -11.31
N PRO B 643 45.44 -39.21 -11.23
CA PRO B 643 45.46 -40.13 -10.08
C PRO B 643 45.99 -39.47 -8.82
N GLU B 644 47.21 -38.95 -8.88
CA GLU B 644 47.78 -38.25 -7.71
C GLU B 644 46.89 -37.10 -7.23
N LEU B 645 46.43 -36.31 -8.18
CA LEU B 645 45.54 -35.22 -7.86
C LEU B 645 44.36 -35.83 -7.11
N GLN B 646 43.79 -36.91 -7.66
CA GLN B 646 42.61 -37.53 -7.04
C GLN B 646 42.97 -38.12 -5.72
N ILE B 647 44.00 -38.96 -5.73
CA ILE B 647 44.45 -39.58 -4.49
C ILE B 647 44.64 -38.47 -3.43
N SER B 648 45.44 -37.46 -3.73
CA SER B 648 45.69 -36.37 -2.81
C SER B 648 44.43 -35.69 -2.29
N PHE B 649 43.43 -35.52 -3.16
CA PHE B 649 42.18 -34.85 -2.77
C PHE B 649 41.54 -35.64 -1.67
N MET B 650 41.19 -36.88 -1.99
CA MET B 650 40.58 -37.79 -1.04
C MET B 650 41.31 -37.80 0.31
N GLU B 651 42.58 -38.20 0.28
CA GLU B 651 43.43 -38.31 1.49
C GLU B 651 43.43 -37.05 2.37
N HIS B 652 43.56 -35.90 1.71
CA HIS B 652 43.63 -34.56 2.32
C HIS B 652 42.37 -33.79 2.56
N ILE B 653 41.33 -34.06 1.78
CA ILE B 653 40.09 -33.32 1.92
C ILE B 653 38.92 -34.24 2.17
N ALA B 654 38.63 -35.06 1.16
CA ALA B 654 37.47 -35.95 1.17
C ALA B 654 37.28 -36.97 2.27
N MET B 655 38.37 -37.60 2.68
CA MET B 655 38.28 -38.63 3.71
C MET B 655 38.13 -38.04 5.09
N PRO B 656 38.95 -37.04 5.41
CA PRO B 656 38.84 -36.35 6.70
C PRO B 656 37.40 -35.86 6.97
N ILE B 657 36.58 -35.84 5.93
CA ILE B 657 35.20 -35.40 6.06
C ILE B 657 34.33 -36.59 6.41
N TYR B 658 34.37 -37.61 5.58
CA TYR B 658 33.57 -38.81 5.84
C TYR B 658 34.00 -39.51 7.13
N LYS B 659 35.22 -39.19 7.58
CA LYS B 659 35.72 -39.67 8.87
C LYS B 659 34.87 -38.99 9.95
N LEU B 660 34.82 -37.66 9.91
CA LEU B 660 34.01 -36.88 10.82
C LEU B 660 32.55 -37.31 10.81
N LEU B 661 31.98 -37.43 9.61
CA LEU B 661 30.58 -37.78 9.51
C LEU B 661 30.26 -39.06 10.25
N GLN B 662 31.21 -39.97 10.28
CA GLN B 662 30.99 -41.25 10.94
C GLN B 662 31.47 -41.18 12.38
N ASP B 663 32.00 -40.02 12.74
CA ASP B 663 32.49 -39.76 14.08
C ASP B 663 31.39 -39.06 14.82
N LEU B 664 30.27 -38.84 14.14
CA LEU B 664 29.11 -38.20 14.74
C LEU B 664 27.92 -39.08 14.45
N PHE B 665 27.94 -39.63 13.25
CA PHE B 665 26.86 -40.51 12.83
C PHE B 665 27.50 -41.84 12.50
N PRO B 666 27.20 -42.83 13.34
CA PRO B 666 27.83 -44.12 13.11
C PRO B 666 27.08 -44.82 11.99
N LYS B 667 25.88 -44.35 11.71
CA LYS B 667 25.10 -44.93 10.61
C LYS B 667 25.81 -44.53 9.32
N ALA B 668 26.68 -43.51 9.44
CA ALA B 668 27.43 -42.93 8.33
C ALA B 668 28.78 -43.59 8.04
N ALA B 669 28.99 -44.77 8.59
CA ALA B 669 30.27 -45.44 8.41
C ALA B 669 30.39 -46.08 7.03
N GLU B 670 29.28 -46.56 6.53
CA GLU B 670 29.28 -47.19 5.23
C GLU B 670 29.86 -46.24 4.15
N LEU B 671 29.68 -44.93 4.35
CA LEU B 671 30.18 -43.94 3.41
C LEU B 671 31.69 -43.82 3.54
N TYR B 672 32.18 -43.70 4.79
CA TYR B 672 33.62 -43.61 4.99
C TYR B 672 34.33 -44.76 4.29
N GLU B 673 34.07 -45.98 4.75
CA GLU B 673 34.71 -47.15 4.17
C GLU B 673 34.66 -47.25 2.65
N ARG B 674 33.62 -46.64 2.08
CA ARG B 674 33.41 -46.58 0.63
C ARG B 674 34.41 -45.60 0.06
N VAL B 675 34.67 -44.55 0.81
CA VAL B 675 35.59 -43.53 0.37
C VAL B 675 36.98 -44.10 0.53
N ALA B 676 37.23 -44.71 1.68
CA ALA B 676 38.54 -45.31 1.96
C ALA B 676 38.90 -46.43 0.98
N SER B 677 37.86 -47.05 0.42
CA SER B 677 38.03 -48.12 -0.55
C SER B 677 38.42 -47.57 -1.93
N ASN B 678 37.54 -46.74 -2.47
CA ASN B 678 37.72 -46.06 -3.74
C ASN B 678 39.11 -45.44 -3.73
N ARG B 679 39.55 -45.05 -2.55
CA ARG B 679 40.85 -44.47 -2.42
C ARG B 679 41.85 -45.50 -2.90
N GLU B 680 41.65 -46.74 -2.46
CA GLU B 680 42.57 -47.80 -2.83
C GLU B 680 42.54 -48.24 -4.29
N HIS B 681 41.37 -48.14 -4.94
CA HIS B 681 41.24 -48.44 -6.37
C HIS B 681 42.10 -47.42 -7.09
N TRP B 682 41.97 -46.17 -6.67
CA TRP B 682 42.69 -45.02 -7.24
C TRP B 682 44.17 -45.26 -7.03
N THR B 683 44.49 -45.85 -5.89
CA THR B 683 45.87 -46.15 -5.53
C THR B 683 46.49 -47.08 -6.56
N LYS B 684 45.70 -48.06 -7.02
CA LYS B 684 46.17 -48.98 -8.01
C LYS B 684 46.35 -48.26 -9.34
N VAL B 685 45.37 -47.46 -9.73
CA VAL B 685 45.47 -46.77 -11.01
C VAL B 685 46.68 -45.88 -11.04
N SER B 686 47.29 -45.70 -9.89
CA SER B 686 48.47 -44.86 -9.77
C SER B 686 49.78 -45.64 -9.95
N HIS B 687 49.70 -46.97 -9.79
CA HIS B 687 50.88 -47.83 -9.89
C HIS B 687 51.41 -47.80 -11.29
N LEU B 688 50.48 -47.61 -12.21
CA LEU B 688 50.78 -47.55 -13.63
C LEU B 688 51.51 -46.25 -13.93
N VAL B 689 51.65 -45.41 -12.90
CA VAL B 689 52.37 -44.17 -13.06
C VAL B 689 53.81 -44.29 -12.66
N PRO B 690 54.68 -43.87 -13.57
CA PRO B 690 56.10 -43.69 -13.81
C PRO B 690 56.70 -43.01 -12.60
N ARG B 691 58.02 -43.01 -12.49
CA ARG B 691 58.65 -42.43 -11.32
C ARG B 691 60.11 -42.11 -11.55
#